data_4N8G
#
_entry.id   4N8G
#
_cell.length_a   65.536
_cell.length_b   67.964
_cell.length_c   276.012
_cell.angle_alpha   90.00
_cell.angle_beta   90.00
_cell.angle_gamma   90.00
#
_symmetry.space_group_name_H-M   'P 21 21 21'
#
loop_
_entity.id
_entity.type
_entity.pdbx_description
1 polymer 'TRAP dicarboxylate transporter, DctP subunit'
2 non-polymer 'CHLORIDE ION'
3 non-polymer D-ALANINE
4 non-polymer 'SULFATE ION'
5 water water
#
_entity_poly.entity_id   1
_entity_poly.type   'polypeptide(L)'
_entity_poly.pdbx_seq_one_letter_code
;(MSE)RILTPRNVLLAAVTTG(MSE)(MSE)ATVSLANAATTLNLSYNGPPDTDKNAVHLFASNLKRLVEEKTDGDIQLK
LYPNS(MSE)LGEEQER(MSE)EQVINTPSLNIASFAGLSPIVPEIYVSAIPFLFEDYEAAHQFFDEGDYWNKVEDTLEE
RTGAELLGVIEEGGFLDFTNSKRPISSPEDFEGLRFRA(MSE)DPSQVALYEAFGASGTPIPWTDTY(MSE)ALKTNVAD
GQ(MSE)NPP(MSE)YII(MSE)GSLYEVQKYLTLANVQYSDQFLIANGEWYDDLSEENRQAIEAAVQEASELNREDVEK
RVDERIQFLADQG(MSE)EVIEPTEDELAAFREKGQPAYIEWLTDEQGIDRAWIE(MSE)ALEDAGQSDLLANAENLYFQ
;
_entity_poly.pdbx_strand_id   A,B,C,D
#
loop_
_chem_comp.id
_chem_comp.type
_chem_comp.name
_chem_comp.formula
CL non-polymer 'CHLORIDE ION' 'Cl -1'
SO4 non-polymer 'SULFATE ION' 'O4 S -2'
#
# COMPACT_ATOMS: atom_id res chain seq x y z
N ALA A 28 -31.80 7.07 11.56
CA ALA A 28 -31.40 6.39 10.34
C ALA A 28 -30.33 7.18 9.60
N THR A 29 -29.58 6.48 8.76
CA THR A 29 -28.52 7.08 7.95
C THR A 29 -28.93 7.02 6.49
N THR A 30 -28.87 8.16 5.80
CA THR A 30 -29.16 8.17 4.38
C THR A 30 -27.88 8.35 3.59
N LEU A 31 -27.66 7.48 2.60
CA LEU A 31 -26.50 7.56 1.73
C LEU A 31 -26.91 7.84 0.31
N ASN A 32 -26.15 8.70 -0.37
CA ASN A 32 -26.33 8.89 -1.79
C ASN A 32 -25.89 7.61 -2.52
N LEU A 33 -26.61 7.29 -3.58
CA LEU A 33 -26.24 6.25 -4.53
C LEU A 33 -26.23 6.81 -5.96
N SER A 34 -25.03 7.04 -6.50
CA SER A 34 -24.89 7.60 -7.83
C SER A 34 -24.71 6.53 -8.88
N TYR A 35 -25.25 6.78 -10.06
CA TYR A 35 -25.11 5.86 -11.19
C TYR A 35 -25.45 6.57 -12.49
N ASN A 36 -25.08 5.92 -13.60
CA ASN A 36 -25.34 6.45 -14.92
C ASN A 36 -26.73 6.15 -15.47
N GLY A 37 -27.21 7.03 -16.34
CA GLY A 37 -28.43 6.79 -17.10
C GLY A 37 -29.68 7.28 -16.40
N PRO A 38 -30.77 7.36 -17.15
CA PRO A 38 -32.01 7.93 -16.63
C PRO A 38 -32.72 7.02 -15.64
N PRO A 39 -33.60 7.61 -14.80
CA PRO A 39 -34.35 6.87 -13.79
C PRO A 39 -35.59 6.22 -14.44
N ASP A 40 -35.33 5.32 -15.38
CA ASP A 40 -36.35 4.65 -16.19
C ASP A 40 -35.99 3.17 -16.19
N THR A 41 -36.78 2.38 -15.48
CA THR A 41 -36.45 0.97 -15.29
C THR A 41 -36.40 0.21 -16.61
N ASP A 42 -37.33 0.49 -17.51
CA ASP A 42 -37.38 -0.19 -18.80
C ASP A 42 -36.13 0.03 -19.64
N LYS A 43 -35.57 1.23 -19.55
CA LYS A 43 -34.47 1.64 -20.42
C LYS A 43 -33.10 1.63 -19.74
N ASN A 44 -33.06 1.38 -18.44
CA ASN A 44 -31.81 1.49 -17.69
C ASN A 44 -31.68 0.37 -16.64
N ALA A 45 -30.95 -0.67 -17.00
CA ALA A 45 -30.76 -1.81 -16.10
C ALA A 45 -29.99 -1.43 -14.85
N VAL A 46 -29.24 -0.33 -14.89
CA VAL A 46 -28.54 0.14 -13.70
C VAL A 46 -29.56 0.79 -12.74
N HIS A 47 -30.55 1.50 -13.28
CA HIS A 47 -31.62 2.03 -12.47
C HIS A 47 -32.46 0.89 -11.84
N LEU A 48 -32.67 -0.19 -12.58
CA LEU A 48 -33.37 -1.36 -12.05
C LEU A 48 -32.60 -1.85 -10.83
N PHE A 49 -31.29 -2.03 -10.96
CA PHE A 49 -30.46 -2.47 -9.85
C PHE A 49 -30.52 -1.49 -8.68
N ALA A 50 -30.32 -0.21 -8.96
CA ALA A 50 -30.32 0.79 -7.89
C ALA A 50 -31.64 0.82 -7.14
N SER A 51 -32.74 0.74 -7.87
CA SER A 51 -34.06 0.76 -7.28
C SER A 51 -34.30 -0.48 -6.43
N ASN A 52 -33.94 -1.65 -6.95
CA ASN A 52 -34.08 -2.87 -6.20
C ASN A 52 -33.17 -2.85 -4.98
N LEU A 53 -31.95 -2.33 -5.13
CA LEU A 53 -31.04 -2.26 -3.99
C LEU A 53 -31.61 -1.35 -2.90
N LYS A 54 -32.12 -0.19 -3.29
CA LYS A 54 -32.74 0.72 -2.32
C LYS A 54 -33.84 0.01 -1.53
N ARG A 55 -34.72 -0.69 -2.23
CA ARG A 55 -35.83 -1.39 -1.58
C ARG A 55 -35.30 -2.43 -0.60
N LEU A 56 -34.31 -3.21 -1.04
CA LEU A 56 -33.83 -4.35 -0.26
C LEU A 56 -33.01 -3.89 0.95
N VAL A 57 -32.18 -2.86 0.76
CA VAL A 57 -31.38 -2.32 1.86
C VAL A 57 -32.27 -1.75 2.94
N GLU A 58 -33.27 -0.96 2.54
CA GLU A 58 -34.17 -0.35 3.50
C GLU A 58 -34.97 -1.41 4.25
N GLU A 59 -35.43 -2.45 3.57
CA GLU A 59 -36.17 -3.55 4.21
C GLU A 59 -35.30 -4.29 5.18
N LYS A 60 -34.14 -4.73 4.72
CA LYS A 60 -33.36 -5.68 5.49
C LYS A 60 -32.69 -5.02 6.69
N THR A 61 -32.48 -3.70 6.62
CA THR A 61 -31.94 -2.96 7.76
C THR A 61 -33.07 -2.35 8.59
N ASP A 62 -34.32 -2.71 8.32
CA ASP A 62 -35.47 -2.21 9.09
C ASP A 62 -35.46 -0.69 9.12
N GLY A 63 -35.08 -0.11 7.99
CA GLY A 63 -35.10 1.33 7.79
C GLY A 63 -33.91 2.08 8.35
N ASP A 64 -32.97 1.36 8.94
CA ASP A 64 -31.81 2.03 9.54
C ASP A 64 -30.90 2.67 8.50
N ILE A 65 -30.87 2.09 7.31
CA ILE A 65 -30.08 2.62 6.20
C ILE A 65 -31.03 2.91 5.04
N GLN A 66 -30.99 4.15 4.57
CA GLN A 66 -31.80 4.62 3.45
C GLN A 66 -30.88 5.06 2.33
N LEU A 67 -31.26 4.81 1.09
CA LEU A 67 -30.48 5.24 -0.07
C LEU A 67 -31.26 6.33 -0.82
N LYS A 68 -30.56 7.36 -1.27
CA LYS A 68 -31.15 8.38 -2.13
C LYS A 68 -30.48 8.28 -3.48
N LEU A 69 -31.28 8.12 -4.53
CA LEU A 69 -30.76 7.83 -5.86
C LEU A 69 -30.40 9.11 -6.59
N TYR A 70 -29.23 9.08 -7.23
CA TYR A 70 -28.74 10.17 -8.08
C TYR A 70 -28.37 9.62 -9.45
N PRO A 71 -29.37 9.52 -10.34
CA PRO A 71 -29.15 8.96 -11.67
C PRO A 71 -28.48 9.96 -12.62
N ASN A 72 -28.33 9.56 -13.88
CA ASN A 72 -27.86 10.46 -14.95
C ASN A 72 -26.46 10.98 -14.70
N SER A 73 -25.68 10.25 -13.92
CA SER A 73 -24.36 10.71 -13.51
C SER A 73 -24.40 12.16 -13.02
N MSE A 74 -25.48 12.54 -12.35
CA MSE A 74 -25.69 13.95 -12.06
C MSE A 74 -24.69 14.53 -11.07
O MSE A 74 -24.44 15.73 -11.09
CB MSE A 74 -27.12 14.22 -11.57
CG MSE A 74 -27.48 13.56 -10.29
SE MSE A 74 -29.43 13.47 -10.05
CE MSE A 74 -29.72 15.26 -9.39
H MSE A 74 -26.11 12.01 -12.07
HA MSE A 74 -25.59 14.44 -12.90
HB2 MSE A 74 -27.23 15.17 -11.45
HB3 MSE A 74 -27.74 13.91 -12.25
HG2 MSE A 74 -27.12 12.65 -10.29
HG3 MSE A 74 -27.10 14.06 -9.55
HE1 MSE A 74 -30.65 15.39 -9.22
HE2 MSE A 74 -29.21 15.39 -8.58
HE3 MSE A 74 -29.42 15.90 -10.05
N LEU A 75 -24.11 13.70 -10.23
CA LEU A 75 -23.12 14.20 -9.28
C LEU A 75 -21.70 14.22 -9.83
N GLY A 76 -21.51 13.67 -11.02
CA GLY A 76 -20.24 13.77 -11.71
C GLY A 76 -19.98 12.62 -12.65
N GLU A 77 -18.94 12.77 -13.48
CA GLU A 77 -18.51 11.70 -14.32
C GLU A 77 -17.66 10.71 -13.52
N GLU A 78 -17.11 9.72 -14.20
CA GLU A 78 -16.60 8.54 -13.51
C GLU A 78 -15.47 8.82 -12.52
N GLN A 79 -14.49 9.63 -12.88
CA GLN A 79 -13.39 9.90 -11.95
C GLN A 79 -13.89 10.59 -10.70
N GLU A 80 -14.69 11.64 -10.88
CA GLU A 80 -15.20 12.39 -9.75
C GLU A 80 -16.07 11.55 -8.82
N ARG A 81 -16.91 10.67 -9.37
CA ARG A 81 -17.75 9.83 -8.52
C ARG A 81 -16.90 8.82 -7.76
N MSE A 82 -15.79 8.34 -8.34
CA MSE A 82 -14.87 7.53 -7.54
C MSE A 82 -14.29 8.28 -6.36
O MSE A 82 -14.19 7.74 -5.25
CB MSE A 82 -13.77 6.93 -8.39
CG MSE A 82 -14.20 5.75 -9.25
SE MSE A 82 -14.99 4.21 -8.33
CE MSE A 82 -13.73 3.94 -6.93
H MSE A 82 -15.55 8.48 -9.16
HA MSE A 82 -15.38 6.77 -7.19
HB2 MSE A 82 -13.42 7.62 -8.98
HB3 MSE A 82 -13.05 6.62 -7.79
HG2 MSE A 82 -14.85 6.07 -9.88
HG3 MSE A 82 -13.42 5.42 -9.73
HE1 MSE A 82 -14.01 3.19 -6.40
HE2 MSE A 82 -12.87 3.76 -7.33
HE3 MSE A 82 -13.68 4.73 -6.39
N GLU A 83 -13.91 9.53 -6.58
CA GLU A 83 -13.41 10.36 -5.48
C GLU A 83 -14.47 10.53 -4.39
N GLN A 84 -15.70 10.75 -4.82
CA GLN A 84 -16.79 10.89 -3.89
C GLN A 84 -16.97 9.66 -3.03
N VAL A 85 -17.02 8.47 -3.62
CA VAL A 85 -17.28 7.27 -2.83
C VAL A 85 -16.09 6.90 -1.96
N ILE A 86 -14.89 7.20 -2.42
CA ILE A 86 -13.70 6.92 -1.63
C ILE A 86 -13.69 7.78 -0.36
N ASN A 87 -14.16 9.02 -0.46
CA ASN A 87 -13.93 10.01 0.59
C ASN A 87 -15.13 10.49 1.38
N THR A 88 -16.33 10.07 1.00
CA THR A 88 -17.55 10.51 1.68
C THR A 88 -18.49 9.31 1.83
N PRO A 89 -19.31 9.32 2.89
CA PRO A 89 -20.21 8.19 3.17
C PRO A 89 -21.33 8.17 2.15
N SER A 90 -21.18 7.29 1.17
CA SER A 90 -22.01 7.25 -0.02
C SER A 90 -21.72 5.94 -0.73
N LEU A 91 -22.49 5.65 -1.78
CA LEU A 91 -22.31 4.52 -2.66
C LEU A 91 -22.21 5.00 -4.10
N ASN A 92 -21.55 4.24 -4.94
CA ASN A 92 -21.40 4.61 -6.35
C ASN A 92 -21.40 3.36 -7.21
N ILE A 93 -22.03 3.45 -8.37
CA ILE A 93 -21.95 2.40 -9.37
C ILE A 93 -21.01 2.89 -10.48
N ALA A 94 -19.85 2.26 -10.53
CA ALA A 94 -18.77 2.68 -11.41
C ALA A 94 -18.59 1.75 -12.59
N SER A 95 -18.11 2.32 -13.67
CA SER A 95 -17.71 1.55 -14.83
C SER A 95 -16.21 1.33 -14.84
N PHE A 96 -15.74 0.61 -15.84
CA PHE A 96 -14.29 0.48 -16.06
C PHE A 96 -13.61 1.85 -16.14
N ALA A 97 -14.28 2.88 -16.64
CA ALA A 97 -13.67 4.19 -16.77
C ALA A 97 -13.31 4.73 -15.40
N GLY A 98 -14.17 4.47 -14.42
CA GLY A 98 -13.92 4.92 -13.04
C GLY A 98 -12.90 4.09 -12.31
N LEU A 99 -12.98 2.79 -12.48
CA LEU A 99 -12.22 1.89 -11.64
C LEU A 99 -10.83 1.54 -12.18
N SER A 100 -10.68 1.49 -13.50
CA SER A 100 -9.43 1.00 -14.07
C SER A 100 -8.20 1.88 -13.78
N PRO A 101 -8.35 3.20 -13.61
CA PRO A 101 -7.16 3.94 -13.26
C PRO A 101 -6.60 3.59 -11.88
N ILE A 102 -7.43 3.06 -11.00
CA ILE A 102 -7.06 2.75 -9.63
C ILE A 102 -6.67 1.28 -9.48
N VAL A 103 -7.44 0.41 -10.13
CA VAL A 103 -7.21 -1.03 -10.10
C VAL A 103 -7.17 -1.54 -11.55
N PRO A 104 -6.06 -1.29 -12.24
CA PRO A 104 -5.99 -1.77 -13.63
C PRO A 104 -6.04 -3.30 -13.75
N GLU A 105 -5.81 -3.99 -12.63
CA GLU A 105 -5.96 -5.42 -12.62
C GLU A 105 -7.36 -5.87 -13.06
N ILE A 106 -8.35 -4.98 -13.03
CA ILE A 106 -9.67 -5.36 -13.52
C ILE A 106 -9.64 -5.65 -15.02
N TYR A 107 -8.60 -5.21 -15.72
CA TYR A 107 -8.51 -5.47 -17.17
C TYR A 107 -8.48 -6.96 -17.48
N VAL A 108 -8.00 -7.79 -16.55
CA VAL A 108 -7.94 -9.22 -16.79
C VAL A 108 -9.34 -9.78 -17.02
N SER A 109 -10.34 -9.26 -16.30
CA SER A 109 -11.72 -9.76 -16.42
C SER A 109 -12.35 -9.49 -17.78
N ALA A 110 -11.70 -8.65 -18.60
CA ALA A 110 -12.22 -8.27 -19.91
C ALA A 110 -11.43 -8.90 -21.07
N ILE A 111 -10.61 -9.92 -20.80
CA ILE A 111 -10.02 -10.69 -21.88
C ILE A 111 -11.14 -11.09 -22.84
N PRO A 112 -10.97 -10.79 -24.13
CA PRO A 112 -12.03 -11.16 -25.06
C PRO A 112 -12.39 -12.63 -25.01
N PHE A 113 -13.69 -12.92 -25.02
CA PHE A 113 -14.19 -14.30 -25.03
C PHE A 113 -13.76 -15.13 -23.83
N LEU A 114 -13.50 -14.46 -22.70
CA LEU A 114 -13.20 -15.14 -21.45
C LEU A 114 -14.32 -16.04 -20.96
N PHE A 115 -15.57 -15.59 -21.09
CA PHE A 115 -16.71 -16.32 -20.54
C PHE A 115 -17.53 -16.96 -21.63
N GLU A 116 -17.63 -18.28 -21.54
CA GLU A 116 -18.34 -19.05 -22.54
C GLU A 116 -19.85 -18.85 -22.44
N ASP A 117 -20.33 -18.52 -21.25
CA ASP A 117 -21.75 -18.30 -21.04
C ASP A 117 -21.93 -17.39 -19.82
N TYR A 118 -23.18 -17.04 -19.48
CA TYR A 118 -23.41 -16.23 -18.30
C TYR A 118 -23.00 -16.96 -17.02
N GLU A 119 -23.29 -18.25 -16.95
CA GLU A 119 -22.99 -19.02 -15.73
C GLU A 119 -21.52 -18.85 -15.35
N ALA A 120 -20.65 -18.93 -16.33
CA ALA A 120 -19.21 -18.82 -16.06
C ALA A 120 -18.85 -17.47 -15.43
N ALA A 121 -19.44 -16.41 -15.91
CA ALA A 121 -19.16 -15.10 -15.38
C ALA A 121 -19.69 -15.01 -13.95
N HIS A 122 -20.89 -15.53 -13.72
CA HIS A 122 -21.45 -15.50 -12.38
C HIS A 122 -20.55 -16.20 -11.39
N GLN A 123 -20.08 -17.39 -11.74
CA GLN A 123 -19.24 -18.17 -10.85
C GLN A 123 -17.93 -17.40 -10.64
N PHE A 124 -17.40 -16.81 -11.72
CA PHE A 124 -16.15 -16.04 -11.66
C PHE A 124 -16.21 -14.91 -10.63
N PHE A 125 -17.24 -14.07 -10.69
CA PHE A 125 -17.35 -12.93 -9.79
C PHE A 125 -17.81 -13.36 -8.40
N ASP A 126 -18.71 -14.34 -8.30
CA ASP A 126 -19.30 -14.70 -7.02
C ASP A 126 -18.31 -15.45 -6.14
N GLU A 127 -17.45 -16.30 -6.72
CA GLU A 127 -16.63 -17.21 -5.93
C GLU A 127 -15.16 -17.26 -6.32
N GLY A 128 -14.79 -16.57 -7.40
CA GLY A 128 -13.45 -16.71 -7.93
C GLY A 128 -12.41 -16.06 -7.05
N ASP A 129 -11.22 -16.66 -7.03
CA ASP A 129 -10.12 -16.12 -6.25
C ASP A 129 -9.59 -14.80 -6.81
N TYR A 130 -9.59 -14.65 -8.13
CA TYR A 130 -9.13 -13.41 -8.75
C TYR A 130 -9.97 -12.23 -8.26
N TRP A 131 -11.30 -12.37 -8.29
CA TRP A 131 -12.13 -11.23 -7.96
C TRP A 131 -12.07 -10.94 -6.48
N ASN A 132 -11.88 -11.98 -5.68
CA ASN A 132 -11.71 -11.77 -4.26
C ASN A 132 -10.50 -10.88 -4.01
N LYS A 133 -9.44 -11.09 -4.80
CA LYS A 133 -8.25 -10.25 -4.65
C LYS A 133 -8.47 -8.84 -5.21
N VAL A 134 -9.19 -8.72 -6.32
CA VAL A 134 -9.53 -7.40 -6.83
C VAL A 134 -10.23 -6.58 -5.74
N GLU A 135 -11.18 -7.19 -5.06
CA GLU A 135 -11.91 -6.52 -3.99
C GLU A 135 -10.96 -6.01 -2.91
N ASP A 136 -10.09 -6.90 -2.42
CA ASP A 136 -9.13 -6.52 -1.40
C ASP A 136 -8.14 -5.46 -1.88
N THR A 137 -7.77 -5.50 -3.16
CA THR A 137 -6.84 -4.53 -3.74
C THR A 137 -7.46 -3.14 -3.76
N LEU A 138 -8.73 -3.03 -4.16
CA LEU A 138 -9.41 -1.73 -4.10
C LEU A 138 -9.43 -1.21 -2.67
N GLU A 139 -9.73 -2.07 -1.71
CA GLU A 139 -9.79 -1.64 -0.31
C GLU A 139 -8.41 -1.23 0.21
N GLU A 140 -7.37 -1.96 -0.17
CA GLU A 140 -6.04 -1.61 0.31
C GLU A 140 -5.60 -0.25 -0.21
N ARG A 141 -5.91 0.02 -1.48
CA ARG A 141 -5.45 1.24 -2.15
C ARG A 141 -6.27 2.49 -1.84
N THR A 142 -7.55 2.32 -1.49
CA THR A 142 -8.44 3.47 -1.32
C THR A 142 -9.34 3.40 -0.09
N GLY A 143 -9.43 2.24 0.55
CA GLY A 143 -10.37 2.03 1.64
C GLY A 143 -11.75 1.63 1.15
N ALA A 144 -12.06 1.85 -0.14
CA ALA A 144 -13.41 1.59 -0.63
C ALA A 144 -13.68 0.10 -0.77
N GLU A 145 -14.96 -0.26 -0.67
CA GLU A 145 -15.41 -1.64 -0.67
C GLU A 145 -16.13 -1.93 -1.95
N LEU A 146 -15.64 -2.93 -2.69
CA LEU A 146 -16.28 -3.35 -3.92
C LEU A 146 -17.32 -4.41 -3.56
N LEU A 147 -18.58 -4.02 -3.44
CA LEU A 147 -19.59 -4.87 -2.83
C LEU A 147 -20.22 -5.86 -3.79
N GLY A 148 -20.23 -5.54 -5.07
CA GLY A 148 -20.88 -6.41 -6.03
C GLY A 148 -20.62 -6.03 -7.46
N VAL A 149 -20.94 -6.97 -8.34
CA VAL A 149 -20.78 -6.83 -9.77
C VAL A 149 -22.14 -6.90 -10.41
N ILE A 150 -22.55 -5.77 -10.94
CA ILE A 150 -23.87 -5.61 -11.52
C ILE A 150 -23.88 -6.02 -12.98
N GLU A 151 -24.65 -7.04 -13.32
CA GLU A 151 -24.89 -7.35 -14.73
C GLU A 151 -25.94 -6.39 -15.25
N GLU A 152 -25.56 -5.52 -16.16
CA GLU A 152 -26.49 -4.49 -16.66
C GLU A 152 -26.59 -4.50 -18.17
N GLY A 153 -26.28 -5.64 -18.77
CA GLY A 153 -26.45 -5.84 -20.19
C GLY A 153 -25.94 -7.22 -20.55
N GLY A 154 -26.24 -7.68 -21.75
CA GLY A 154 -25.66 -8.91 -22.27
C GLY A 154 -24.22 -8.69 -22.68
N PHE A 155 -23.69 -9.61 -23.45
CA PHE A 155 -22.31 -9.48 -23.89
C PHE A 155 -22.20 -8.32 -24.86
N LEU A 156 -21.01 -7.72 -24.94
CA LEU A 156 -20.82 -6.50 -25.71
C LEU A 156 -20.78 -6.73 -27.21
N ASP A 157 -21.37 -5.78 -27.91
CA ASP A 157 -21.42 -5.73 -29.36
C ASP A 157 -20.74 -4.48 -29.88
N PHE A 158 -20.54 -4.40 -31.19
CA PHE A 158 -20.01 -3.21 -31.80
C PHE A 158 -21.09 -2.46 -32.57
N THR A 159 -21.01 -1.14 -32.59
CA THR A 159 -21.80 -0.34 -33.53
C THR A 159 -20.89 0.59 -34.29
N ASN A 160 -21.31 1.01 -35.49
CA ASN A 160 -20.62 2.07 -36.19
C ASN A 160 -21.52 2.70 -37.24
N SER A 161 -21.07 3.82 -37.80
CA SER A 161 -21.84 4.60 -38.78
C SER A 161 -21.28 4.53 -40.20
N LYS A 162 -20.18 3.81 -40.38
CA LYS A 162 -19.45 3.85 -41.66
C LYS A 162 -19.76 2.66 -42.57
N ARG A 163 -19.68 1.45 -42.06
CA ARG A 163 -19.83 0.26 -42.90
C ARG A 163 -20.21 -0.96 -42.06
N PRO A 164 -20.84 -1.95 -42.70
CA PRO A 164 -21.06 -3.20 -41.98
C PRO A 164 -19.73 -3.78 -41.46
N ILE A 165 -19.73 -4.27 -40.22
CA ILE A 165 -18.59 -4.97 -39.71
C ILE A 165 -18.99 -6.41 -39.41
N SER A 166 -18.36 -7.35 -40.10
CA SER A 166 -18.62 -8.76 -39.85
C SER A 166 -17.37 -9.50 -39.39
N SER A 167 -16.22 -8.86 -39.49
CA SER A 167 -14.94 -9.49 -39.12
C SER A 167 -13.95 -8.40 -38.73
N PRO A 168 -12.83 -8.77 -38.07
CA PRO A 168 -11.86 -7.74 -37.64
C PRO A 168 -11.37 -6.87 -38.79
N GLU A 169 -11.30 -7.43 -39.99
CA GLU A 169 -10.74 -6.72 -41.13
C GLU A 169 -11.55 -5.46 -41.44
N ASP A 170 -12.83 -5.50 -41.08
CA ASP A 170 -13.71 -4.39 -41.39
C ASP A 170 -13.49 -3.17 -40.46
N PHE A 171 -12.67 -3.32 -39.42
CA PHE A 171 -12.33 -2.20 -38.55
C PHE A 171 -11.27 -1.26 -39.13
N GLU A 172 -10.55 -1.73 -40.14
N GLU A 172 -10.56 -1.74 -40.14
CA GLU A 172 -9.38 -1.00 -40.64
CA GLU A 172 -9.44 -0.99 -40.70
C GLU A 172 -9.72 0.43 -41.05
C GLU A 172 -9.80 0.45 -41.01
N GLY A 173 -9.06 1.37 -40.39
CA GLY A 173 -9.20 2.79 -40.68
C GLY A 173 -10.22 3.52 -39.83
N LEU A 174 -11.06 2.79 -39.11
CA LEU A 174 -12.12 3.43 -38.35
C LEU A 174 -11.59 4.00 -37.04
N ARG A 175 -12.29 5.00 -36.52
CA ARG A 175 -11.98 5.53 -35.21
C ARG A 175 -13.11 5.19 -34.26
N PHE A 176 -12.79 4.47 -33.19
CA PHE A 176 -13.81 4.09 -32.23
C PHE A 176 -13.68 4.85 -30.92
N ARG A 177 -14.83 5.14 -30.32
CA ARG A 177 -14.87 5.60 -28.95
C ARG A 177 -14.57 4.46 -28.01
N ALA A 178 -13.71 4.74 -27.04
CA ALA A 178 -13.36 3.80 -25.98
C ALA A 178 -13.86 4.24 -24.61
N MSE A 179 -14.35 3.29 -23.82
CA MSE A 179 -14.64 3.54 -22.42
C MSE A 179 -13.36 3.74 -21.61
O MSE A 179 -13.32 4.55 -20.70
CB MSE A 179 -15.40 2.34 -21.82
CG MSE A 179 -15.66 2.48 -20.33
SE MSE A 179 -16.94 1.16 -19.68
CE MSE A 179 -16.10 -0.48 -20.29
H MSE A 179 -14.53 2.49 -24.08
HA MSE A 179 -15.21 4.33 -22.33
HB2 MSE A 179 -16.26 2.26 -22.26
HB3 MSE A 179 -14.89 1.53 -21.96
HG2 MSE A 179 -14.83 2.37 -19.85
HG3 MSE A 179 -16.03 3.37 -20.15
HE1 MSE A 179 -16.65 -1.23 -20.03
HE2 MSE A 179 -16.03 -0.45 -21.25
HE3 MSE A 179 -15.24 -0.56 -19.89
N ASP A 180 -12.32 3.01 -21.99
CA ASP A 180 -11.08 2.90 -21.19
C ASP A 180 -9.98 2.32 -22.08
N PRO A 181 -8.73 2.34 -21.61
CA PRO A 181 -7.63 1.86 -22.46
C PRO A 181 -7.76 0.43 -22.95
N SER A 182 -8.48 -0.42 -22.26
CA SER A 182 -8.55 -1.81 -22.74
C SER A 182 -9.34 -1.88 -24.04
N GLN A 183 -10.28 -0.96 -24.26
CA GLN A 183 -10.99 -0.95 -25.52
C GLN A 183 -10.09 -0.42 -26.60
N VAL A 184 -9.27 0.56 -26.29
CA VAL A 184 -8.34 1.08 -27.26
C VAL A 184 -7.44 -0.05 -27.75
N ALA A 185 -6.92 -0.86 -26.83
CA ALA A 185 -6.04 -1.99 -27.20
C ALA A 185 -6.74 -2.93 -28.18
N LEU A 186 -8.00 -3.24 -27.92
CA LEU A 186 -8.77 -4.13 -28.79
C LEU A 186 -8.96 -3.53 -30.19
N TYR A 187 -9.34 -2.25 -30.26
CA TYR A 187 -9.54 -1.61 -31.54
C TYR A 187 -8.26 -1.60 -32.37
N GLU A 188 -7.13 -1.27 -31.72
CA GLU A 188 -5.85 -1.29 -32.44
C GLU A 188 -5.51 -2.71 -32.95
N ALA A 189 -5.87 -3.72 -32.17
CA ALA A 189 -5.62 -5.11 -32.58
C ALA A 189 -6.34 -5.47 -33.87
N PHE A 190 -7.47 -4.79 -34.11
CA PHE A 190 -8.30 -5.01 -35.30
C PHE A 190 -7.98 -4.03 -36.44
N GLY A 191 -7.02 -3.12 -36.26
CA GLY A 191 -6.68 -2.18 -37.33
C GLY A 191 -7.32 -0.80 -37.28
N ALA A 192 -8.11 -0.56 -36.25
CA ALA A 192 -8.74 0.73 -36.00
C ALA A 192 -7.89 1.52 -35.02
N SER A 193 -8.36 2.73 -34.71
CA SER A 193 -7.80 3.52 -33.63
C SER A 193 -8.92 3.76 -32.61
N GLY A 194 -8.55 4.17 -31.42
CA GLY A 194 -9.49 4.38 -30.34
C GLY A 194 -9.18 5.61 -29.53
N THR A 195 -10.21 6.25 -29.00
CA THR A 195 -10.05 7.46 -28.19
C THR A 195 -11.01 7.38 -26.98
N PRO A 196 -10.50 7.64 -25.77
CA PRO A 196 -11.40 7.61 -24.63
C PRO A 196 -12.33 8.80 -24.65
N ILE A 197 -13.63 8.57 -24.49
CA ILE A 197 -14.61 9.64 -24.42
C ILE A 197 -15.60 9.24 -23.36
N PRO A 198 -15.95 10.16 -22.45
CA PRO A 198 -16.89 9.78 -21.38
C PRO A 198 -18.24 9.35 -21.93
N TRP A 199 -18.92 8.46 -21.22
CA TRP A 199 -20.24 8.01 -21.64
C TRP A 199 -21.20 9.18 -21.96
N THR A 200 -21.20 10.19 -21.09
CA THR A 200 -22.13 11.31 -21.22
C THR A 200 -21.88 12.17 -22.45
N ASP A 201 -20.76 11.96 -23.13
CA ASP A 201 -20.47 12.65 -24.39
C ASP A 201 -20.41 11.75 -25.61
N THR A 202 -20.73 10.46 -25.42
CA THR A 202 -20.59 9.49 -26.49
C THR A 202 -21.64 9.67 -27.62
N TYR A 203 -22.89 9.95 -27.28
CA TYR A 203 -23.88 10.20 -28.33
C TYR A 203 -23.43 11.33 -29.26
N MSE A 204 -23.01 12.45 -28.66
CA MSE A 204 -22.56 13.58 -29.45
C MSE A 204 -21.34 13.28 -30.29
O MSE A 204 -21.22 13.73 -31.42
CB MSE A 204 -22.32 14.79 -28.56
CG MSE A 204 -23.60 15.52 -28.15
SE MSE A 204 -24.52 16.32 -29.69
CE MSE A 204 -23.11 17.59 -30.17
H MSE A 204 -22.97 12.56 -27.81
HA MSE A 204 -23.29 13.82 -30.06
HB2 MSE A 204 -21.88 14.50 -27.74
HB3 MSE A 204 -21.76 15.42 -29.03
HG2 MSE A 204 -24.21 14.89 -27.73
HG3 MSE A 204 -23.38 16.23 -27.53
HE1 MSE A 204 -23.39 18.10 -30.93
HE2 MSE A 204 -22.96 18.18 -29.42
HE3 MSE A 204 -22.31 17.10 -30.37
N ALA A 205 -20.38 12.55 -29.72
CA ALA A 205 -19.19 12.18 -30.46
C ALA A 205 -19.54 11.39 -31.72
N LEU A 206 -20.52 10.50 -31.59
CA LEU A 206 -20.94 9.69 -32.73
C LEU A 206 -21.78 10.53 -33.71
N LYS A 207 -22.64 11.39 -33.19
CA LYS A 207 -23.45 12.27 -34.04
C LYS A 207 -22.59 13.15 -34.94
N THR A 208 -21.50 13.66 -34.40
CA THR A 208 -20.69 14.67 -35.05
C THR A 208 -19.42 14.07 -35.67
N ASN A 209 -19.36 12.75 -35.70
CA ASN A 209 -18.28 12.01 -36.36
C ASN A 209 -16.89 12.21 -35.76
N VAL A 210 -16.86 12.58 -34.48
CA VAL A 210 -15.61 12.59 -33.74
C VAL A 210 -15.14 11.13 -33.69
N ALA A 211 -16.09 10.22 -33.58
CA ALA A 211 -15.82 8.78 -33.67
C ALA A 211 -16.83 8.13 -34.61
N ASP A 212 -16.40 7.03 -35.23
CA ASP A 212 -17.23 6.24 -36.12
C ASP A 212 -18.09 5.19 -35.39
N GLY A 213 -17.63 4.71 -34.24
CA GLY A 213 -18.29 3.59 -33.59
C GLY A 213 -17.95 3.50 -32.12
N GLN A 214 -18.56 2.53 -31.45
CA GLN A 214 -18.31 2.24 -30.05
C GLN A 214 -18.68 0.80 -29.78
N MSE A 215 -18.52 0.39 -28.52
CA MSE A 215 -18.88 -0.95 -28.14
C MSE A 215 -19.63 -0.94 -26.79
O MSE A 215 -19.27 -0.20 -25.86
CB MSE A 215 -17.63 -1.86 -28.12
CG MSE A 215 -16.61 -1.61 -27.06
SE MSE A 215 -14.96 -2.60 -27.35
CE MSE A 215 -15.71 -4.30 -26.92
H MSE A 215 -18.21 0.87 -27.89
HA MSE A 215 -19.48 -1.32 -28.81
HB2 MSE A 215 -17.92 -2.78 -28.02
HB3 MSE A 215 -17.18 -1.77 -28.98
HG2 MSE A 215 -16.38 -0.66 -27.05
HG3 MSE A 215 -16.97 -1.87 -26.20
HE1 MSE A 215 -15.03 -4.97 -27.01
HE2 MSE A 215 -16.03 -4.27 -26.02
HE3 MSE A 215 -16.43 -4.48 -27.52
N ASN A 216 -20.62 -1.80 -26.68
CA ASN A 216 -21.51 -1.84 -25.52
C ASN A 216 -22.54 -2.93 -25.76
N PRO A 217 -23.20 -3.40 -24.71
CA PRO A 217 -24.33 -4.29 -24.92
C PRO A 217 -25.53 -3.54 -25.47
N PRO A 218 -26.49 -4.28 -26.04
CA PRO A 218 -27.73 -3.67 -26.52
C PRO A 218 -28.36 -2.69 -25.52
N MSE A 219 -28.33 -2.99 -24.23
CA MSE A 219 -28.95 -2.14 -23.23
C MSE A 219 -28.47 -0.67 -23.39
O MSE A 219 -29.29 0.25 -23.50
CB MSE A 219 -28.63 -2.69 -21.83
CG MSE A 219 -29.55 -2.27 -20.69
SE MSE A 219 -29.48 -0.39 -20.18
CE MSE A 219 -27.77 -0.33 -19.28
H MSE A 219 -27.95 -3.69 -23.91
HA MSE A 219 -29.92 -2.17 -23.34
HB2 MSE A 219 -28.65 -3.65 -21.87
HB3 MSE A 219 -27.74 -2.39 -21.59
HG2 MSE A 219 -30.46 -2.46 -20.96
HG3 MSE A 219 -29.32 -2.80 -19.91
HE1 MSE A 219 -27.62 0.57 -18.96
HE2 MSE A 219 -27.80 -0.94 -18.53
HE3 MSE A 219 -27.08 -0.59 -19.89
N TYR A 220 -27.16 -0.46 -23.40
CA TYR A 220 -26.63 0.92 -23.54
C TYR A 220 -26.84 1.54 -24.91
N ILE A 221 -26.82 0.71 -25.96
CA ILE A 221 -27.09 1.20 -27.30
C ILE A 221 -28.51 1.78 -27.35
N ILE A 222 -29.47 1.12 -26.69
CA ILE A 222 -30.82 1.65 -26.57
C ILE A 222 -30.87 2.86 -25.65
N MSE A 223 -30.23 2.76 -24.49
CA MSE A 223 -30.36 3.78 -23.45
C MSE A 223 -29.83 5.13 -23.92
O MSE A 223 -30.43 6.15 -23.62
CB MSE A 223 -29.62 3.34 -22.19
CG MSE A 223 -29.90 4.22 -20.98
SE MSE A 223 -28.93 3.57 -19.42
CE MSE A 223 -27.27 4.55 -19.73
H MSE A 223 -29.71 2.10 -24.28
HA MSE A 223 -31.31 3.88 -23.21
HB2 MSE A 223 -29.88 2.43 -21.96
HB3 MSE A 223 -28.66 3.36 -22.36
HG2 MSE A 223 -29.61 5.13 -21.16
HG3 MSE A 223 -30.85 4.20 -20.78
HE1 MSE A 223 -26.65 4.35 -19.02
HE2 MSE A 223 -26.90 4.29 -20.57
HE3 MSE A 223 -27.46 5.49 -19.73
N GLY A 224 -28.74 5.08 -24.65
CA GLY A 224 -28.12 6.30 -25.17
C GLY A 224 -28.66 6.73 -26.52
N SER A 225 -29.70 6.05 -27.00
CA SER A 225 -30.29 6.33 -28.31
C SER A 225 -29.25 6.29 -29.43
N LEU A 226 -28.27 5.39 -29.29
CA LEU A 226 -27.17 5.34 -30.24
C LEU A 226 -27.63 4.87 -31.60
N TYR A 227 -28.79 4.23 -31.68
CA TYR A 227 -29.37 3.84 -32.96
C TYR A 227 -29.71 5.05 -33.84
N GLU A 228 -29.82 6.22 -33.24
CA GLU A 228 -30.06 7.43 -34.00
C GLU A 228 -28.83 7.90 -34.75
N VAL A 229 -27.67 7.44 -34.32
CA VAL A 229 -26.41 7.96 -34.85
C VAL A 229 -25.43 6.84 -35.23
N GLN A 230 -25.95 5.62 -35.27
CA GLN A 230 -25.21 4.43 -35.68
C GLN A 230 -26.17 3.54 -36.48
N LYS A 231 -25.68 3.01 -37.60
CA LYS A 231 -26.51 2.19 -38.47
C LYS A 231 -26.24 0.71 -38.33
N TYR A 232 -24.99 0.35 -38.02
CA TYR A 232 -24.54 -1.05 -38.14
C TYR A 232 -24.26 -1.65 -36.77
N LEU A 233 -24.93 -2.76 -36.47
CA LEU A 233 -24.74 -3.49 -35.21
C LEU A 233 -24.12 -4.85 -35.48
N THR A 234 -22.99 -5.12 -34.83
CA THR A 234 -22.34 -6.39 -34.99
C THR A 234 -22.44 -7.21 -33.71
N LEU A 235 -23.06 -8.38 -33.77
CA LEU A 235 -23.28 -9.23 -32.59
C LEU A 235 -22.04 -10.10 -32.28
N ALA A 236 -20.98 -9.43 -31.88
CA ALA A 236 -19.75 -10.10 -31.56
C ALA A 236 -19.78 -10.82 -30.20
N ASN A 237 -20.59 -10.33 -29.26
CA ASN A 237 -20.64 -10.90 -27.90
C ASN A 237 -19.24 -11.13 -27.34
N VAL A 238 -18.44 -10.07 -27.34
CA VAL A 238 -17.02 -10.19 -27.11
C VAL A 238 -16.56 -10.16 -25.64
N GLN A 239 -17.34 -9.53 -24.78
CA GLN A 239 -16.99 -9.35 -23.37
C GLN A 239 -18.27 -9.32 -22.54
N TYR A 240 -18.17 -9.64 -21.26
CA TYR A 240 -19.28 -9.58 -20.33
C TYR A 240 -19.52 -8.15 -19.92
N SER A 241 -20.78 -7.73 -19.88
CA SER A 241 -21.12 -6.38 -19.48
C SER A 241 -21.36 -6.30 -17.99
N ASP A 242 -20.66 -5.40 -17.33
CA ASP A 242 -20.80 -5.19 -15.91
C ASP A 242 -20.49 -3.78 -15.48
N GLN A 243 -21.03 -3.40 -14.34
CA GLN A 243 -20.54 -2.26 -13.58
C GLN A 243 -20.39 -2.69 -12.13
N PHE A 244 -19.88 -1.80 -11.28
CA PHE A 244 -19.35 -2.20 -9.98
C PHE A 244 -19.94 -1.35 -8.89
N LEU A 245 -20.55 -1.99 -7.89
CA LEU A 245 -21.09 -1.29 -6.76
C LEU A 245 -20.00 -1.10 -5.72
N ILE A 246 -19.73 0.17 -5.44
CA ILE A 246 -18.68 0.60 -4.52
C ILE A 246 -19.28 1.30 -3.31
N ALA A 247 -18.75 1.01 -2.12
CA ALA A 247 -19.18 1.70 -0.90
C ALA A 247 -17.99 2.33 -0.21
N ASN A 248 -18.22 3.50 0.39
CA ASN A 248 -17.23 4.13 1.24
C ASN A 248 -16.82 3.19 2.37
N GLY A 249 -15.51 3.06 2.54
CA GLY A 249 -14.93 2.13 3.49
C GLY A 249 -15.21 2.47 4.94
N GLU A 250 -15.04 3.73 5.31
CA GLU A 250 -15.27 4.13 6.69
C GLU A 250 -16.71 3.87 7.10
N TRP A 251 -17.65 4.20 6.22
CA TRP A 251 -19.05 3.94 6.51
C TRP A 251 -19.31 2.44 6.67
N TYR A 252 -18.86 1.66 5.70
CA TYR A 252 -19.11 0.24 5.71
C TYR A 252 -18.51 -0.44 6.93
N ASP A 253 -17.29 -0.06 7.30
CA ASP A 253 -16.61 -0.69 8.42
C ASP A 253 -17.19 -0.28 9.77
N ASP A 254 -17.94 0.82 9.80
CA ASP A 254 -18.54 1.28 11.05
C ASP A 254 -19.95 0.76 11.25
N LEU A 255 -20.48 0.04 10.26
CA LEU A 255 -21.79 -0.59 10.42
C LEU A 255 -21.72 -1.62 11.52
N SER A 256 -22.87 -1.89 12.15
CA SER A 256 -23.01 -3.05 13.01
C SER A 256 -22.91 -4.28 12.13
N GLU A 257 -22.52 -5.42 12.71
CA GLU A 257 -22.43 -6.64 11.94
C GLU A 257 -23.78 -6.98 11.33
N GLU A 258 -24.84 -6.73 12.09
CA GLU A 258 -26.21 -7.03 11.64
C GLU A 258 -26.52 -6.26 10.37
N ASN A 259 -26.23 -4.97 10.38
CA ASN A 259 -26.51 -4.17 9.20
C ASN A 259 -25.56 -4.50 8.07
N ARG A 260 -24.30 -4.81 8.37
CA ARG A 260 -23.40 -5.20 7.30
C ARG A 260 -23.90 -6.44 6.60
N GLN A 261 -24.34 -7.43 7.37
CA GLN A 261 -24.86 -8.66 6.79
C GLN A 261 -26.10 -8.40 5.96
N ALA A 262 -26.91 -7.45 6.41
CA ALA A 262 -28.13 -7.06 5.69
C ALA A 262 -27.79 -6.44 4.34
N ILE A 263 -26.79 -5.57 4.33
CA ILE A 263 -26.32 -4.94 3.11
C ILE A 263 -25.80 -6.01 2.16
N GLU A 264 -24.98 -6.94 2.66
CA GLU A 264 -24.47 -8.01 1.81
C GLU A 264 -25.61 -8.82 1.17
N ALA A 265 -26.62 -9.16 1.96
CA ALA A 265 -27.75 -9.91 1.42
C ALA A 265 -28.53 -9.12 0.41
N ALA A 266 -28.70 -7.83 0.68
CA ALA A 266 -29.42 -6.97 -0.24
C ALA A 266 -28.71 -6.88 -1.58
N VAL A 267 -27.37 -6.75 -1.53
CA VAL A 267 -26.57 -6.68 -2.75
C VAL A 267 -26.67 -7.97 -3.55
N GLN A 268 -26.55 -9.10 -2.88
CA GLN A 268 -26.64 -10.40 -3.55
C GLN A 268 -28.01 -10.56 -4.22
N GLU A 269 -29.07 -10.20 -3.51
CA GLU A 269 -30.40 -10.39 -4.07
C GLU A 269 -30.62 -9.46 -5.24
N ALA A 270 -30.21 -8.20 -5.11
CA ALA A 270 -30.40 -7.26 -6.21
C ALA A 270 -29.55 -7.69 -7.41
N SER A 271 -28.37 -8.22 -7.16
CA SER A 271 -27.51 -8.71 -8.23
C SER A 271 -28.18 -9.87 -8.97
N GLU A 272 -28.75 -10.81 -8.21
CA GLU A 272 -29.47 -11.92 -8.84
C GLU A 272 -30.62 -11.43 -9.68
N LEU A 273 -31.40 -10.50 -9.15
CA LEU A 273 -32.53 -9.95 -9.91
C LEU A 273 -32.09 -9.31 -11.22
N ASN A 274 -30.99 -8.59 -11.20
CA ASN A 274 -30.51 -7.98 -12.44
C ASN A 274 -30.05 -9.02 -13.46
N ARG A 275 -29.35 -10.07 -13.01
CA ARG A 275 -28.93 -11.14 -13.91
C ARG A 275 -30.15 -11.74 -14.62
N GLU A 276 -31.18 -12.05 -13.83
CA GLU A 276 -32.37 -12.68 -14.36
C GLU A 276 -33.02 -11.79 -15.40
N ASP A 277 -33.15 -10.51 -15.07
CA ASP A 277 -33.87 -9.60 -15.94
C ASP A 277 -33.12 -9.27 -17.23
N VAL A 278 -31.84 -8.94 -17.11
CA VAL A 278 -31.01 -8.67 -18.25
C VAL A 278 -31.02 -9.86 -19.21
N GLU A 279 -30.81 -11.06 -18.71
CA GLU A 279 -30.65 -12.18 -19.61
C GLU A 279 -31.93 -12.49 -20.39
N LYS A 280 -33.07 -12.30 -19.75
CA LYS A 280 -34.32 -12.57 -20.45
C LYS A 280 -34.69 -11.48 -21.44
N ARG A 281 -34.04 -10.32 -21.36
CA ARG A 281 -34.34 -9.21 -22.26
C ARG A 281 -33.35 -8.97 -23.41
N VAL A 282 -32.23 -9.69 -23.45
CA VAL A 282 -31.21 -9.42 -24.47
C VAL A 282 -31.78 -9.53 -25.90
N ASP A 283 -32.43 -10.64 -26.20
CA ASP A 283 -32.89 -10.84 -27.57
C ASP A 283 -33.98 -9.84 -27.95
N GLU A 284 -34.87 -9.53 -27.01
CA GLU A 284 -35.86 -8.45 -27.18
C GLU A 284 -35.18 -7.13 -27.56
N ARG A 285 -34.12 -6.80 -26.85
CA ARG A 285 -33.42 -5.54 -27.05
C ARG A 285 -32.72 -5.50 -28.40
N ILE A 286 -32.15 -6.62 -28.82
CA ILE A 286 -31.53 -6.67 -30.15
C ILE A 286 -32.58 -6.50 -31.22
N GLN A 287 -33.73 -7.15 -31.08
CA GLN A 287 -34.80 -7.02 -32.07
C GLN A 287 -35.34 -5.59 -32.07
N PHE A 288 -35.38 -4.92 -30.91
CA PHE A 288 -35.80 -3.51 -30.82
C PHE A 288 -34.87 -2.65 -31.69
N LEU A 289 -33.58 -2.91 -31.60
CA LEU A 289 -32.61 -2.17 -32.40
C LEU A 289 -32.83 -2.39 -33.90
N ALA A 290 -33.06 -3.63 -34.31
CA ALA A 290 -33.49 -3.91 -35.68
C ALA A 290 -34.78 -3.18 -36.04
N ASP A 291 -35.74 -3.11 -35.11
CA ASP A 291 -37.03 -2.49 -35.40
C ASP A 291 -36.91 -0.98 -35.49
N GLN A 292 -35.81 -0.40 -35.00
CA GLN A 292 -35.52 1.03 -35.15
C GLN A 292 -34.76 1.31 -36.44
N GLY A 293 -34.39 0.27 -37.16
CA GLY A 293 -33.71 0.42 -38.44
C GLY A 293 -32.25 0.03 -38.50
N MSE A 294 -31.69 -0.44 -37.40
CA MSE A 294 -30.29 -0.84 -37.43
C MSE A 294 -30.14 -2.11 -38.28
O MSE A 294 -31.01 -2.99 -38.27
CB MSE A 294 -29.69 -1.09 -36.04
CG MSE A 294 -29.59 0.14 -35.16
SE MSE A 294 -28.31 -0.10 -33.73
CE MSE A 294 -26.68 0.09 -34.77
H MSE A 294 -32.07 -0.53 -36.65
HA MSE A 294 -29.76 -0.13 -37.85
HB2 MSE A 294 -30.25 -1.73 -35.58
HB3 MSE A 294 -28.80 -1.45 -36.14
HG2 MSE A 294 -29.31 0.89 -35.69
HG3 MSE A 294 -30.46 0.32 -34.75
HE1 MSE A 294 -25.92 -0.01 -34.18
HE2 MSE A 294 -26.66 -0.59 -35.44
HE3 MSE A 294 -26.66 0.96 -35.18
N GLU A 295 -29.05 -2.18 -39.03
CA GLU A 295 -28.70 -3.38 -39.77
C GLU A 295 -27.90 -4.26 -38.83
N VAL A 296 -28.43 -5.45 -38.55
CA VAL A 296 -27.84 -6.32 -37.55
C VAL A 296 -27.08 -7.44 -38.22
N ILE A 297 -25.80 -7.59 -37.88
CA ILE A 297 -24.95 -8.61 -38.46
C ILE A 297 -24.63 -9.67 -37.41
N GLU A 298 -24.86 -10.92 -37.77
CA GLU A 298 -24.51 -12.05 -36.94
C GLU A 298 -23.25 -12.69 -37.54
N PRO A 299 -22.08 -12.45 -36.93
CA PRO A 299 -20.86 -13.04 -37.49
C PRO A 299 -20.94 -14.57 -37.60
N THR A 300 -20.34 -15.10 -38.66
CA THR A 300 -20.25 -16.54 -38.81
C THR A 300 -19.27 -17.15 -37.79
N GLU A 301 -19.26 -18.47 -37.70
CA GLU A 301 -18.29 -19.15 -36.86
C GLU A 301 -16.87 -18.70 -37.21
N ASP A 302 -16.55 -18.62 -38.49
CA ASP A 302 -15.18 -18.25 -38.85
C ASP A 302 -14.88 -16.82 -38.46
N GLU A 303 -15.85 -15.94 -38.63
CA GLU A 303 -15.66 -14.55 -38.27
C GLU A 303 -15.47 -14.39 -36.76
N LEU A 304 -16.26 -15.11 -35.96
CA LEU A 304 -16.05 -15.07 -34.52
C LEU A 304 -14.68 -15.64 -34.12
N ALA A 305 -14.23 -16.69 -34.82
CA ALA A 305 -12.91 -17.22 -34.59
C ALA A 305 -11.83 -16.17 -34.92
N ALA A 306 -12.05 -15.38 -35.95
CA ALA A 306 -11.12 -14.32 -36.33
C ALA A 306 -11.11 -13.21 -35.26
N PHE A 307 -12.28 -12.81 -34.77
CA PHE A 307 -12.29 -11.84 -33.68
C PHE A 307 -11.47 -12.36 -32.50
N ARG A 308 -11.63 -13.64 -32.20
CA ARG A 308 -10.89 -14.23 -31.08
C ARG A 308 -9.40 -14.29 -31.35
N GLU A 309 -9.00 -14.75 -32.53
CA GLU A 309 -7.56 -14.93 -32.81
C GLU A 309 -6.84 -13.59 -32.94
N LYS A 310 -7.52 -12.59 -33.49
CA LYS A 310 -6.93 -11.26 -33.60
C LYS A 310 -6.96 -10.52 -32.26
N GLY A 311 -7.98 -10.77 -31.46
CA GLY A 311 -8.18 -9.96 -30.25
C GLY A 311 -7.60 -10.53 -28.97
N GLN A 312 -7.79 -11.82 -28.76
CA GLN A 312 -7.50 -12.42 -27.49
C GLN A 312 -5.99 -12.51 -27.17
N PRO A 313 -5.16 -13.11 -28.04
CA PRO A 313 -3.73 -13.13 -27.68
C PRO A 313 -3.10 -11.72 -27.62
N ALA A 314 -3.54 -10.80 -28.47
CA ALA A 314 -3.00 -9.45 -28.45
C ALA A 314 -3.36 -8.76 -27.13
N TYR A 315 -4.58 -9.00 -26.66
CA TYR A 315 -5.04 -8.41 -25.43
C TYR A 315 -4.22 -8.95 -24.25
N ILE A 316 -4.00 -10.26 -24.23
CA ILE A 316 -3.22 -10.88 -23.16
C ILE A 316 -1.78 -10.33 -23.15
N GLU A 317 -1.17 -10.18 -24.33
CA GLU A 317 0.15 -9.55 -24.39
C GLU A 317 0.14 -8.12 -23.85
N TRP A 318 -0.94 -7.39 -24.09
CA TRP A 318 -1.07 -6.01 -23.61
C TRP A 318 -1.16 -6.02 -22.08
N LEU A 319 -1.85 -7.02 -21.52
CA LEU A 319 -1.93 -7.15 -20.07
C LEU A 319 -0.56 -7.33 -19.43
N THR A 320 0.25 -8.24 -19.99
CA THR A 320 1.53 -8.57 -19.37
C THR A 320 2.64 -7.58 -19.67
N ASP A 321 2.58 -6.92 -20.82
N ASP A 321 2.58 -6.94 -20.84
CA ASP A 321 3.63 -6.00 -21.21
CA ASP A 321 3.60 -5.99 -21.29
C ASP A 321 3.27 -4.55 -20.84
C ASP A 321 3.24 -4.58 -20.83
N GLU A 322 2.38 -3.91 -21.58
N GLU A 322 2.42 -3.90 -21.61
CA GLU A 322 2.08 -2.51 -21.31
CA GLU A 322 2.05 -2.53 -21.31
C GLU A 322 1.45 -2.28 -19.92
C GLU A 322 1.52 -2.33 -19.89
N GLN A 323 0.65 -3.23 -19.46
CA GLN A 323 0.01 -3.10 -18.17
C GLN A 323 0.74 -3.74 -17.00
N GLY A 324 1.80 -4.49 -17.29
CA GLY A 324 2.64 -5.09 -16.26
C GLY A 324 1.97 -6.02 -15.27
N ILE A 325 0.88 -6.66 -15.68
CA ILE A 325 0.12 -7.54 -14.80
C ILE A 325 0.84 -8.89 -14.71
N ASP A 326 1.14 -9.35 -13.49
CA ASP A 326 1.89 -10.60 -13.36
C ASP A 326 1.07 -11.85 -13.69
N ARG A 327 1.77 -12.96 -13.87
CA ARG A 327 1.09 -14.17 -14.31
C ARG A 327 0.04 -14.65 -13.33
N ALA A 328 0.31 -14.48 -12.04
CA ALA A 328 -0.63 -14.95 -11.02
C ALA A 328 -2.02 -14.36 -11.19
N TRP A 329 -2.07 -13.04 -11.38
CA TRP A 329 -3.34 -12.38 -11.57
C TRP A 329 -4.12 -13.02 -12.73
N ILE A 330 -3.44 -13.24 -13.84
CA ILE A 330 -4.06 -13.77 -15.05
C ILE A 330 -4.46 -15.23 -14.87
N GLU A 331 -3.58 -16.00 -14.25
CA GLU A 331 -3.82 -17.43 -14.07
C GLU A 331 -5.02 -17.68 -13.18
N MSE A 332 -5.15 -16.88 -12.11
CA MSE A 332 -6.28 -17.04 -11.21
C MSE A 332 -7.58 -16.80 -11.95
O MSE A 332 -8.55 -17.58 -11.81
CB MSE A 332 -6.20 -16.06 -10.04
CG MSE A 332 -5.23 -16.46 -8.99
SE MSE A 332 -5.51 -15.35 -7.39
CE MSE A 332 -4.81 -13.69 -8.07
H MSE A 332 -4.60 -16.25 -11.90
HA MSE A 332 -6.27 -17.94 -10.85
HB2 MSE A 332 -5.91 -15.19 -10.38
HB3 MSE A 332 -7.07 -15.98 -9.64
HG2 MSE A 332 -5.37 -17.38 -8.74
HG3 MSE A 332 -4.32 -16.33 -9.30
HE1 MSE A 332 -4.88 -13.03 -7.38
HE2 MSE A 332 -3.89 -13.82 -8.33
HE3 MSE A 332 -5.33 -13.43 -8.84
N ALA A 333 -7.62 -15.74 -12.75
CA ALA A 333 -8.80 -15.43 -13.52
C ALA A 333 -9.14 -16.52 -14.52
N LEU A 334 -8.13 -17.02 -15.21
CA LEU A 334 -8.36 -18.04 -16.21
C LEU A 334 -8.92 -19.31 -15.55
N GLU A 335 -8.37 -19.64 -14.38
CA GLU A 335 -8.85 -20.78 -13.61
C GLU A 335 -10.32 -20.59 -13.24
N ASP A 336 -10.62 -19.41 -12.73
CA ASP A 336 -11.95 -19.06 -12.25
C ASP A 336 -12.98 -19.06 -13.37
N ALA A 337 -12.51 -18.84 -14.60
CA ALA A 337 -13.38 -18.79 -15.78
C ALA A 337 -13.45 -20.13 -16.53
N GLY A 338 -12.49 -21.01 -16.31
CA GLY A 338 -12.46 -22.31 -16.98
C GLY A 338 -11.67 -22.32 -18.27
N GLN A 339 -10.70 -21.42 -18.40
CA GLN A 339 -9.81 -21.41 -19.56
C GLN A 339 -8.34 -21.28 -19.15
N SER A 340 -7.93 -22.14 -18.22
CA SER A 340 -6.64 -22.00 -17.59
C SER A 340 -5.45 -21.93 -18.56
N ASP A 341 -5.63 -22.38 -19.80
CA ASP A 341 -4.51 -22.44 -20.73
C ASP A 341 -4.34 -21.21 -21.64
N LEU A 342 -5.18 -20.20 -21.54
CA LEU A 342 -5.14 -19.11 -22.54
C LEU A 342 -3.83 -18.34 -22.51
N LEU A 343 -3.25 -18.15 -21.32
CA LEU A 343 -2.01 -17.40 -21.21
C LEU A 343 -0.88 -18.17 -21.86
N ALA A 344 -0.76 -19.44 -21.51
CA ALA A 344 0.27 -20.28 -22.11
C ALA A 344 0.07 -20.36 -23.62
N ASN A 345 -1.18 -20.47 -24.06
CA ASN A 345 -1.45 -20.61 -25.48
C ASN A 345 -1.14 -19.34 -26.26
N ALA A 346 -1.37 -18.18 -25.64
CA ALA A 346 -1.01 -16.92 -26.28
C ALA A 346 0.52 -16.79 -26.38
N GLU A 347 1.21 -17.10 -25.28
CA GLU A 347 2.68 -17.03 -25.29
C GLU A 347 3.23 -17.95 -26.35
N ASN A 348 2.64 -19.13 -26.47
CA ASN A 348 3.10 -20.09 -27.46
C ASN A 348 2.81 -19.67 -28.90
N LEU A 349 1.65 -19.05 -29.12
CA LEU A 349 1.27 -18.61 -30.45
C LEU A 349 2.35 -17.69 -31.00
N TYR A 350 2.90 -16.87 -30.12
CA TYR A 350 3.88 -15.87 -30.52
C TYR A 350 5.34 -16.31 -30.39
N PHE A 351 5.55 -17.53 -29.90
CA PHE A 351 6.91 -18.02 -29.66
C PHE A 351 7.53 -18.55 -30.96
N GLN A 352 8.69 -18.00 -31.31
CA GLN A 352 9.50 -18.51 -32.42
C GLN A 352 10.95 -18.65 -31.96
N ALA B 28 24.98 1.12 -24.89
CA ALA B 28 24.14 2.27 -24.64
C ALA B 28 22.68 1.83 -24.67
N THR B 29 21.81 2.63 -24.11
CA THR B 29 20.41 2.29 -24.06
C THR B 29 19.58 3.43 -24.63
N THR B 30 18.35 3.08 -24.98
CA THR B 30 17.41 4.01 -25.57
C THR B 30 16.08 3.94 -24.84
N LEU B 31 15.56 5.09 -24.43
CA LEU B 31 14.28 5.17 -23.75
C LEU B 31 13.34 6.05 -24.53
N ASN B 32 12.09 5.63 -24.59
CA ASN B 32 11.06 6.43 -25.22
C ASN B 32 10.55 7.49 -24.26
N LEU B 33 10.32 8.68 -24.79
CA LEU B 33 9.73 9.79 -24.05
C LEU B 33 8.48 10.25 -24.76
N SER B 34 7.34 10.03 -24.10
CA SER B 34 6.03 10.33 -24.63
C SER B 34 5.51 11.65 -24.10
N TYR B 35 4.77 12.38 -24.93
CA TYR B 35 4.20 13.66 -24.53
C TYR B 35 3.19 14.14 -25.56
N ASN B 36 2.42 15.17 -25.17
CA ASN B 36 1.38 15.73 -26.00
C ASN B 36 1.87 16.79 -26.97
N GLY B 37 1.16 16.93 -28.09
CA GLY B 37 1.41 18.03 -29.00
C GLY B 37 2.39 17.70 -30.10
N PRO B 38 2.42 18.50 -31.16
CA PRO B 38 3.25 18.22 -32.33
C PRO B 38 4.72 18.47 -32.07
N PRO B 39 5.58 17.85 -32.88
CA PRO B 39 7.04 18.02 -32.76
C PRO B 39 7.49 19.31 -33.45
N ASP B 40 6.94 20.41 -32.96
CA ASP B 40 7.16 21.73 -33.49
C ASP B 40 7.53 22.60 -32.29
N THR B 41 8.79 22.97 -32.20
CA THR B 41 9.27 23.74 -31.08
C THR B 41 8.46 25.02 -30.88
N ASP B 42 8.21 25.75 -31.96
CA ASP B 42 7.55 27.06 -31.88
C ASP B 42 6.14 26.96 -31.31
N LYS B 43 5.45 25.88 -31.64
CA LYS B 43 4.05 25.72 -31.24
C LYS B 43 3.83 24.81 -30.05
N ASN B 44 4.90 24.19 -29.54
CA ASN B 44 4.73 23.21 -28.50
C ASN B 44 5.88 23.29 -27.49
N ALA B 45 5.63 23.96 -26.37
CA ALA B 45 6.64 24.10 -25.33
C ALA B 45 7.02 22.75 -24.70
N VAL B 46 6.17 21.74 -24.81
CA VAL B 46 6.53 20.44 -24.28
C VAL B 46 7.55 19.78 -25.22
N HIS B 47 7.43 20.03 -26.52
CA HIS B 47 8.41 19.54 -27.47
C HIS B 47 9.75 20.27 -27.26
N LEU B 48 9.69 21.57 -26.97
CA LEU B 48 10.90 22.30 -26.65
C LEU B 48 11.63 21.57 -25.52
N PHE B 49 10.90 21.24 -24.47
CA PHE B 49 11.50 20.58 -23.31
C PHE B 49 12.04 19.20 -23.68
N ALA B 50 11.22 18.43 -24.37
CA ALA B 50 11.61 17.07 -24.75
C ALA B 50 12.86 17.08 -25.62
N SER B 51 12.94 18.02 -26.56
CA SER B 51 14.09 18.17 -27.45
C SER B 51 15.35 18.55 -26.70
N ASN B 52 15.21 19.48 -25.76
CA ASN B 52 16.35 19.89 -24.96
C ASN B 52 16.78 18.78 -24.05
N LEU B 53 15.82 18.10 -23.43
CA LEU B 53 16.16 16.98 -22.56
C LEU B 53 16.90 15.88 -23.34
N LYS B 54 16.42 15.53 -24.52
CA LYS B 54 17.10 14.56 -25.37
C LYS B 54 18.57 14.94 -25.59
N ARG B 55 18.79 16.18 -25.99
CA ARG B 55 20.13 16.66 -26.27
C ARG B 55 21.00 16.60 -25.01
N LEU B 56 20.45 17.05 -23.89
CA LEU B 56 21.22 17.16 -22.66
C LEU B 56 21.51 15.82 -22.01
N VAL B 57 20.56 14.90 -22.10
CA VAL B 57 20.77 13.57 -21.55
C VAL B 57 21.87 12.86 -22.34
N GLU B 58 21.82 12.94 -23.66
CA GLU B 58 22.84 12.31 -24.50
C GLU B 58 24.21 12.89 -24.19
N GLU B 59 24.26 14.22 -24.01
CA GLU B 59 25.54 14.88 -23.74
C GLU B 59 26.10 14.49 -22.37
N LYS B 60 25.27 14.59 -21.33
CA LYS B 60 25.75 14.42 -19.96
C LYS B 60 26.04 12.96 -19.61
N THR B 61 25.48 12.03 -20.39
CA THR B 61 25.78 10.61 -20.18
C THR B 61 26.80 10.10 -21.19
N ASP B 62 27.36 11.02 -21.98
CA ASP B 62 28.38 10.64 -22.97
C ASP B 62 27.83 9.58 -23.91
N GLY B 63 26.54 9.70 -24.24
CA GLY B 63 25.90 8.86 -25.23
C GLY B 63 25.35 7.57 -24.67
N ASP B 64 25.57 7.31 -23.39
CA ASP B 64 25.17 6.02 -22.81
C ASP B 64 23.66 5.90 -22.64
N ILE B 65 22.96 7.03 -22.52
CA ILE B 65 21.50 7.04 -22.53
C ILE B 65 21.00 7.97 -23.62
N GLN B 66 20.07 7.45 -24.41
CA GLN B 66 19.52 8.18 -25.54
C GLN B 66 18.02 8.18 -25.39
N LEU B 67 17.39 9.28 -25.77
CA LEU B 67 15.93 9.39 -25.73
C LEU B 67 15.38 9.41 -27.14
N LYS B 68 14.22 8.78 -27.32
CA LYS B 68 13.50 8.79 -28.60
C LYS B 68 12.15 9.44 -28.33
N LEU B 69 11.80 10.45 -29.12
CA LEU B 69 10.66 11.31 -28.85
C LEU B 69 9.39 10.83 -29.52
N TYR B 70 8.33 10.71 -28.73
CA TYR B 70 7.04 10.23 -29.19
C TYR B 70 5.97 11.26 -28.87
N PRO B 71 5.86 12.28 -29.75
CA PRO B 71 4.95 13.39 -29.52
C PRO B 71 3.50 13.04 -29.93
N ASN B 72 2.64 14.04 -29.96
CA ASN B 72 1.26 13.89 -30.42
C ASN B 72 0.43 12.93 -29.58
N SER B 73 0.87 12.66 -28.36
CA SER B 73 0.24 11.62 -27.56
C SER B 73 0.11 10.32 -28.36
N MSE B 74 1.09 10.03 -29.20
CA MSE B 74 0.90 8.95 -30.16
C MSE B 74 0.85 7.56 -29.54
O MSE B 74 0.22 6.64 -30.10
CB MSE B 74 1.94 8.98 -31.29
CG MSE B 74 3.39 8.86 -30.83
SE MSE B 74 4.68 8.92 -32.29
CE MSE B 74 4.41 7.15 -32.79
H MSE B 74 1.84 10.44 -29.26
HA MSE B 74 0.03 9.09 -30.60
HB2 MSE B 74 1.76 8.24 -31.89
HB3 MSE B 74 1.85 9.82 -31.76
HG2 MSE B 74 3.59 9.59 -30.23
HG3 MSE B 74 3.50 8.01 -30.37
HE1 MSE B 74 4.97 6.94 -33.53
HE2 MSE B 74 4.62 6.58 -32.04
HE3 MSE B 74 3.49 7.04 -33.03
N LEU B 75 1.48 7.40 -28.38
CA LEU B 75 1.49 6.09 -27.72
C LEU B 75 0.29 5.94 -26.78
N GLY B 76 -0.54 6.97 -26.68
CA GLY B 76 -1.77 6.87 -25.93
C GLY B 76 -2.23 8.19 -25.30
N GLU B 77 -3.50 8.23 -24.92
CA GLU B 77 -3.96 9.33 -24.10
C GLU B 77 -3.44 9.17 -22.65
N GLU B 78 -3.85 10.07 -21.77
CA GLU B 78 -3.19 10.23 -20.50
C GLU B 78 -3.18 8.99 -19.63
N GLN B 79 -4.29 8.28 -19.51
CA GLN B 79 -4.33 7.11 -18.66
C GLN B 79 -3.38 6.02 -19.18
N GLU B 80 -3.46 5.75 -20.48
N GLU B 80 -3.44 5.75 -20.48
CA GLU B 80 -2.63 4.71 -21.08
CA GLU B 80 -2.61 4.67 -21.04
C GLU B 80 -1.15 5.02 -20.85
C GLU B 80 -1.13 5.00 -20.92
N ARG B 81 -0.76 6.27 -21.07
CA ARG B 81 0.65 6.62 -20.94
C ARG B 81 1.14 6.48 -19.51
N MSE B 82 0.29 6.74 -18.52
CA MSE B 82 0.70 6.51 -17.14
C MSE B 82 0.93 5.02 -16.89
O MSE B 82 1.90 4.61 -16.28
CB MSE B 82 -0.33 7.07 -16.16
CG MSE B 82 -0.24 8.55 -15.96
SE MSE B 82 1.45 9.23 -15.31
CE MSE B 82 1.81 8.04 -13.85
H MSE B 82 -0.51 7.05 -18.62
HA MSE B 82 1.55 6.98 -16.98
HB2 MSE B 82 -1.21 6.86 -16.48
HB3 MSE B 82 -0.19 6.64 -15.30
HG2 MSE B 82 -0.43 8.98 -16.81
HG3 MSE B 82 -0.93 8.81 -15.31
HE1 MSE B 82 2.65 8.29 -13.44
HE2 MSE B 82 1.10 8.11 -13.21
HE3 MSE B 82 1.87 7.14 -14.18
N GLU B 83 0.02 4.18 -17.39
CA GLU B 83 0.21 2.74 -17.31
C GLU B 83 1.53 2.33 -17.96
N GLN B 84 1.80 2.85 -19.15
CA GLN B 84 3.04 2.54 -19.86
C GLN B 84 4.28 2.91 -19.00
N VAL B 85 4.34 4.12 -18.47
CA VAL B 85 5.55 4.53 -17.74
C VAL B 85 5.68 3.79 -16.42
N ILE B 86 4.56 3.43 -15.81
CA ILE B 86 4.61 2.67 -14.56
C ILE B 86 5.19 1.27 -14.79
N ASN B 87 4.93 0.67 -15.95
CA ASN B 87 5.22 -0.72 -16.16
C ASN B 87 6.32 -1.08 -17.15
N THR B 88 6.85 -0.10 -17.89
CA THR B 88 7.89 -0.36 -18.87
C THR B 88 8.98 0.71 -18.78
N PRO B 89 10.24 0.35 -19.04
CA PRO B 89 11.33 1.33 -18.99
C PRO B 89 11.13 2.40 -20.05
N SER B 90 10.80 3.61 -19.61
CA SER B 90 10.34 4.66 -20.49
C SER B 90 10.14 5.91 -19.64
N LEU B 91 9.94 7.05 -20.31
CA LEU B 91 9.61 8.31 -19.67
C LEU B 91 8.29 8.81 -20.25
N ASN B 92 7.56 9.59 -19.45
CA ASN B 92 6.28 10.15 -19.88
C ASN B 92 6.13 11.54 -19.31
N ILE B 93 5.57 12.45 -20.09
CA ILE B 93 5.20 13.78 -19.58
C ILE B 93 3.69 13.75 -19.45
N ALA B 94 3.21 13.78 -18.20
CA ALA B 94 1.80 13.65 -17.88
C ALA B 94 1.17 14.95 -17.43
N SER B 95 -0.10 15.08 -17.76
CA SER B 95 -0.92 16.16 -17.23
C SER B 95 -1.62 15.75 -15.93
N PHE B 96 -2.36 16.70 -15.35
CA PHE B 96 -3.25 16.38 -14.25
C PHE B 96 -4.21 15.26 -14.61
N ALA B 97 -4.64 15.21 -15.87
CA ALA B 97 -5.57 14.16 -16.29
C ALA B 97 -4.95 12.76 -16.06
N GLY B 98 -3.67 12.60 -16.34
CA GLY B 98 -3.01 11.33 -16.13
C GLY B 98 -2.67 11.04 -14.68
N LEU B 99 -2.20 12.05 -13.96
CA LEU B 99 -1.65 11.80 -12.63
C LEU B 99 -2.70 11.86 -11.53
N SER B 100 -3.75 12.64 -11.70
CA SER B 100 -4.68 12.87 -10.56
C SER B 100 -5.45 11.64 -10.10
N PRO B 101 -5.73 10.67 -11.00
CA PRO B 101 -6.42 9.51 -10.47
C PRO B 101 -5.57 8.67 -9.53
N ILE B 102 -4.26 8.79 -9.63
CA ILE B 102 -3.32 7.98 -8.86
C ILE B 102 -2.82 8.75 -7.63
N VAL B 103 -2.54 10.05 -7.83
CA VAL B 103 -2.05 10.90 -6.76
C VAL B 103 -2.91 12.15 -6.69
N PRO B 104 -4.11 12.02 -6.13
CA PRO B 104 -5.01 13.17 -6.05
C PRO B 104 -4.42 14.27 -5.16
N GLU B 105 -3.41 13.96 -4.37
CA GLU B 105 -2.76 14.98 -3.57
C GLU B 105 -2.17 16.09 -4.40
N ILE B 106 -1.91 15.85 -5.69
CA ILE B 106 -1.46 16.93 -6.55
C ILE B 106 -2.46 18.07 -6.70
N TYR B 107 -3.73 17.81 -6.40
CA TYR B 107 -4.74 18.85 -6.47
C TYR B 107 -4.42 20.07 -5.58
N VAL B 108 -3.67 19.83 -4.49
CA VAL B 108 -3.39 20.93 -3.58
C VAL B 108 -2.58 22.00 -4.28
N SER B 109 -1.69 21.59 -5.19
CA SER B 109 -0.86 22.55 -5.92
C SER B 109 -1.61 23.45 -6.88
N ALA B 110 -2.90 23.16 -7.09
CA ALA B 110 -3.71 23.93 -8.05
C ALA B 110 -4.76 24.81 -7.36
N ILE B 111 -4.62 25.03 -6.07
CA ILE B 111 -5.45 26.02 -5.41
C ILE B 111 -5.36 27.31 -6.22
N PRO B 112 -6.51 27.90 -6.59
CA PRO B 112 -6.46 29.12 -7.41
C PRO B 112 -5.67 30.21 -6.75
N PHE B 113 -4.85 30.88 -7.57
CA PHE B 113 -4.06 32.05 -7.15
C PHE B 113 -3.07 31.72 -6.03
N LEU B 114 -2.66 30.45 -5.97
CA LEU B 114 -1.68 30.03 -4.97
C LEU B 114 -0.35 30.74 -5.19
N PHE B 115 0.02 30.98 -6.45
CA PHE B 115 1.36 31.52 -6.77
C PHE B 115 1.24 32.92 -7.35
N GLU B 116 1.91 33.88 -6.73
CA GLU B 116 1.78 35.26 -7.20
C GLU B 116 2.63 35.50 -8.44
N ASP B 117 3.68 34.69 -8.62
CA ASP B 117 4.54 34.84 -9.80
C ASP B 117 5.21 33.52 -10.12
N TYR B 118 5.94 33.45 -11.23
CA TYR B 118 6.56 32.18 -11.63
C TYR B 118 7.57 31.69 -10.57
N GLU B 119 8.31 32.63 -10.00
CA GLU B 119 9.39 32.30 -9.09
C GLU B 119 8.86 31.56 -7.87
N ALA B 120 7.70 31.96 -7.38
CA ALA B 120 7.10 31.30 -6.24
C ALA B 120 6.84 29.82 -6.54
N ALA B 121 6.32 29.57 -7.73
CA ALA B 121 6.08 28.19 -8.16
C ALA B 121 7.38 27.42 -8.32
N HIS B 122 8.40 28.04 -8.89
CA HIS B 122 9.66 27.33 -9.10
C HIS B 122 10.19 26.79 -7.77
N GLN B 123 10.30 27.64 -6.76
CA GLN B 123 10.86 27.16 -5.53
C GLN B 123 9.93 26.14 -4.84
N PHE B 124 8.62 26.32 -4.96
CA PHE B 124 7.61 25.39 -4.40
C PHE B 124 7.83 23.98 -4.94
N PHE B 125 7.95 23.83 -6.25
CA PHE B 125 8.13 22.49 -6.82
C PHE B 125 9.57 22.01 -6.69
N ASP B 126 10.54 22.90 -6.85
CA ASP B 126 11.92 22.45 -6.87
C ASP B 126 12.39 21.94 -5.51
N GLU B 127 11.93 22.55 -4.43
CA GLU B 127 12.46 22.16 -3.13
C GLU B 127 11.47 22.07 -1.96
N GLY B 128 10.20 22.32 -2.21
CA GLY B 128 9.22 22.37 -1.15
C GLY B 128 8.91 21.03 -0.53
N ASP B 129 8.54 21.04 0.74
CA ASP B 129 8.27 19.80 1.47
C ASP B 129 7.03 19.09 0.94
N TYR B 130 5.99 19.84 0.59
CA TYR B 130 4.81 19.24 0.04
C TYR B 130 5.13 18.47 -1.24
N TRP B 131 5.86 19.08 -2.16
CA TRP B 131 6.10 18.40 -3.41
C TRP B 131 7.04 17.21 -3.21
N ASN B 132 7.98 17.32 -2.28
CA ASN B 132 8.80 16.18 -1.96
C ASN B 132 7.96 14.99 -1.48
N LYS B 133 6.91 15.27 -0.72
CA LYS B 133 6.04 14.18 -0.27
C LYS B 133 5.21 13.62 -1.43
N VAL B 134 4.73 14.48 -2.34
CA VAL B 134 4.06 14.01 -3.54
C VAL B 134 4.97 13.05 -4.34
N GLU B 135 6.23 13.42 -4.52
CA GLU B 135 7.18 12.57 -5.20
C GLU B 135 7.27 11.18 -4.53
N ASP B 136 7.41 11.18 -3.20
CA ASP B 136 7.53 9.94 -2.47
C ASP B 136 6.24 9.12 -2.57
N THR B 137 5.11 9.81 -2.58
CA THR B 137 3.81 9.14 -2.64
C THR B 137 3.62 8.43 -3.98
N LEU B 138 3.99 9.08 -5.08
CA LEU B 138 3.89 8.43 -6.38
C LEU B 138 4.79 7.18 -6.39
N GLU B 139 6.00 7.32 -5.85
CA GLU B 139 6.95 6.20 -5.85
C GLU B 139 6.46 5.02 -5.01
N GLU B 140 5.90 5.31 -3.83
CA GLU B 140 5.35 4.27 -2.96
C GLU B 140 4.17 3.54 -3.61
N ARG B 141 3.33 4.25 -4.36
CA ARG B 141 2.10 3.67 -4.91
C ARG B 141 2.33 2.92 -6.23
N THR B 142 3.33 3.34 -6.98
CA THR B 142 3.51 2.84 -8.35
C THR B 142 4.93 2.50 -8.75
N GLY B 143 5.92 2.87 -7.94
CA GLY B 143 7.32 2.72 -8.28
C GLY B 143 7.84 3.85 -9.15
N ALA B 144 6.97 4.60 -9.82
CA ALA B 144 7.42 5.63 -10.75
C ALA B 144 7.99 6.85 -10.06
N GLU B 145 8.93 7.49 -10.74
CA GLU B 145 9.71 8.59 -10.19
C GLU B 145 9.30 9.91 -10.85
N LEU B 146 8.88 10.88 -10.04
CA LEU B 146 8.48 12.19 -10.53
C LEU B 146 9.71 13.07 -10.60
N LEU B 147 10.34 13.14 -11.76
CA LEU B 147 11.65 13.78 -11.93
C LEU B 147 11.64 15.31 -12.00
N GLY B 148 10.54 15.86 -12.46
CA GLY B 148 10.48 17.30 -12.55
C GLY B 148 9.11 17.79 -12.94
N VAL B 149 8.95 19.10 -12.74
CA VAL B 149 7.73 19.83 -13.04
C VAL B 149 8.07 20.79 -14.16
N ILE B 150 7.51 20.52 -15.33
CA ILE B 150 7.81 21.26 -16.53
C ILE B 150 6.84 22.43 -16.67
N GLU B 151 7.39 23.63 -16.76
CA GLU B 151 6.60 24.82 -17.09
C GLU B 151 6.44 24.85 -18.60
N GLU B 152 5.21 24.69 -19.09
CA GLU B 152 4.97 24.61 -20.54
C GLU B 152 3.91 25.58 -20.99
N GLY B 153 3.73 26.63 -20.19
CA GLY B 153 2.86 27.73 -20.49
C GLY B 153 2.88 28.72 -19.35
N GLY B 154 2.31 29.90 -19.58
CA GLY B 154 2.11 30.84 -18.51
C GLY B 154 0.96 30.43 -17.62
N PHE B 155 0.47 31.37 -16.80
CA PHE B 155 -0.67 31.08 -15.95
C PHE B 155 -1.92 30.85 -16.81
N LEU B 156 -2.84 30.06 -16.30
CA LEU B 156 -4.00 29.67 -17.07
C LEU B 156 -5.00 30.81 -17.24
N ASP B 157 -5.56 30.87 -18.45
CA ASP B 157 -6.65 31.79 -18.78
C ASP B 157 -7.92 31.02 -19.14
N PHE B 158 -9.03 31.73 -19.25
CA PHE B 158 -10.28 31.12 -19.71
C PHE B 158 -10.58 31.50 -21.15
N THR B 159 -11.19 30.59 -21.89
CA THR B 159 -11.77 30.91 -23.19
C THR B 159 -13.20 30.42 -23.24
N ASN B 160 -14.04 31.10 -24.01
CA ASN B 160 -15.34 30.54 -24.32
C ASN B 160 -15.90 31.15 -25.59
N SER B 161 -17.02 30.59 -26.03
CA SER B 161 -17.64 31.01 -27.28
C SER B 161 -18.97 31.76 -27.09
N LYS B 162 -19.42 31.91 -25.85
CA LYS B 162 -20.77 32.43 -25.56
C LYS B 162 -20.81 33.92 -25.25
N ARG B 163 -19.97 34.35 -24.31
CA ARG B 163 -19.96 35.76 -23.93
C ARG B 163 -18.66 36.16 -23.25
N PRO B 164 -18.39 37.46 -23.18
CA PRO B 164 -17.21 37.92 -22.43
C PRO B 164 -17.33 37.51 -20.98
N ILE B 165 -16.23 37.05 -20.39
CA ILE B 165 -16.19 36.74 -18.99
C ILE B 165 -15.21 37.68 -18.30
N SER B 166 -15.72 38.51 -17.41
CA SER B 166 -14.92 39.44 -16.64
C SER B 166 -15.04 39.21 -15.13
N SER B 167 -16.17 38.68 -14.68
CA SER B 167 -16.42 38.47 -13.26
C SER B 167 -16.84 37.04 -13.02
N PRO B 168 -16.76 36.57 -11.77
CA PRO B 168 -17.18 35.19 -11.57
C PRO B 168 -18.63 34.97 -12.02
N GLU B 169 -19.46 36.00 -11.90
CA GLU B 169 -20.89 35.82 -12.19
C GLU B 169 -21.11 35.51 -13.68
N ASP B 170 -20.16 35.90 -14.52
CA ASP B 170 -20.28 35.64 -15.95
C ASP B 170 -20.19 34.16 -16.32
N PHE B 171 -19.70 33.33 -15.38
CA PHE B 171 -19.67 31.89 -15.59
C PHE B 171 -21.05 31.22 -15.46
N GLU B 172 -22.00 31.91 -14.87
CA GLU B 172 -23.27 31.28 -14.55
C GLU B 172 -24.00 30.72 -15.78
N GLY B 173 -24.33 29.44 -15.70
CA GLY B 173 -25.04 28.75 -16.75
C GLY B 173 -24.19 28.23 -17.90
N LEU B 174 -22.89 28.53 -17.88
CA LEU B 174 -22.01 28.04 -18.92
C LEU B 174 -21.53 26.63 -18.61
N ARG B 175 -21.10 25.91 -19.64
CA ARG B 175 -20.59 24.56 -19.48
C ARG B 175 -19.17 24.54 -20.01
N PHE B 176 -18.22 24.18 -19.16
CA PHE B 176 -16.82 24.21 -19.54
C PHE B 176 -16.24 22.80 -19.64
N ARG B 177 -15.32 22.64 -20.58
CA ARG B 177 -14.49 21.44 -20.63
C ARG B 177 -13.48 21.48 -19.50
N ALA B 178 -13.30 20.33 -18.86
CA ALA B 178 -12.34 20.14 -17.77
C ALA B 178 -11.26 19.14 -18.16
N MSE B 179 -10.02 19.48 -17.80
CA MSE B 179 -8.93 18.52 -17.90
C MSE B 179 -9.11 17.40 -16.87
O MSE B 179 -8.81 16.24 -17.15
CB MSE B 179 -7.61 19.23 -17.64
CG MSE B 179 -6.43 18.29 -17.53
SE MSE B 179 -4.71 19.21 -17.52
CE MSE B 179 -4.97 20.46 -16.03
H MSE B 179 -9.79 20.24 -17.50
HA MSE B 179 -8.91 18.14 -18.80
HB2 MSE B 179 -7.44 19.85 -18.37
HB3 MSE B 179 -7.68 19.72 -16.81
HG2 MSE B 179 -6.50 17.79 -16.70
HG3 MSE B 179 -6.43 17.69 -18.29
HE1 MSE B 179 -4.17 20.98 -15.93
HE2 MSE B 179 -5.71 21.03 -16.23
HE3 MSE B 179 -5.14 19.95 -15.23
N ASP B 180 -9.60 17.77 -15.69
CA ASP B 180 -9.67 16.84 -14.56
C ASP B 180 -10.68 17.38 -13.56
N PRO B 181 -11.02 16.60 -12.54
CA PRO B 181 -12.05 17.05 -11.59
C PRO B 181 -11.71 18.35 -10.86
N SER B 182 -10.44 18.74 -10.71
CA SER B 182 -10.18 20.01 -10.03
C SER B 182 -10.73 21.17 -10.84
N GLN B 183 -10.72 21.08 -12.16
CA GLN B 183 -11.27 22.17 -12.95
C GLN B 183 -12.80 22.16 -12.82
N VAL B 184 -13.41 20.99 -12.75
CA VAL B 184 -14.85 20.91 -12.48
C VAL B 184 -15.19 21.67 -11.21
N ALA B 185 -14.41 21.45 -10.15
CA ALA B 185 -14.68 22.11 -8.89
C ALA B 185 -14.57 23.61 -9.00
N LEU B 186 -13.55 24.09 -9.71
CA LEU B 186 -13.40 25.54 -9.91
C LEU B 186 -14.59 26.10 -10.68
N TYR B 187 -15.00 25.44 -11.76
CA TYR B 187 -16.13 25.91 -12.54
C TYR B 187 -17.36 26.02 -11.66
N GLU B 188 -17.62 25.00 -10.86
CA GLU B 188 -18.81 24.97 -10.04
C GLU B 188 -18.78 26.07 -8.98
N ALA B 189 -17.58 26.46 -8.53
CA ALA B 189 -17.45 27.57 -7.59
C ALA B 189 -17.99 28.86 -8.20
N PHE B 190 -17.93 28.97 -9.52
CA PHE B 190 -18.38 30.18 -10.22
C PHE B 190 -19.76 30.03 -10.87
N GLY B 191 -20.42 28.90 -10.64
CA GLY B 191 -21.77 28.65 -11.11
C GLY B 191 -21.86 28.04 -12.49
N ALA B 192 -20.74 27.57 -13.03
CA ALA B 192 -20.74 26.87 -14.31
C ALA B 192 -20.73 25.37 -14.06
N SER B 193 -21.00 24.60 -15.10
CA SER B 193 -20.81 23.15 -15.04
C SER B 193 -19.52 22.79 -15.76
N GLY B 194 -19.02 21.59 -15.50
CA GLY B 194 -17.84 21.07 -16.15
C GLY B 194 -17.97 19.64 -16.61
N THR B 195 -17.33 19.29 -17.72
CA THR B 195 -17.35 17.92 -18.29
C THR B 195 -15.90 17.57 -18.61
N PRO B 196 -15.40 16.42 -18.11
CA PRO B 196 -14.03 16.08 -18.49
C PRO B 196 -13.98 15.62 -19.93
N ILE B 197 -13.04 16.13 -20.71
CA ILE B 197 -12.85 15.70 -22.08
C ILE B 197 -11.35 15.61 -22.32
N PRO B 198 -10.85 14.52 -22.92
CA PRO B 198 -9.41 14.45 -23.16
C PRO B 198 -8.90 15.61 -24.03
N TRP B 199 -7.64 15.97 -23.85
CA TRP B 199 -7.06 17.03 -24.66
C TRP B 199 -7.26 16.80 -26.17
N THR B 200 -7.03 15.57 -26.61
CA THR B 200 -7.07 15.27 -28.04
C THR B 200 -8.46 15.36 -28.64
N ASP B 201 -9.49 15.51 -27.82
CA ASP B 201 -10.85 15.74 -28.34
C ASP B 201 -11.46 17.09 -27.93
N THR B 202 -10.64 17.98 -27.37
CA THR B 202 -11.15 19.23 -26.82
C THR B 202 -11.58 20.22 -27.92
N TYR B 203 -10.80 20.33 -28.98
CA TYR B 203 -11.17 21.17 -30.11
C TYR B 203 -12.58 20.82 -30.61
N MSE B 204 -12.83 19.54 -30.88
CA MSE B 204 -14.13 19.14 -31.38
C MSE B 204 -15.26 19.33 -30.37
O MSE B 204 -16.37 19.67 -30.73
CB MSE B 204 -14.10 17.69 -31.83
CG MSE B 204 -13.41 17.49 -33.17
SE MSE B 204 -14.23 18.54 -34.61
CE MSE B 204 -15.95 17.63 -34.77
H MSE B 204 -12.26 18.89 -30.79
HA MSE B 204 -14.33 19.69 -32.16
HB2 MSE B 204 -13.61 17.16 -31.17
HB3 MSE B 204 -15.00 17.37 -31.91
HG2 MSE B 204 -12.49 17.77 -33.08
HG3 MSE B 204 -13.45 16.56 -33.40
HE1 MSE B 204 -16.47 18.05 -35.45
HE2 MSE B 204 -15.80 16.71 -34.98
HE3 MSE B 204 -16.41 17.69 -33.92
N ALA B 205 -14.97 19.10 -29.09
CA ALA B 205 -15.97 19.37 -28.07
C ALA B 205 -16.40 20.83 -28.10
N LEU B 206 -15.45 21.73 -28.30
CA LEU B 206 -15.77 23.15 -28.42
C LEU B 206 -16.47 23.49 -29.74
N LYS B 207 -15.99 22.93 -30.85
CA LYS B 207 -16.59 23.22 -32.15
C LYS B 207 -18.04 22.79 -32.20
N THR B 208 -18.33 21.63 -31.62
CA THR B 208 -19.68 21.06 -31.67
C THR B 208 -20.56 21.53 -30.52
N ASN B 209 -20.01 22.37 -29.67
CA ASN B 209 -20.77 22.99 -28.58
C ASN B 209 -21.19 22.03 -27.48
N VAL B 210 -20.45 20.92 -27.36
CA VAL B 210 -20.57 20.06 -26.19
C VAL B 210 -20.14 20.86 -24.98
N ALA B 211 -19.16 21.75 -25.15
CA ALA B 211 -18.79 22.70 -24.11
C ALA B 211 -18.70 24.11 -24.67
N ASP B 212 -18.96 25.09 -23.81
CA ASP B 212 -18.85 26.49 -24.21
C ASP B 212 -17.42 27.01 -24.12
N GLY B 213 -16.64 26.46 -23.20
CA GLY B 213 -15.34 27.02 -22.89
C GLY B 213 -14.37 26.02 -22.30
N GLN B 214 -13.16 26.50 -22.02
CA GLN B 214 -12.12 25.69 -21.38
C GLN B 214 -11.13 26.61 -20.70
N MSE B 215 -10.09 26.04 -20.09
CA MSE B 215 -9.06 26.83 -19.44
C MSE B 215 -7.69 26.23 -19.74
O MSE B 215 -7.53 25.01 -19.76
CB MSE B 215 -9.33 26.96 -17.94
CG MSE B 215 -9.28 25.69 -17.16
SE MSE B 215 -9.88 26.00 -15.31
CE MSE B 215 -8.43 27.16 -14.81
H MSE B 215 -9.97 25.18 -20.05
HA MSE B 215 -9.09 27.73 -19.82
HB2 MSE B 215 -8.68 27.56 -17.57
HB3 MSE B 215 -10.22 27.33 -17.83
HG2 MSE B 215 -9.87 25.02 -17.56
HG3 MSE B 215 -8.37 25.36 -17.13
HE1 MSE B 215 -8.56 27.44 -13.90
HE2 MSE B 215 -7.61 26.69 -14.91
HE3 MSE B 215 -8.44 27.93 -15.38
N ASN B 216 -6.72 27.10 -19.99
CA ASN B 216 -5.38 26.68 -20.40
C ASN B 216 -4.56 27.95 -20.57
N PRO B 217 -3.23 27.86 -20.54
CA PRO B 217 -2.42 29.02 -20.91
C PRO B 217 -2.50 29.27 -22.40
N PRO B 218 -2.12 30.47 -22.84
CA PRO B 218 -2.07 30.79 -24.26
C PRO B 218 -1.37 29.73 -25.12
N MSE B 219 -0.32 29.12 -24.61
CA MSE B 219 0.39 28.08 -25.35
C MSE B 219 -0.58 27.01 -25.91
O MSE B 219 -0.58 26.73 -27.11
CB MSE B 219 1.47 27.44 -24.45
CG MSE B 219 2.66 26.84 -25.19
SE MSE B 219 2.36 25.20 -26.16
CE MSE B 219 2.07 23.97 -24.69
H MSE B 219 0.01 29.28 -23.84
HA MSE B 219 0.85 28.50 -26.11
HB2 MSE B 219 1.81 28.12 -23.85
HB3 MSE B 219 1.06 26.72 -23.94
HG2 MSE B 219 2.99 27.50 -25.83
HG3 MSE B 219 3.36 26.67 -24.54
HE1 MSE B 219 1.91 23.10 -25.05
HE2 MSE B 219 2.86 23.96 -24.15
HE3 MSE B 219 1.32 24.28 -24.19
N TYR B 220 -1.40 26.42 -25.04
CA TYR B 220 -2.31 25.36 -25.46
C TYR B 220 -3.45 25.89 -26.30
N ILE B 221 -3.92 27.10 -25.99
CA ILE B 221 -5.00 27.69 -26.78
C ILE B 221 -4.54 27.77 -28.25
N ILE B 222 -3.29 28.17 -28.46
CA ILE B 222 -2.71 28.20 -29.80
C ILE B 222 -2.44 26.79 -30.36
N MSE B 223 -1.84 25.93 -29.54
CA MSE B 223 -1.42 24.62 -30.01
C MSE B 223 -2.60 23.78 -30.52
O MSE B 223 -2.46 23.06 -31.49
CB MSE B 223 -0.68 23.88 -28.90
CG MSE B 223 0.07 22.65 -29.42
SE MSE B 223 1.08 21.82 -27.98
CE MSE B 223 -0.37 20.71 -27.27
H MSE B 223 -1.66 26.09 -28.71
HA MSE B 223 -0.79 24.75 -30.76
HB2 MSE B 223 -0.04 24.48 -28.49
HB3 MSE B 223 -1.33 23.58 -28.25
HG2 MSE B 223 -0.56 22.00 -29.77
HG3 MSE B 223 0.70 22.92 -30.11
HE1 MSE B 223 -0.05 20.21 -26.53
HE2 MSE B 223 -1.09 21.29 -27.00
HE3 MSE B 223 -0.67 20.12 -27.97
N GLY B 224 -3.73 23.87 -29.83
CA GLY B 224 -4.92 23.14 -30.24
C GLY B 224 -5.82 23.89 -31.19
N SER B 225 -5.37 25.04 -31.66
CA SER B 225 -6.15 25.89 -32.59
C SER B 225 -7.48 26.28 -31.99
N LEU B 226 -7.54 26.44 -30.68
CA LEU B 226 -8.82 26.67 -30.02
C LEU B 226 -9.41 28.03 -30.36
N TYR B 227 -8.55 28.96 -30.82
CA TYR B 227 -9.02 30.26 -31.30
C TYR B 227 -9.95 30.18 -32.51
N GLU B 228 -10.00 29.04 -33.19
CA GLU B 228 -10.90 28.87 -34.32
C GLU B 228 -12.32 28.58 -33.85
N VAL B 229 -12.44 28.16 -32.59
CA VAL B 229 -13.73 27.74 -32.05
C VAL B 229 -14.05 28.39 -30.70
N GLN B 230 -13.32 29.45 -30.38
CA GLN B 230 -13.53 30.25 -29.17
C GLN B 230 -13.32 31.72 -29.53
N LYS B 231 -14.10 32.61 -28.92
CA LYS B 231 -14.07 34.04 -29.26
C LYS B 231 -13.53 34.90 -28.12
N TYR B 232 -13.76 34.50 -26.89
CA TYR B 232 -13.48 35.37 -25.75
C TYR B 232 -12.38 34.83 -24.89
N LEU B 233 -11.36 35.65 -24.65
CA LEU B 233 -10.21 35.23 -23.86
C LEU B 233 -10.14 36.11 -22.62
N THR B 234 -10.20 35.49 -21.45
CA THR B 234 -10.11 36.20 -20.19
C THR B 234 -8.76 35.94 -19.54
N LEU B 235 -8.01 37.00 -19.32
CA LEU B 235 -6.68 36.90 -18.71
C LEU B 235 -6.79 36.85 -17.18
N ALA B 236 -7.23 35.71 -16.68
CA ALA B 236 -7.42 35.48 -15.26
C ALA B 236 -6.13 35.10 -14.53
N ASN B 237 -5.20 34.48 -15.26
CA ASN B 237 -3.94 34.04 -14.66
C ASN B 237 -4.16 33.31 -13.34
N VAL B 238 -5.01 32.29 -13.39
CA VAL B 238 -5.64 31.73 -12.20
C VAL B 238 -4.85 30.56 -11.57
N GLN B 239 -4.09 29.83 -12.39
CA GLN B 239 -3.30 28.70 -11.91
C GLN B 239 -2.00 28.62 -12.68
N TYR B 240 -1.00 27.98 -12.11
CA TYR B 240 0.29 27.78 -12.76
C TYR B 240 0.19 26.64 -13.77
N SER B 241 0.71 26.84 -14.98
CA SER B 241 0.69 25.76 -15.98
C SER B 241 1.88 24.87 -15.83
N ASP B 242 1.62 23.57 -15.64
CA ASP B 242 2.67 22.59 -15.61
C ASP B 242 2.25 21.24 -16.16
N GLN B 243 3.28 20.46 -16.52
CA GLN B 243 3.12 19.02 -16.67
C GLN B 243 4.27 18.34 -15.94
N PHE B 244 4.23 17.00 -15.89
CA PHE B 244 5.05 16.26 -14.94
C PHE B 244 5.88 15.21 -15.65
N LEU B 245 7.20 15.32 -15.52
CA LEU B 245 8.10 14.34 -16.11
C LEU B 245 8.21 13.15 -15.18
N ILE B 246 7.79 11.99 -15.68
CA ILE B 246 7.75 10.76 -14.90
C ILE B 246 8.66 9.72 -15.54
N ALA B 247 9.40 9.01 -14.70
CA ALA B 247 10.28 7.93 -15.15
C ALA B 247 9.87 6.60 -14.54
N ASN B 248 9.98 5.55 -15.33
CA ASN B 248 9.80 4.21 -14.81
C ASN B 248 10.74 3.96 -13.65
N GLY B 249 10.20 3.40 -12.56
CA GLY B 249 10.97 3.16 -11.35
C GLY B 249 12.11 2.17 -11.47
N GLU B 250 11.83 1.00 -12.03
CA GLU B 250 12.86 -0.04 -12.15
C GLU B 250 14.01 0.50 -12.99
N TRP B 251 13.70 1.19 -14.07
CA TRP B 251 14.74 1.76 -14.91
C TRP B 251 15.58 2.74 -14.13
N TYR B 252 14.93 3.69 -13.47
CA TYR B 252 15.65 4.78 -12.84
C TYR B 252 16.52 4.31 -11.69
N ASP B 253 15.97 3.38 -10.92
CA ASP B 253 16.66 2.88 -9.73
C ASP B 253 17.86 2.04 -10.09
N ASP B 254 17.88 1.47 -11.29
CA ASP B 254 19.00 0.62 -11.72
C ASP B 254 20.12 1.38 -12.41
N LEU B 255 19.93 2.68 -12.62
CA LEU B 255 20.95 3.51 -13.23
C LEU B 255 22.17 3.51 -12.32
N SER B 256 23.36 3.63 -12.93
CA SER B 256 24.54 3.92 -12.15
C SER B 256 24.38 5.28 -11.51
N GLU B 257 25.09 5.51 -10.41
CA GLU B 257 25.03 6.81 -9.75
C GLU B 257 25.41 7.92 -10.72
N GLU B 258 26.44 7.68 -11.52
CA GLU B 258 26.90 8.66 -12.49
C GLU B 258 25.76 9.05 -13.42
N ASN B 259 25.09 8.05 -14.00
CA ASN B 259 24.00 8.32 -14.94
C ASN B 259 22.80 8.97 -14.29
N ARG B 260 22.47 8.58 -13.05
CA ARG B 260 21.35 9.21 -12.34
C ARG B 260 21.64 10.70 -12.17
N GLN B 261 22.85 11.01 -11.73
CA GLN B 261 23.22 12.41 -11.55
C GLN B 261 23.21 13.17 -12.86
N ALA B 262 23.67 12.54 -13.93
CA ALA B 262 23.62 13.14 -15.25
C ALA B 262 22.18 13.44 -15.68
N ILE B 263 21.29 12.48 -15.47
CA ILE B 263 19.88 12.69 -15.79
C ILE B 263 19.28 13.82 -14.95
N GLU B 264 19.56 13.82 -13.65
CA GLU B 264 19.07 14.89 -12.78
C GLU B 264 19.53 16.25 -13.30
N ALA B 265 20.80 16.34 -13.70
CA ALA B 265 21.35 17.60 -14.20
C ALA B 265 20.68 18.02 -15.50
N ALA B 266 20.46 17.04 -16.38
CA ALA B 266 19.82 17.33 -17.65
C ALA B 266 18.40 17.83 -17.45
N VAL B 267 17.66 17.18 -16.55
CA VAL B 267 16.32 17.61 -16.23
C VAL B 267 16.31 19.04 -15.70
N GLN B 268 17.20 19.35 -14.76
CA GLN B 268 17.23 20.70 -14.21
C GLN B 268 17.51 21.75 -15.28
N GLU B 269 18.46 21.45 -16.17
CA GLU B 269 18.83 22.41 -17.19
C GLU B 269 17.71 22.54 -18.21
N ALA B 270 17.12 21.44 -18.65
CA ALA B 270 16.02 21.55 -19.61
C ALA B 270 14.84 22.29 -18.97
N SER B 271 14.60 22.06 -17.69
CA SER B 271 13.51 22.72 -17.02
C SER B 271 13.76 24.25 -17.00
N GLU B 272 14.98 24.67 -16.67
CA GLU B 272 15.32 26.08 -16.68
C GLU B 272 15.13 26.69 -18.07
N LEU B 273 15.60 26.00 -19.10
CA LEU B 273 15.44 26.48 -20.46
C LEU B 273 13.97 26.69 -20.81
N ASN B 274 13.10 25.79 -20.34
CA ASN B 274 11.68 25.95 -20.64
C ASN B 274 11.09 27.13 -19.91
N ARG B 275 11.45 27.31 -18.64
CA ARG B 275 10.96 28.44 -17.87
C ARG B 275 11.33 29.75 -18.56
N GLU B 276 12.57 29.84 -19.01
CA GLU B 276 13.05 31.06 -19.65
C GLU B 276 12.25 31.33 -20.93
N ASP B 277 12.04 30.31 -21.73
CA ASP B 277 11.41 30.51 -23.02
C ASP B 277 9.93 30.81 -22.85
N VAL B 278 9.25 29.99 -22.07
CA VAL B 278 7.82 30.17 -21.89
C VAL B 278 7.55 31.58 -21.38
N GLU B 279 8.29 32.01 -20.38
CA GLU B 279 7.99 33.29 -19.74
C GLU B 279 8.18 34.45 -20.71
N LYS B 280 9.19 34.34 -21.57
CA LYS B 280 9.48 35.37 -22.56
C LYS B 280 8.36 35.51 -23.58
N ARG B 281 7.71 34.40 -23.90
CA ARG B 281 6.78 34.32 -25.03
C ARG B 281 5.30 34.48 -24.69
N VAL B 282 4.95 34.61 -23.42
CA VAL B 282 3.53 34.69 -23.07
C VAL B 282 2.85 35.87 -23.79
N ASP B 283 3.48 37.04 -23.76
CA ASP B 283 2.84 38.23 -24.31
C ASP B 283 2.65 38.11 -25.83
N GLU B 284 3.66 37.59 -26.53
CA GLU B 284 3.54 37.42 -27.98
C GLU B 284 2.46 36.40 -28.33
N ARG B 285 2.25 35.41 -27.48
CA ARG B 285 1.23 34.40 -27.72
C ARG B 285 -0.15 35.02 -27.53
N ILE B 286 -0.30 35.93 -26.57
CA ILE B 286 -1.55 36.65 -26.42
C ILE B 286 -1.79 37.56 -27.64
N GLN B 287 -0.74 38.22 -28.13
CA GLN B 287 -0.84 39.01 -29.36
C GLN B 287 -1.36 38.13 -30.51
N PHE B 288 -0.80 36.94 -30.66
CA PHE B 288 -1.22 36.03 -31.71
C PHE B 288 -2.71 35.73 -31.60
N LEU B 289 -3.17 35.45 -30.39
CA LEU B 289 -4.60 35.15 -30.18
C LEU B 289 -5.49 36.35 -30.51
N ALA B 290 -5.09 37.56 -30.12
CA ALA B 290 -5.81 38.77 -30.51
C ALA B 290 -5.83 38.90 -32.03
N ASP B 291 -4.72 38.57 -32.68
CA ASP B 291 -4.60 38.75 -34.13
C ASP B 291 -5.49 37.75 -34.88
N GLN B 292 -5.84 36.65 -34.20
CA GLN B 292 -6.72 35.64 -34.77
C GLN B 292 -8.18 35.95 -34.53
N GLY B 293 -8.44 37.04 -33.81
CA GLY B 293 -9.78 37.52 -33.64
C GLY B 293 -10.35 37.36 -32.23
N MSE B 294 -9.58 36.81 -31.30
CA MSE B 294 -10.08 36.68 -29.94
C MSE B 294 -10.22 38.07 -29.30
O MSE B 294 -9.37 38.94 -29.49
CB MSE B 294 -9.19 35.79 -29.07
CG MSE B 294 -9.00 34.40 -29.63
SE MSE B 294 -8.64 33.03 -28.30
CE MSE B 294 -10.38 33.08 -27.35
H MSE B 294 -8.78 36.52 -31.42
HA MSE B 294 -10.98 36.27 -29.98
HB2 MSE B 294 -8.32 36.20 -28.99
HB3 MSE B 294 -9.60 35.70 -28.20
HG2 MSE B 294 -9.79 34.15 -30.11
HG3 MSE B 294 -8.24 34.42 -30.24
HE1 MSE B 294 -10.36 32.43 -26.63
HE2 MSE B 294 -10.52 33.95 -26.99
HE3 MSE B 294 -11.08 32.86 -27.97
N GLU B 295 -11.30 38.26 -28.56
CA GLU B 295 -11.48 39.46 -27.75
C GLU B 295 -10.80 39.23 -26.41
N VAL B 296 -9.84 40.06 -26.07
CA VAL B 296 -9.03 39.92 -24.88
C VAL B 296 -9.56 40.81 -23.76
N ILE B 297 -9.83 40.19 -22.61
CA ILE B 297 -10.42 40.87 -21.46
C ILE B 297 -9.49 40.71 -20.28
N GLU B 298 -9.24 41.80 -19.58
CA GLU B 298 -8.50 41.79 -18.34
C GLU B 298 -9.50 42.13 -17.26
N PRO B 299 -9.77 41.18 -16.34
CA PRO B 299 -10.67 41.53 -15.24
C PRO B 299 -10.11 42.68 -14.42
N THR B 300 -11.00 43.47 -13.83
CA THR B 300 -10.60 44.56 -12.97
C THR B 300 -9.98 43.98 -11.71
N GLU B 301 -9.30 44.81 -10.93
CA GLU B 301 -8.72 44.35 -9.69
C GLU B 301 -9.83 43.80 -8.76
N ASP B 302 -10.99 44.46 -8.76
CA ASP B 302 -12.10 44.02 -7.93
C ASP B 302 -12.55 42.62 -8.37
N GLU B 303 -12.67 42.43 -9.69
CA GLU B 303 -13.10 41.14 -10.23
C GLU B 303 -12.08 40.05 -9.93
N LEU B 304 -10.79 40.36 -10.05
CA LEU B 304 -9.76 39.37 -9.73
C LEU B 304 -9.84 38.97 -8.27
N ALA B 305 -10.08 39.95 -7.38
CA ALA B 305 -10.25 39.64 -5.97
C ALA B 305 -11.47 38.77 -5.75
N ALA B 306 -12.54 39.01 -6.50
CA ALA B 306 -13.76 38.22 -6.36
C ALA B 306 -13.57 36.78 -6.83
N PHE B 307 -12.83 36.58 -7.92
CA PHE B 307 -12.47 35.24 -8.36
C PHE B 307 -11.73 34.50 -7.26
N ARG B 308 -10.78 35.18 -6.61
CA ARG B 308 -9.98 34.55 -5.56
C ARG B 308 -10.82 34.28 -4.31
N GLU B 309 -11.63 35.25 -3.90
CA GLU B 309 -12.34 35.13 -2.64
C GLU B 309 -13.41 34.06 -2.71
N LYS B 310 -13.98 33.87 -3.90
CA LYS B 310 -14.93 32.80 -4.15
C LYS B 310 -14.22 31.46 -4.46
N GLY B 311 -13.16 31.51 -5.26
CA GLY B 311 -12.51 30.30 -5.73
C GLY B 311 -11.72 29.53 -4.67
N GLN B 312 -10.98 30.24 -3.83
CA GLN B 312 -10.09 29.61 -2.85
C GLN B 312 -10.83 28.83 -1.78
N PRO B 313 -11.78 29.46 -1.07
CA PRO B 313 -12.40 28.66 -0.01
C PRO B 313 -13.21 27.49 -0.57
N ALA B 314 -13.86 27.65 -1.72
CA ALA B 314 -14.61 26.53 -2.31
C ALA B 314 -13.67 25.39 -2.69
N TYR B 315 -12.53 25.75 -3.25
CA TYR B 315 -11.57 24.75 -3.70
C TYR B 315 -10.97 24.03 -2.52
N ILE B 316 -10.61 24.78 -1.48
CA ILE B 316 -10.01 24.17 -0.29
C ILE B 316 -11.03 23.26 0.41
N GLU B 317 -12.29 23.67 0.49
CA GLU B 317 -13.32 22.76 1.03
C GLU B 317 -13.49 21.48 0.19
N TRP B 318 -13.41 21.62 -1.14
CA TRP B 318 -13.43 20.46 -2.02
C TRP B 318 -12.26 19.53 -1.74
N LEU B 319 -11.06 20.08 -1.51
CA LEU B 319 -9.90 19.25 -1.19
C LEU B 319 -10.14 18.41 0.06
N THR B 320 -10.69 19.02 1.11
CA THR B 320 -10.82 18.35 2.39
C THR B 320 -12.04 17.43 2.44
N ASP B 321 -13.13 17.86 1.84
CA ASP B 321 -14.36 17.09 1.90
C ASP B 321 -14.36 16.04 0.79
N GLU B 322 -14.63 16.46 -0.44
CA GLU B 322 -14.82 15.51 -1.51
C GLU B 322 -13.57 14.69 -1.83
N GLN B 323 -12.38 15.29 -1.67
CA GLN B 323 -11.14 14.61 -2.07
C GLN B 323 -10.41 13.93 -0.92
N GLY B 324 -10.90 14.12 0.30
CA GLY B 324 -10.38 13.46 1.48
C GLY B 324 -8.94 13.79 1.84
N ILE B 325 -8.44 14.94 1.40
CA ILE B 325 -7.05 15.30 1.64
C ILE B 325 -6.95 15.88 3.05
N ASP B 326 -6.09 15.31 3.88
CA ASP B 326 -6.04 15.68 5.29
C ASP B 326 -5.36 17.02 5.50
N ARG B 327 -5.53 17.55 6.70
CA ARG B 327 -5.01 18.87 6.97
C ARG B 327 -3.51 18.93 6.82
N ALA B 328 -2.79 17.87 7.19
CA ALA B 328 -1.34 17.92 7.12
C ALA B 328 -0.88 18.27 5.68
N TRP B 329 -1.48 17.65 4.68
CA TRP B 329 -1.09 17.87 3.29
C TRP B 329 -1.32 19.32 2.84
N ILE B 330 -2.50 19.88 3.14
CA ILE B 330 -2.81 21.21 2.72
C ILE B 330 -1.89 22.21 3.44
N GLU B 331 -1.74 22.03 4.76
CA GLU B 331 -0.84 22.85 5.58
C GLU B 331 0.55 22.93 4.99
N MSE B 332 1.06 21.80 4.58
CA MSE B 332 2.41 21.74 4.07
C MSE B 332 2.53 22.60 2.80
O MSE B 332 3.47 23.40 2.67
CB MSE B 332 2.80 20.32 3.78
CG MSE B 332 4.21 20.06 4.03
SE MSE B 332 4.59 18.22 3.63
CE MSE B 332 3.47 17.32 4.83
H MSE B 332 0.66 21.03 4.60
HA MSE B 332 3.03 22.08 4.75
HB2 MSE B 332 2.27 19.72 4.35
HB3 MSE B 332 2.61 20.12 2.84
HG2 MSE B 332 4.76 20.61 3.45
HG3 MSE B 332 4.41 20.22 4.97
HE1 MSE B 332 3.58 16.37 4.70
HE2 MSE B 332 3.70 17.56 5.72
HE3 MSE B 332 2.56 17.56 4.64
N ALA B 333 1.59 22.45 1.89
CA ALA B 333 1.62 23.22 0.65
C ALA B 333 1.49 24.72 0.92
N LEU B 334 0.57 25.10 1.80
CA LEU B 334 0.38 26.52 2.06
C LEU B 334 1.62 27.15 2.70
N GLU B 335 2.28 26.43 3.61
CA GLU B 335 3.53 26.91 4.22
C GLU B 335 4.60 27.11 3.14
N ASP B 336 4.70 26.17 2.22
CA ASP B 336 5.71 26.25 1.15
C ASP B 336 5.42 27.47 0.27
N ALA B 337 4.14 27.80 0.15
CA ALA B 337 3.72 28.90 -0.72
C ALA B 337 3.63 30.24 0.01
N GLY B 338 3.91 30.26 1.31
CA GLY B 338 3.76 31.47 2.10
C GLY B 338 2.32 31.91 2.32
N GLN B 339 1.37 30.96 2.32
CA GLN B 339 -0.06 31.27 2.46
C GLN B 339 -0.78 30.41 3.51
N SER B 340 -0.19 30.22 4.68
CA SER B 340 -0.68 29.23 5.64
C SER B 340 -2.08 29.48 6.19
N ASP B 341 -2.52 30.74 6.15
CA ASP B 341 -3.77 31.12 6.79
C ASP B 341 -5.00 30.69 5.99
N LEU B 342 -4.81 30.32 4.73
CA LEU B 342 -5.95 30.02 3.87
C LEU B 342 -6.79 28.84 4.37
N LEU B 343 -6.17 27.87 5.04
CA LEU B 343 -6.90 26.69 5.49
C LEU B 343 -7.92 27.06 6.56
N ALA B 344 -7.45 27.66 7.66
CA ALA B 344 -8.35 28.08 8.73
C ALA B 344 -9.41 29.03 8.21
N ASN B 345 -9.01 29.93 7.30
CA ASN B 345 -9.95 30.88 6.74
C ASN B 345 -11.07 30.18 5.94
N ALA B 346 -10.69 29.14 5.21
CA ALA B 346 -11.67 28.37 4.43
C ALA B 346 -12.57 27.56 5.36
N GLU B 347 -12.07 27.23 6.53
CA GLU B 347 -12.84 26.49 7.53
C GLU B 347 -13.75 27.40 8.36
N ASN B 348 -13.24 28.57 8.71
CA ASN B 348 -14.00 29.50 9.54
C ASN B 348 -14.86 30.46 8.72
N ALA C 28 15.18 -26.47 -14.63
CA ALA C 28 14.65 -26.69 -13.28
C ALA C 28 15.15 -25.61 -12.33
N THR C 29 14.37 -25.35 -11.29
CA THR C 29 14.77 -24.39 -10.26
C THR C 29 14.72 -25.09 -8.91
N THR C 30 15.70 -24.80 -8.05
CA THR C 30 15.69 -25.28 -6.67
C THR C 30 15.55 -24.10 -5.71
N LEU C 31 14.60 -24.23 -4.79
CA LEU C 31 14.30 -23.20 -3.81
C LEU C 31 14.55 -23.70 -2.40
N ASN C 32 15.13 -22.84 -1.59
CA ASN C 32 15.27 -23.12 -0.15
C ASN C 32 13.90 -23.12 0.53
N LEU C 33 13.67 -24.07 1.43
CA LEU C 33 12.53 -24.09 2.35
C LEU C 33 13.04 -24.13 3.80
N SER C 34 12.85 -23.01 4.52
CA SER C 34 13.34 -22.88 5.90
C SER C 34 12.22 -23.13 6.88
N TYR C 35 12.57 -23.70 8.03
CA TYR C 35 11.60 -23.96 9.08
C TYR C 35 12.29 -24.34 10.40
N ASN C 36 11.47 -24.41 11.44
CA ASN C 36 11.97 -24.73 12.78
C ASN C 36 12.00 -26.20 13.14
N GLY C 37 12.90 -26.54 14.06
CA GLY C 37 12.99 -27.88 14.61
C GLY C 37 13.88 -28.84 13.85
N PRO C 38 14.33 -29.92 14.51
CA PRO C 38 15.25 -30.87 13.90
C PRO C 38 14.59 -31.69 12.80
N PRO C 39 15.38 -32.13 11.84
CA PRO C 39 14.83 -32.93 10.73
C PRO C 39 14.62 -34.39 11.13
N ASP C 40 13.63 -34.60 12.01
CA ASP C 40 13.18 -35.90 12.49
C ASP C 40 11.67 -35.93 12.32
N THR C 41 11.17 -36.73 11.38
CA THR C 41 9.76 -36.65 11.01
C THR C 41 8.81 -37.12 12.10
N ASP C 42 9.30 -37.93 13.04
CA ASP C 42 8.47 -38.45 14.12
C ASP C 42 8.39 -37.46 15.28
N LYS C 43 9.39 -36.61 15.45
CA LYS C 43 9.38 -35.65 16.54
C LYS C 43 9.21 -34.20 16.10
N ASN C 44 9.06 -33.97 14.80
CA ASN C 44 8.90 -32.62 14.29
C ASN C 44 7.86 -32.58 13.18
N ALA C 45 6.64 -32.23 13.56
CA ALA C 45 5.54 -32.21 12.65
C ALA C 45 5.74 -31.20 11.52
N VAL C 46 6.57 -30.18 11.74
CA VAL C 46 6.88 -29.22 10.67
C VAL C 46 7.83 -29.87 9.65
N HIS C 47 8.76 -30.71 10.11
CA HIS C 47 9.61 -31.45 9.20
C HIS C 47 8.80 -32.49 8.41
N LEU C 48 7.82 -33.12 9.06
CA LEU C 48 6.88 -34.00 8.34
C LEU C 48 6.23 -33.24 7.18
N PHE C 49 5.67 -32.06 7.47
CA PHE C 49 5.07 -31.24 6.42
C PHE C 49 6.09 -30.87 5.34
N ALA C 50 7.27 -30.39 5.74
CA ALA C 50 8.26 -29.93 4.76
C ALA C 50 8.69 -31.08 3.85
N SER C 51 8.84 -32.26 4.43
CA SER C 51 9.29 -33.42 3.69
C SER C 51 8.21 -33.89 2.72
N ASN C 52 6.96 -33.89 3.14
CA ASN C 52 5.89 -34.28 2.24
C ASN C 52 5.73 -33.26 1.15
N LEU C 53 5.84 -31.99 1.50
CA LEU C 53 5.73 -30.93 0.50
C LEU C 53 6.83 -31.08 -0.56
N LYS C 54 8.06 -31.29 -0.13
CA LYS C 54 9.15 -31.47 -1.07
C LYS C 54 8.89 -32.64 -2.04
N ARG C 55 8.46 -33.77 -1.49
CA ARG C 55 8.14 -34.94 -2.30
C ARG C 55 7.03 -34.61 -3.30
N LEU C 56 5.99 -33.97 -2.82
CA LEU C 56 4.82 -33.72 -3.65
C LEU C 56 5.09 -32.68 -4.73
N VAL C 57 5.84 -31.64 -4.39
CA VAL C 57 6.13 -30.59 -5.35
C VAL C 57 7.00 -31.14 -6.48
N GLU C 58 8.03 -31.90 -6.13
CA GLU C 58 8.91 -32.48 -7.15
C GLU C 58 8.15 -33.45 -8.07
N GLU C 59 7.26 -34.26 -7.50
CA GLU C 59 6.45 -35.15 -8.32
C GLU C 59 5.52 -34.41 -9.27
N LYS C 60 4.70 -33.52 -8.72
CA LYS C 60 3.64 -32.87 -9.49
C LYS C 60 4.17 -31.88 -10.53
N THR C 61 5.40 -31.39 -10.34
CA THR C 61 6.06 -30.54 -11.34
C THR C 61 7.01 -31.34 -12.23
N ASP C 62 7.01 -32.66 -12.07
CA ASP C 62 7.92 -33.54 -12.79
C ASP C 62 9.37 -33.02 -12.72
N GLY C 63 9.76 -32.58 -11.53
CA GLY C 63 11.14 -32.18 -11.27
C GLY C 63 11.49 -30.75 -11.62
N ASP C 64 10.55 -30.02 -12.21
CA ASP C 64 10.83 -28.65 -12.64
C ASP C 64 11.07 -27.73 -11.44
N ILE C 65 10.42 -28.03 -10.32
CA ILE C 65 10.61 -27.29 -9.08
C ILE C 65 11.11 -28.27 -8.02
N GLN C 66 12.26 -27.96 -7.42
CA GLN C 66 12.84 -28.76 -6.35
C GLN C 66 12.94 -27.92 -5.10
N LEU C 67 12.76 -28.55 -3.95
CA LEU C 67 12.91 -27.87 -2.66
C LEU C 67 14.11 -28.42 -1.90
N LYS C 68 14.86 -27.52 -1.30
CA LYS C 68 16.00 -27.88 -0.47
C LYS C 68 15.69 -27.45 0.95
N LEU C 69 15.77 -28.41 1.88
CA LEU C 69 15.32 -28.18 3.24
C LEU C 69 16.40 -27.59 4.09
N TYR C 70 16.00 -26.55 4.84
CA TYR C 70 16.88 -25.89 5.82
C TYR C 70 16.18 -25.90 7.17
N PRO C 71 16.28 -27.04 7.89
CA PRO C 71 15.57 -27.21 9.15
C PRO C 71 16.26 -26.50 10.33
N ASN C 72 15.65 -26.60 11.51
CA ASN C 72 16.25 -26.15 12.78
C ASN C 72 16.57 -24.67 12.80
N SER C 73 15.79 -23.92 12.04
CA SER C 73 15.97 -22.47 11.98
C SER C 73 17.41 -22.11 11.63
N MSE C 74 18.09 -22.94 10.85
CA MSE C 74 19.50 -22.73 10.60
C MSE C 74 19.81 -21.43 9.87
O MSE C 74 20.88 -20.85 10.08
CB MSE C 74 20.12 -23.93 9.87
CG MSE C 74 19.62 -24.13 8.49
SE MSE C 74 20.14 -25.88 7.77
CE MSE C 74 22.05 -25.55 7.62
H MSE C 74 17.74 -23.63 10.46
HA MSE C 74 19.95 -22.68 11.47
HB2 MSE C 74 21.08 -23.81 9.84
HB3 MSE C 74 19.91 -24.74 10.38
HG2 MSE C 74 18.66 -24.08 8.48
HG3 MSE C 74 20.00 -23.44 7.91
HE1 MSE C 74 22.47 -26.34 7.28
HE2 MSE C 74 22.20 -24.82 7.03
HE3 MSE C 74 22.40 -25.35 8.49
N LEU C 75 18.91 -20.95 9.03
CA LEU C 75 19.15 -19.71 8.30
C LEU C 75 18.78 -18.47 9.10
N GLY C 76 18.17 -18.63 10.28
CA GLY C 76 17.84 -17.46 11.09
C GLY C 76 16.63 -17.66 12.00
N GLU C 77 16.47 -16.75 12.95
CA GLU C 77 15.24 -16.72 13.71
C GLU C 77 14.11 -16.05 12.90
N GLU C 78 12.96 -15.89 13.54
CA GLU C 78 11.71 -15.67 12.80
C GLU C 78 11.75 -14.38 11.97
N GLN C 79 12.18 -13.27 12.55
CA GLN C 79 12.19 -12.02 11.78
C GLN C 79 13.08 -12.10 10.56
N GLU C 80 14.30 -12.61 10.77
CA GLU C 80 15.25 -12.72 9.68
C GLU C 80 14.72 -13.63 8.57
N ARG C 81 14.07 -14.72 8.93
CA ARG C 81 13.58 -15.63 7.89
C ARG C 81 12.44 -15.01 7.11
N MSE C 82 11.64 -14.17 7.76
CA MSE C 82 10.64 -13.42 7.00
C MSE C 82 11.29 -12.49 6.01
O MSE C 82 10.85 -12.37 4.86
CB MSE C 82 9.69 -12.64 7.91
CG MSE C 82 8.65 -13.48 8.59
SE MSE C 82 7.46 -14.54 7.43
CE MSE C 82 7.04 -13.17 6.13
H MSE C 82 11.67 -14.01 8.61
HA MSE C 82 10.09 -14.06 6.51
HB2 MSE C 82 10.21 -12.21 8.60
HB3 MSE C 82 9.24 -11.97 7.38
HG2 MSE C 82 9.11 -14.11 9.18
HG3 MSE C 82 8.08 -12.89 9.12
HE1 MSE C 82 6.44 -13.53 5.47
HE2 MSE C 82 6.61 -12.43 6.58
HE3 MSE C 82 7.84 -12.86 5.71
N GLU C 83 12.33 -11.79 6.46
CA GLU C 83 13.09 -10.93 5.55
C GLU C 83 13.65 -11.69 4.36
N GLN C 84 14.14 -12.90 4.62
CA GLN C 84 14.70 -13.73 3.58
C GLN C 84 13.64 -14.09 2.54
N VAL C 85 12.48 -14.57 2.99
CA VAL C 85 11.45 -15.04 2.06
C VAL C 85 10.84 -13.88 1.30
N ILE C 86 10.75 -12.71 1.93
CA ILE C 86 10.18 -11.55 1.25
C ILE C 86 11.07 -11.09 0.11
N ASN C 87 12.38 -11.23 0.27
CA ASN C 87 13.33 -10.62 -0.66
C ASN C 87 14.12 -11.52 -1.58
N THR C 88 13.99 -12.84 -1.42
CA THR C 88 14.72 -13.78 -2.27
C THR C 88 13.82 -14.95 -2.62
N PRO C 89 13.97 -15.51 -3.85
CA PRO C 89 13.17 -16.67 -4.23
C PRO C 89 13.43 -17.86 -3.33
N SER C 90 12.41 -18.24 -2.57
CA SER C 90 12.55 -19.17 -1.46
C SER C 90 11.21 -19.32 -0.80
N LEU C 91 11.13 -20.28 0.10
CA LEU C 91 9.96 -20.47 0.95
C LEU C 91 10.35 -20.50 2.42
N ASN C 92 9.38 -20.20 3.28
CA ASN C 92 9.63 -20.18 4.72
C ASN C 92 8.38 -20.63 5.44
N ILE C 93 8.55 -21.41 6.49
CA ILE C 93 7.46 -21.71 7.40
C ILE C 93 7.66 -20.86 8.66
N ALA C 94 6.72 -19.96 8.87
CA ALA C 94 6.79 -18.96 9.91
C ALA C 94 5.79 -19.22 11.03
N SER C 95 6.20 -18.86 12.24
CA SER C 95 5.29 -18.88 13.37
C SER C 95 4.63 -17.52 13.53
N PHE C 96 3.75 -17.41 14.52
CA PHE C 96 3.20 -16.12 14.93
C PHE C 96 4.32 -15.10 15.17
N ALA C 97 5.48 -15.56 15.64
CA ALA C 97 6.56 -14.61 15.95
C ALA C 97 7.07 -13.92 14.70
N GLY C 98 7.10 -14.64 13.59
CA GLY C 98 7.56 -14.05 12.35
C GLY C 98 6.48 -13.27 11.64
N LEU C 99 5.24 -13.75 11.66
CA LEU C 99 4.18 -13.13 10.87
C LEU C 99 3.46 -11.99 11.58
N SER C 100 3.31 -12.08 12.90
CA SER C 100 2.48 -11.10 13.61
C SER C 100 3.00 -9.65 13.53
N PRO C 101 4.33 -9.40 13.47
CA PRO C 101 4.73 -8.00 13.34
C PRO C 101 4.29 -7.36 12.02
N ILE C 102 4.12 -8.18 10.96
CA ILE C 102 3.73 -7.71 9.64
C ILE C 102 2.23 -7.70 9.44
N VAL C 103 1.57 -8.77 9.90
CA VAL C 103 0.12 -8.89 9.84
C VAL C 103 -0.40 -9.19 11.25
N PRO C 104 -0.44 -8.17 12.10
CA PRO C 104 -0.95 -8.36 13.47
C PRO C 104 -2.42 -8.85 13.51
N GLU C 105 -3.12 -8.63 12.41
CA GLU C 105 -4.49 -9.09 12.29
C GLU C 105 -4.60 -10.60 12.49
N ILE C 106 -3.50 -11.34 12.36
CA ILE C 106 -3.56 -12.79 12.66
C ILE C 106 -3.89 -13.08 14.13
N TYR C 107 -3.72 -12.10 15.01
CA TYR C 107 -4.09 -12.32 16.40
C TYR C 107 -5.56 -12.72 16.59
N VAL C 108 -6.44 -12.27 15.70
CA VAL C 108 -7.85 -12.61 15.83
C VAL C 108 -8.09 -14.13 15.77
N SER C 109 -7.26 -14.86 15.00
CA SER C 109 -7.43 -16.29 14.84
C SER C 109 -7.05 -17.07 16.10
N ALA C 110 -6.43 -16.38 17.07
CA ALA C 110 -5.97 -16.99 18.32
C ALA C 110 -6.82 -16.64 19.55
N ILE C 111 -8.02 -16.12 19.33
CA ILE C 111 -8.95 -15.94 20.44
C ILE C 111 -9.08 -17.24 21.22
N PRO C 112 -8.88 -17.22 22.54
CA PRO C 112 -8.95 -18.45 23.34
C PRO C 112 -10.27 -19.17 23.15
N PHE C 113 -10.22 -20.48 22.97
CA PHE C 113 -11.42 -21.31 22.85
C PHE C 113 -12.30 -20.94 21.68
N LEU C 114 -11.72 -20.32 20.65
CA LEU C 114 -12.47 -19.97 19.45
C LEU C 114 -13.03 -21.19 18.73
N PHE C 115 -12.28 -22.27 18.71
CA PHE C 115 -12.62 -23.48 17.98
C PHE C 115 -12.96 -24.61 18.93
N GLU C 116 -14.15 -25.19 18.78
CA GLU C 116 -14.57 -26.25 19.70
C GLU C 116 -13.84 -27.54 19.40
N ASP C 117 -13.35 -27.67 18.16
CA ASP C 117 -12.67 -28.89 17.72
C ASP C 117 -11.80 -28.62 16.48
N TYR C 118 -11.05 -29.61 16.05
CA TYR C 118 -10.16 -29.43 14.90
C TYR C 118 -10.95 -29.04 13.66
N GLU C 119 -12.11 -29.65 13.49
CA GLU C 119 -12.90 -29.43 12.30
C GLU C 119 -13.30 -27.95 12.16
N ALA C 120 -13.66 -27.32 13.27
CA ALA C 120 -14.00 -25.91 13.23
C ALA C 120 -12.81 -25.04 12.81
N ALA C 121 -11.61 -25.38 13.30
CA ALA C 121 -10.44 -24.64 12.89
C ALA C 121 -10.16 -24.83 11.40
N HIS C 122 -10.31 -26.05 10.90
CA HIS C 122 -10.01 -26.31 9.49
C HIS C 122 -10.96 -25.48 8.58
N GLN C 123 -12.23 -25.45 8.92
CA GLN C 123 -13.21 -24.75 8.09
C GLN C 123 -12.89 -23.25 8.08
N PHE C 124 -12.54 -22.72 9.26
CA PHE C 124 -12.13 -21.34 9.42
C PHE C 124 -11.01 -20.93 8.46
N PHE C 125 -9.91 -21.68 8.45
CA PHE C 125 -8.77 -21.34 7.60
C PHE C 125 -9.03 -21.73 6.14
N ASP C 126 -9.66 -22.88 5.90
CA ASP C 126 -9.85 -23.36 4.54
C ASP C 126 -10.85 -22.50 3.75
N GLU C 127 -11.87 -21.98 4.43
CA GLU C 127 -13.00 -21.36 3.73
C GLU C 127 -13.33 -19.96 4.18
N GLY C 128 -12.85 -19.56 5.35
CA GLY C 128 -13.29 -18.30 5.91
C GLY C 128 -12.86 -17.04 5.17
N ASP C 129 -13.72 -16.03 5.25
CA ASP C 129 -13.45 -14.73 4.61
C ASP C 129 -12.32 -13.97 5.28
N TYR C 130 -12.25 -14.08 6.60
CA TYR C 130 -11.21 -13.41 7.35
C TYR C 130 -9.84 -13.90 6.89
N TRP C 131 -9.65 -15.22 6.76
CA TRP C 131 -8.32 -15.70 6.40
C TRP C 131 -7.94 -15.31 4.97
N ASN C 132 -8.93 -15.26 4.08
N ASN C 132 -8.92 -15.23 4.08
CA ASN C 132 -8.71 -14.74 2.73
CA ASN C 132 -8.63 -14.77 2.73
C ASN C 132 -8.11 -13.36 2.79
C ASN C 132 -8.12 -13.34 2.76
N LYS C 133 -8.67 -12.51 3.64
CA LYS C 133 -8.19 -11.15 3.79
C LYS C 133 -6.78 -11.10 4.38
N VAL C 134 -6.49 -11.94 5.37
CA VAL C 134 -5.15 -12.06 5.92
C VAL C 134 -4.15 -12.38 4.81
N GLU C 135 -4.47 -13.36 3.97
CA GLU C 135 -3.53 -13.74 2.91
C GLU C 135 -3.26 -12.53 2.00
N ASP C 136 -4.31 -11.83 1.60
CA ASP C 136 -4.14 -10.67 0.73
C ASP C 136 -3.37 -9.55 1.40
N THR C 137 -3.56 -9.38 2.70
CA THR C 137 -2.91 -8.32 3.45
C THR C 137 -1.39 -8.58 3.48
N LEU C 138 -0.97 -9.81 3.69
CA LEU C 138 0.47 -10.12 3.64
C LEU C 138 1.05 -9.75 2.27
N GLU C 139 0.38 -10.12 1.20
CA GLU C 139 0.89 -9.85 -0.14
C GLU C 139 0.94 -8.35 -0.40
N GLU C 140 -0.09 -7.64 0.02
CA GLU C 140 -0.12 -6.21 -0.16
C GLU C 140 1.01 -5.52 0.54
N ARG C 141 1.34 -5.96 1.75
CA ARG C 141 2.35 -5.29 2.56
C ARG C 141 3.76 -5.67 2.20
N THR C 142 3.96 -6.87 1.64
CA THR C 142 5.31 -7.39 1.43
C THR C 142 5.57 -8.07 0.10
N GLY C 143 4.51 -8.36 -0.65
CA GLY C 143 4.64 -9.13 -1.88
C GLY C 143 4.60 -10.64 -1.67
N ALA C 144 4.90 -11.09 -0.47
CA ALA C 144 4.97 -12.51 -0.17
C ALA C 144 3.59 -13.13 -0.16
N GLU C 145 3.52 -14.39 -0.55
CA GLU C 145 2.26 -15.13 -0.62
C GLU C 145 2.11 -16.17 0.50
N LEU C 146 1.00 -16.11 1.21
CA LEU C 146 0.69 -17.06 2.28
C LEU C 146 -0.04 -18.25 1.65
N LEU C 147 0.64 -19.38 1.55
CA LEU C 147 0.14 -20.52 0.78
C LEU C 147 -0.72 -21.50 1.57
N GLY C 148 -0.50 -21.60 2.87
CA GLY C 148 -1.26 -22.51 3.68
C GLY C 148 -0.99 -22.40 5.16
N VAL C 149 -1.87 -23.06 5.91
CA VAL C 149 -1.85 -23.12 7.37
C VAL C 149 -1.53 -24.55 7.79
N ILE C 150 -0.34 -24.74 8.33
CA ILE C 150 0.14 -26.04 8.72
C ILE C 150 -0.25 -26.37 10.13
N GLU C 151 -1.02 -27.43 10.30
CA GLU C 151 -1.30 -27.92 11.63
C GLU C 151 -0.12 -28.76 12.09
N GLU C 152 0.59 -28.30 13.11
CA GLU C 152 1.81 -28.99 13.55
C GLU C 152 1.81 -29.33 15.03
N GLY C 153 0.62 -29.37 15.63
CA GLY C 153 0.43 -29.85 16.97
C GLY C 153 -1.04 -29.78 17.30
N GLY C 154 -1.44 -30.40 18.40
CA GLY C 154 -2.77 -30.27 18.92
C GLY C 154 -3.00 -28.90 19.53
N PHE C 155 -4.12 -28.75 20.22
CA PHE C 155 -4.40 -27.50 20.91
C PHE C 155 -3.35 -27.19 21.99
N LEU C 156 -3.13 -25.92 22.25
CA LEU C 156 -2.02 -25.51 23.12
C LEU C 156 -2.29 -25.77 24.59
N ASP C 157 -1.24 -26.17 25.28
CA ASP C 157 -1.20 -26.42 26.70
C ASP C 157 -0.21 -25.50 27.42
N PHE C 158 -0.28 -25.46 28.75
CA PHE C 158 0.68 -24.70 29.55
C PHE C 158 1.65 -25.62 30.28
N THR C 159 2.91 -25.19 30.37
CA THR C 159 3.88 -25.82 31.23
C THR C 159 4.50 -24.78 32.16
N ASN C 160 4.97 -25.24 33.32
CA ASN C 160 5.77 -24.37 34.18
C ASN C 160 6.58 -25.19 35.15
N SER C 161 7.48 -24.52 35.85
CA SER C 161 8.39 -25.17 36.78
C SER C 161 8.08 -24.84 38.22
N LYS C 162 7.09 -24.00 38.47
CA LYS C 162 6.82 -23.55 39.84
C LYS C 162 5.74 -24.32 40.58
N ARG C 163 4.59 -24.51 39.97
CA ARG C 163 3.46 -25.16 40.66
C ARG C 163 2.40 -25.67 39.71
N PRO C 164 1.60 -26.63 40.17
CA PRO C 164 0.51 -27.04 39.29
C PRO C 164 -0.40 -25.86 38.96
N ILE C 165 -0.92 -25.84 37.75
CA ILE C 165 -1.90 -24.85 37.33
C ILE C 165 -3.21 -25.55 36.93
N SER C 166 -4.27 -25.32 37.69
CA SER C 166 -5.56 -25.89 37.35
C SER C 166 -6.66 -24.85 37.17
N SER C 167 -6.36 -23.59 37.47
CA SER C 167 -7.33 -22.51 37.32
C SER C 167 -6.56 -21.24 36.99
N PRO C 168 -7.24 -20.23 36.46
CA PRO C 168 -6.57 -18.95 36.16
C PRO C 168 -5.77 -18.39 37.33
N GLU C 169 -6.29 -18.54 38.56
CA GLU C 169 -5.66 -17.96 39.73
C GLU C 169 -4.24 -18.50 39.97
N ASP C 170 -3.97 -19.71 39.49
CA ASP C 170 -2.67 -20.33 39.70
C ASP C 170 -1.56 -19.64 38.91
N PHE C 171 -1.91 -18.83 37.91
CA PHE C 171 -0.93 -18.07 37.13
C PHE C 171 -0.37 -16.86 37.87
N GLU C 172 -1.06 -16.41 38.91
CA GLU C 172 -0.76 -15.11 39.50
C GLU C 172 0.66 -15.08 40.03
N GLY C 173 1.42 -14.12 39.52
CA GLY C 173 2.78 -13.91 39.97
C GLY C 173 3.84 -14.61 39.14
N LEU C 174 3.43 -15.56 38.30
CA LEU C 174 4.39 -16.27 37.48
C LEU C 174 4.81 -15.43 36.30
N ARG C 175 5.93 -15.78 35.72
CA ARG C 175 6.47 -15.10 34.55
C ARG C 175 6.63 -16.12 33.42
N PHE C 176 5.92 -15.89 32.31
CA PHE C 176 5.91 -16.84 31.22
C PHE C 176 6.63 -16.29 30.01
N ARG C 177 7.27 -17.21 29.30
CA ARG C 177 7.77 -16.96 27.95
C ARG C 177 6.62 -16.92 26.96
N ALA C 178 6.67 -15.93 26.10
CA ALA C 178 5.71 -15.73 25.03
C ALA C 178 6.35 -15.90 23.68
N MSE C 179 5.62 -16.51 22.76
CA MSE C 179 6.02 -16.53 21.36
C MSE C 179 5.86 -15.14 20.73
O MSE C 179 6.67 -14.73 19.88
CB MSE C 179 5.15 -17.54 20.60
CG MSE C 179 5.36 -17.55 19.12
SE MSE C 179 4.43 -18.97 18.18
CE MSE C 179 2.62 -18.70 18.79
H MSE C 179 4.88 -16.94 22.90
HA MSE C 179 6.96 -16.80 21.30
HB2 MSE C 179 5.35 -18.43 20.93
HB3 MSE C 179 4.22 -17.33 20.77
HG2 MSE C 179 5.05 -16.71 18.76
HG3 MSE C 179 6.31 -17.66 18.94
HE1 MSE C 179 2.05 -19.36 18.38
HE2 MSE C 179 2.60 -18.80 19.75
HE3 MSE C 179 2.33 -17.83 18.54
N ASP C 180 4.83 -14.42 21.16
CA ASP C 180 4.43 -13.18 20.51
C ASP C 180 3.51 -12.41 21.46
N PRO C 181 3.20 -11.15 21.12
CA PRO C 181 2.39 -10.36 22.05
C PRO C 181 1.04 -10.93 22.42
N SER C 182 0.39 -11.71 21.55
CA SER C 182 -0.92 -12.25 21.91
C SER C 182 -0.84 -13.22 23.10
N GLN C 183 0.28 -13.92 23.25
CA GLN C 183 0.45 -14.80 24.40
C GLN C 183 0.69 -13.92 25.63
N VAL C 184 1.47 -12.83 25.47
CA VAL C 184 1.63 -11.91 26.58
C VAL C 184 0.25 -11.45 27.11
N ALA C 185 -0.65 -11.07 26.21
CA ALA C 185 -1.98 -10.62 26.63
C ALA C 185 -2.72 -11.67 27.39
N LEU C 186 -2.65 -12.92 26.92
CA LEU C 186 -3.35 -14.01 27.58
C LEU C 186 -2.80 -14.22 28.97
N TYR C 187 -1.48 -14.20 29.11
CA TYR C 187 -0.87 -14.43 30.41
C TYR C 187 -1.31 -13.33 31.39
N GLU C 188 -1.31 -12.09 30.92
CA GLU C 188 -1.72 -10.95 31.75
C GLU C 188 -3.18 -11.09 32.18
N ALA C 189 -4.01 -11.70 31.35
CA ALA C 189 -5.42 -11.87 31.70
C ALA C 189 -5.56 -12.79 32.91
N PHE C 190 -4.59 -13.67 33.10
CA PHE C 190 -4.60 -14.59 34.24
C PHE C 190 -3.72 -14.11 35.40
N GLY C 191 -3.11 -12.94 35.30
CA GLY C 191 -2.32 -12.40 36.40
C GLY C 191 -0.84 -12.74 36.34
N ALA C 192 -0.40 -13.33 35.23
CA ALA C 192 1.01 -13.64 35.00
C ALA C 192 1.63 -12.60 34.09
N SER C 193 2.95 -12.45 34.16
CA SER C 193 3.63 -11.58 33.22
C SER C 193 4.10 -12.44 32.07
N GLY C 194 4.36 -11.78 30.94
CA GLY C 194 4.83 -12.48 29.76
C GLY C 194 5.81 -11.66 28.99
N THR C 195 6.78 -12.33 28.39
CA THR C 195 7.79 -11.65 27.64
C THR C 195 8.19 -12.47 26.41
N PRO C 196 8.33 -11.81 25.25
CA PRO C 196 8.74 -12.58 24.05
C PRO C 196 10.18 -13.11 24.12
N ILE C 197 10.34 -14.40 23.85
CA ILE C 197 11.65 -14.98 23.75
C ILE C 197 11.65 -15.92 22.55
N PRO C 198 12.68 -15.89 21.70
CA PRO C 198 12.67 -16.80 20.55
C PRO C 198 12.56 -18.26 20.93
N TRP C 199 11.98 -19.05 20.04
CA TRP C 199 11.88 -20.48 20.27
C TRP C 199 13.26 -21.07 20.56
N THR C 200 14.25 -20.64 19.79
CA THR C 200 15.59 -21.19 19.91
C THR C 200 16.33 -20.80 21.20
N ASP C 201 15.74 -19.93 22.02
CA ASP C 201 16.26 -19.65 23.37
C ASP C 201 15.32 -20.10 24.49
N THR C 202 14.27 -20.84 24.15
CA THR C 202 13.23 -21.13 25.12
C THR C 202 13.67 -22.19 26.14
N TYR C 203 14.33 -23.26 25.70
CA TYR C 203 14.87 -24.24 26.65
C TYR C 203 15.79 -23.56 27.65
N MSE C 204 16.74 -22.77 27.17
CA MSE C 204 17.66 -22.09 28.09
C MSE C 204 16.98 -21.08 29.00
O MSE C 204 17.34 -20.96 30.18
CB MSE C 204 18.78 -21.42 27.32
CG MSE C 204 19.85 -22.39 26.93
SE MSE C 204 20.92 -22.93 28.46
CE MSE C 204 21.73 -21.20 28.97
H MSE C 204 16.88 -22.60 26.34
HA MSE C 204 18.08 -22.77 28.66
HB2 MSE C 204 18.42 -21.02 26.51
HB3 MSE C 204 19.18 -20.74 27.88
HG2 MSE C 204 19.43 -23.18 26.55
HG3 MSE C 204 20.43 -21.97 26.27
HE1 MSE C 204 22.29 -21.33 29.73
HE2 MSE C 204 22.24 -20.86 28.24
HE3 MSE C 204 21.02 -20.57 29.19
N ALA C 205 16.01 -20.34 28.47
CA ALA C 205 15.27 -19.39 29.28
C ALA C 205 14.55 -20.08 30.45
N LEU C 206 14.00 -21.26 30.22
CA LEU C 206 13.32 -22.00 31.28
C LEU C 206 14.31 -22.67 32.23
N LYS C 207 15.38 -23.23 31.67
CA LYS C 207 16.41 -23.86 32.48
C LYS C 207 16.97 -22.92 33.52
N THR C 208 17.23 -21.68 33.09
CA THR C 208 17.88 -20.66 33.95
C THR C 208 16.89 -19.76 34.69
N ASN C 209 15.61 -20.07 34.55
CA ASN C 209 14.54 -19.33 35.23
C ASN C 209 14.41 -17.85 34.83
N VAL C 210 14.80 -17.54 33.60
CA VAL C 210 14.42 -16.26 32.98
C VAL C 210 12.89 -16.21 32.90
N ALA C 211 12.29 -17.38 32.69
CA ALA C 211 10.84 -17.53 32.77
C ALA C 211 10.50 -18.82 33.50
N ASP C 212 9.32 -18.83 34.12
CA ASP C 212 8.81 -20.00 34.84
C ASP C 212 8.11 -20.99 33.90
N GLY C 213 7.53 -20.51 32.82
CA GLY C 213 6.68 -21.37 32.01
C GLY C 213 6.57 -20.92 30.58
N GLN C 214 5.80 -21.67 29.81
CA GLN C 214 5.54 -21.35 28.40
C GLN C 214 4.25 -22.08 27.97
N MSE C 215 3.83 -21.86 26.73
CA MSE C 215 2.65 -22.50 26.17
C MSE C 215 2.94 -23.02 24.75
O MSE C 215 3.61 -22.38 23.95
CB MSE C 215 1.40 -21.59 26.22
CG MSE C 215 1.46 -20.41 25.36
SE MSE C 215 -0.02 -19.23 25.73
CE MSE C 215 -1.44 -20.42 25.12
H MSE C 215 4.22 -21.32 26.17
HA MSE C 215 2.45 -23.28 26.73
HB2 MSE C 215 0.62 -22.10 25.96
HB3 MSE C 215 1.29 -21.27 27.14
HG2 MSE C 215 2.28 -19.92 25.52
HG3 MSE C 215 1.41 -20.69 24.43
HE1 MSE C 215 -2.28 -19.98 25.24
HE2 MSE C 215 -1.29 -20.61 24.19
HE3 MSE C 215 -1.41 -21.22 25.65
N ASN C 216 2.44 -24.23 24.48
CA ASN C 216 2.70 -24.91 23.21
C ASN C 216 1.90 -26.21 23.24
N PRO C 217 1.66 -26.79 22.08
CA PRO C 217 1.12 -28.16 22.09
C PRO C 217 2.18 -29.16 22.55
N PRO C 218 1.75 -30.36 22.95
CA PRO C 218 2.68 -31.42 23.34
C PRO C 218 3.83 -31.59 22.34
N MSE C 219 3.56 -31.49 21.04
CA MSE C 219 4.58 -31.68 20.01
C MSE C 219 5.85 -30.88 20.32
O MSE C 219 6.94 -31.43 20.38
CB MSE C 219 3.99 -31.27 18.63
CG MSE C 219 4.62 -31.93 17.40
SE MSE C 219 6.45 -31.34 16.98
CE MSE C 219 6.19 -29.52 16.40
H MSE C 219 2.78 -31.31 20.72
HA MSE C 219 4.81 -32.63 19.96
HB2 MSE C 219 3.05 -31.51 18.62
HB3 MSE C 219 4.09 -30.32 18.53
HG2 MSE C 219 4.66 -32.88 17.54
HG3 MSE C 219 4.07 -31.74 16.62
HE1 MSE C 219 7.04 -29.14 16.17
HE2 MSE C 219 5.61 -29.52 15.64
HE3 MSE C 219 5.79 -29.01 17.12
N TYR C 220 5.72 -29.57 20.55
CA TYR C 220 6.87 -28.71 20.84
C TYR C 220 7.46 -28.91 22.22
N ILE C 221 6.63 -29.23 23.21
CA ILE C 221 7.14 -29.50 24.54
C ILE C 221 8.12 -30.69 24.49
N ILE C 222 7.77 -31.71 23.72
CA ILE C 222 8.67 -32.84 23.50
C ILE C 222 9.86 -32.43 22.66
N MSE C 223 9.60 -31.70 21.58
CA MSE C 223 10.65 -31.45 20.58
C MSE C 223 11.81 -30.66 21.17
O MSE C 223 12.98 -30.94 20.87
CB MSE C 223 10.07 -30.68 19.38
CG MSE C 223 11.03 -30.60 18.19
SE MSE C 223 10.17 -29.71 16.67
CE MSE C 223 10.57 -27.89 17.17
H MSE C 223 8.83 -31.34 21.40
HA MSE C 223 10.98 -32.31 20.24
HB2 MSE C 223 9.26 -31.12 19.09
HB3 MSE C 223 9.87 -29.77 19.66
HG2 MSE C 223 11.82 -30.10 18.43
HG3 MSE C 223 11.28 -31.51 17.91
HE1 MSE C 223 10.22 -27.30 16.51
HE2 MSE C 223 10.18 -27.71 18.03
HE3 MSE C 223 11.53 -27.78 17.22
N GLY C 224 11.49 -29.68 22.01
CA GLY C 224 12.50 -28.87 22.68
C GLY C 224 13.05 -29.46 23.96
N SER C 225 12.65 -30.69 24.26
CA SER C 225 13.01 -31.35 25.53
C SER C 225 12.62 -30.50 26.74
N LEU C 226 11.50 -29.79 26.66
CA LEU C 226 11.14 -28.85 27.71
C LEU C 226 10.74 -29.54 29.01
N TYR C 227 10.36 -30.82 28.94
CA TYR C 227 10.03 -31.60 30.12
C TYR C 227 11.29 -31.74 31.01
N GLU C 228 12.48 -31.49 30.47
CA GLU C 228 13.69 -31.55 31.31
C GLU C 228 13.76 -30.40 32.28
N VAL C 229 13.05 -29.31 31.96
CA VAL C 229 13.18 -28.06 32.69
C VAL C 229 11.81 -27.52 33.06
N GLN C 230 10.79 -28.38 32.93
CA GLN C 230 9.38 -28.05 33.28
C GLN C 230 8.77 -29.26 33.93
N LYS C 231 8.05 -29.08 35.03
CA LYS C 231 7.45 -30.18 35.77
C LYS C 231 5.96 -30.31 35.59
N TYR C 232 5.26 -29.19 35.37
CA TYR C 232 3.81 -29.17 35.48
C TYR C 232 3.18 -28.89 34.14
N LEU C 233 2.28 -29.78 33.69
CA LEU C 233 1.60 -29.66 32.41
C LEU C 233 0.11 -29.54 32.64
N THR C 234 -0.50 -28.51 32.05
CA THR C 234 -1.95 -28.27 32.19
C THR C 234 -2.59 -28.44 30.81
N LEU C 235 -3.51 -29.38 30.68
CA LEU C 235 -4.16 -29.65 29.39
C LEU C 235 -5.33 -28.69 29.11
N ALA C 236 -4.97 -27.42 28.90
CA ALA C 236 -5.96 -26.36 28.70
C ALA C 236 -6.59 -26.40 27.30
N ASN C 237 -5.87 -26.93 26.32
CA ASN C 237 -6.34 -26.94 24.93
C ASN C 237 -6.95 -25.60 24.51
N VAL C 238 -6.16 -24.54 24.71
CA VAL C 238 -6.70 -23.18 24.69
C VAL C 238 -6.74 -22.49 23.33
N GLN C 239 -5.85 -22.89 22.44
CA GLN C 239 -5.71 -22.28 21.11
C GLN C 239 -5.30 -23.35 20.11
N TYR C 240 -5.65 -23.13 18.84
CA TYR C 240 -5.23 -24.02 17.76
C TYR C 240 -3.75 -23.82 17.45
N SER C 241 -3.03 -24.91 17.26
CA SER C 241 -1.61 -24.83 16.91
C SER C 241 -1.39 -24.84 15.40
N ASP C 242 -0.72 -23.80 14.90
CA ASP C 242 -0.40 -23.71 13.50
C ASP C 242 0.89 -22.95 13.22
N GLN C 243 1.41 -23.15 12.02
CA GLN C 243 2.43 -22.31 11.42
C GLN C 243 2.02 -22.02 9.98
N PHE C 244 2.76 -21.15 9.30
CA PHE C 244 2.29 -20.57 8.05
C PHE C 244 3.31 -20.73 6.93
N LEU C 245 2.92 -21.39 5.84
CA LEU C 245 3.82 -21.57 4.70
C LEU C 245 3.79 -20.31 3.85
N ILE C 246 4.96 -19.67 3.68
CA ILE C 246 5.11 -18.41 2.92
C ILE C 246 6.04 -18.61 1.72
N ALA C 247 5.66 -18.06 0.56
CA ALA C 247 6.49 -18.08 -0.63
C ALA C 247 6.85 -16.67 -1.05
N ASN C 248 8.05 -16.52 -1.57
CA ASN C 248 8.49 -15.27 -2.17
C ASN C 248 7.56 -14.91 -3.30
N GLY C 249 7.09 -13.66 -3.32
CA GLY C 249 6.08 -13.27 -4.27
C GLY C 249 6.58 -13.15 -5.70
N GLU C 250 7.74 -12.55 -5.89
CA GLU C 250 8.27 -12.36 -7.23
C GLU C 250 8.42 -13.71 -7.92
N TRP C 251 8.87 -14.70 -7.17
CA TRP C 251 8.99 -16.05 -7.69
C TRP C 251 7.62 -16.69 -7.94
N TYR C 252 6.79 -16.73 -6.90
CA TYR C 252 5.57 -17.50 -6.98
C TYR C 252 4.62 -16.95 -8.04
N ASP C 253 4.53 -15.63 -8.10
CA ASP C 253 3.51 -15.01 -8.92
C ASP C 253 3.96 -14.85 -10.36
N ASP C 254 5.13 -15.40 -10.71
CA ASP C 254 5.55 -15.51 -12.11
C ASP C 254 5.56 -16.96 -12.59
N LEU C 255 5.14 -17.90 -11.74
CA LEU C 255 5.07 -19.30 -12.14
C LEU C 255 4.02 -19.45 -13.23
N SER C 256 4.20 -20.47 -14.06
CA SER C 256 3.20 -20.87 -15.04
C SER C 256 1.99 -21.48 -14.33
N GLU C 257 0.88 -21.57 -15.06
CA GLU C 257 -0.31 -22.20 -14.54
C GLU C 257 -0.02 -23.63 -14.05
N GLU C 258 0.72 -24.38 -14.87
CA GLU C 258 1.02 -25.76 -14.56
C GLU C 258 1.75 -25.90 -13.21
N ASN C 259 2.77 -25.07 -13.01
CA ASN C 259 3.53 -25.13 -11.78
C ASN C 259 2.74 -24.59 -10.60
N ARG C 260 1.98 -23.52 -10.82
CA ARG C 260 1.16 -22.94 -9.76
C ARG C 260 0.15 -23.99 -9.26
N GLN C 261 -0.56 -24.64 -10.17
CA GLN C 261 -1.54 -25.62 -9.74
C GLN C 261 -0.88 -26.80 -9.04
N ALA C 262 0.30 -27.20 -9.50
CA ALA C 262 1.03 -28.29 -8.87
C ALA C 262 1.39 -27.96 -7.44
N ILE C 263 1.91 -26.75 -7.22
CA ILE C 263 2.29 -26.37 -5.89
C ILE C 263 1.05 -26.24 -5.00
N GLU C 264 -0.02 -25.66 -5.53
CA GLU C 264 -1.24 -25.53 -4.74
C GLU C 264 -1.76 -26.90 -4.30
N ALA C 265 -1.75 -27.87 -5.21
CA ALA C 265 -2.23 -29.21 -4.91
C ALA C 265 -1.33 -29.88 -3.87
N ALA C 266 -0.02 -29.71 -4.02
CA ALA C 266 0.94 -30.25 -3.06
C ALA C 266 0.74 -29.69 -1.67
N VAL C 267 0.53 -28.38 -1.58
CA VAL C 267 0.31 -27.74 -0.29
C VAL C 267 -0.94 -28.31 0.40
N GLN C 268 -2.06 -28.41 -0.32
CA GLN C 268 -3.30 -28.89 0.26
C GLN C 268 -3.12 -30.34 0.74
N GLU C 269 -2.46 -31.16 -0.09
CA GLU C 269 -2.28 -32.56 0.25
C GLU C 269 -1.39 -32.70 1.48
N ALA C 270 -0.27 -31.99 1.48
CA ALA C 270 0.65 -32.05 2.61
C ALA C 270 -0.07 -31.54 3.87
N SER C 271 -0.87 -30.49 3.72
CA SER C 271 -1.62 -29.97 4.84
C SER C 271 -2.55 -31.04 5.40
N GLU C 272 -3.27 -31.78 4.52
CA GLU C 272 -4.17 -32.82 5.02
C GLU C 272 -3.40 -33.93 5.71
N LEU C 273 -2.28 -34.34 5.14
CA LEU C 273 -1.48 -35.38 5.76
C LEU C 273 -1.02 -34.98 7.16
N ASN C 274 -0.71 -33.70 7.36
CA ASN C 274 -0.28 -33.25 8.69
C ASN C 274 -1.43 -33.25 9.69
N ARG C 275 -2.60 -32.77 9.27
CA ARG C 275 -3.75 -32.76 10.15
C ARG C 275 -4.03 -34.16 10.64
N GLU C 276 -3.99 -35.12 9.73
CA GLU C 276 -4.29 -36.50 10.08
C GLU C 276 -3.25 -37.05 11.05
N ASP C 277 -1.99 -36.81 10.75
CA ASP C 277 -0.93 -37.35 11.61
C ASP C 277 -0.96 -36.73 13.00
N VAL C 278 -1.04 -35.41 13.05
CA VAL C 278 -1.00 -34.72 14.32
C VAL C 278 -2.14 -35.14 15.22
N GLU C 279 -3.34 -35.22 14.65
CA GLU C 279 -4.49 -35.49 15.48
C GLU C 279 -4.45 -36.90 16.08
N LYS C 280 -3.89 -37.85 15.34
CA LYS C 280 -3.77 -39.22 15.79
C LYS C 280 -2.83 -39.37 17.00
N ARG C 281 -1.86 -38.46 17.12
CA ARG C 281 -0.74 -38.64 18.03
C ARG C 281 -0.77 -37.77 19.29
N VAL C 282 -1.77 -36.91 19.42
CA VAL C 282 -1.82 -36.03 20.58
C VAL C 282 -1.77 -36.81 21.89
N ASP C 283 -2.63 -37.81 22.06
CA ASP C 283 -2.69 -38.51 23.34
C ASP C 283 -1.38 -39.27 23.65
N GLU C 284 -0.77 -39.83 22.60
CA GLU C 284 0.51 -40.53 22.73
C GLU C 284 1.63 -39.58 23.18
N ARG C 285 1.59 -38.37 22.65
CA ARG C 285 2.56 -37.36 23.04
C ARG C 285 2.38 -36.89 24.49
N ILE C 286 1.13 -36.76 24.96
CA ILE C 286 0.89 -36.47 26.37
C ILE C 286 1.40 -37.61 27.29
N GLN C 287 1.15 -38.85 26.87
CA GLN C 287 1.65 -40.01 27.59
C GLN C 287 3.18 -40.00 27.70
N PHE C 288 3.86 -39.64 26.61
CA PHE C 288 5.31 -39.51 26.64
C PHE C 288 5.73 -38.48 27.70
N LEU C 289 5.04 -37.36 27.75
CA LEU C 289 5.41 -36.34 28.71
C LEU C 289 5.24 -36.83 30.14
N ALA C 290 4.14 -37.53 30.40
CA ALA C 290 3.91 -38.14 31.72
C ALA C 290 5.02 -39.12 32.07
N ASP C 291 5.46 -39.89 31.08
CA ASP C 291 6.55 -40.86 31.30
C ASP C 291 7.88 -40.18 31.64
N GLN C 292 8.07 -38.97 31.15
CA GLN C 292 9.29 -38.23 31.46
C GLN C 292 9.18 -37.51 32.81
N GLY C 293 8.07 -37.74 33.51
CA GLY C 293 7.92 -37.24 34.86
C GLY C 293 7.09 -35.99 34.99
N MSE C 294 6.48 -35.51 33.90
CA MSE C 294 5.60 -34.36 34.03
C MSE C 294 4.36 -34.76 34.82
O MSE C 294 3.84 -35.87 34.65
CB MSE C 294 5.22 -33.78 32.69
CG MSE C 294 6.39 -33.26 31.86
SE MSE C 294 5.89 -31.82 30.65
CE MSE C 294 5.55 -30.42 31.99
H MSE C 294 6.57 -35.82 33.10
HA MSE C 294 6.08 -33.66 34.52
HB2 MSE C 294 4.77 -34.48 32.16
HB3 MSE C 294 4.59 -33.05 32.82
HG2 MSE C 294 7.07 -32.91 32.46
HG3 MSE C 294 6.76 -33.98 31.33
HE1 MSE C 294 5.28 -29.61 31.53
HE2 MSE C 294 4.85 -30.71 32.57
HE3 MSE C 294 6.35 -30.26 32.49
N GLU C 295 3.94 -33.85 35.69
CA GLU C 295 2.71 -33.99 36.43
C GLU C 295 1.64 -33.37 35.56
N VAL C 296 0.64 -34.15 35.16
CA VAL C 296 -0.32 -33.71 34.17
C VAL C 296 -1.68 -33.44 34.82
N ILE C 297 -2.19 -32.21 34.64
CA ILE C 297 -3.51 -31.84 35.12
C ILE C 297 -4.43 -31.70 33.93
N GLU C 298 -5.57 -32.39 34.00
CA GLU C 298 -6.66 -32.23 33.06
C GLU C 298 -7.73 -31.41 33.79
N PRO C 299 -7.82 -30.11 33.48
CA PRO C 299 -8.78 -29.29 34.22
C PRO C 299 -10.19 -29.84 34.09
N THR C 300 -10.96 -29.63 35.15
CA THR C 300 -12.36 -30.00 35.17
C THR C 300 -13.18 -29.12 34.22
N GLU C 301 -14.41 -29.54 33.97
CA GLU C 301 -15.33 -28.76 33.15
C GLU C 301 -15.43 -27.36 33.72
N ASP C 302 -15.55 -27.28 35.04
CA ASP C 302 -15.69 -25.99 35.69
C ASP C 302 -14.42 -25.14 35.56
N GLU C 303 -13.26 -25.76 35.64
CA GLU C 303 -12.00 -25.03 35.54
C GLU C 303 -11.81 -24.53 34.12
N LEU C 304 -12.19 -25.36 33.15
CA LEU C 304 -12.09 -24.95 31.77
C LEU C 304 -13.00 -23.76 31.49
N ALA C 305 -14.19 -23.77 32.09
CA ALA C 305 -15.12 -22.65 31.96
C ALA C 305 -14.49 -21.37 32.54
N ALA C 306 -13.76 -21.51 33.66
CA ALA C 306 -13.13 -20.37 34.30
C ALA C 306 -12.01 -19.81 33.42
N PHE C 307 -11.22 -20.69 32.82
CA PHE C 307 -10.18 -20.24 31.90
C PHE C 307 -10.80 -19.44 30.75
N ARG C 308 -11.92 -19.92 30.24
CA ARG C 308 -12.61 -19.25 29.14
C ARG C 308 -13.18 -17.91 29.57
N GLU C 309 -13.85 -17.91 30.73
N GLU C 309 -13.82 -17.89 30.73
CA GLU C 309 -14.53 -16.72 31.23
CA GLU C 309 -14.55 -16.70 31.15
C GLU C 309 -13.57 -15.57 31.48
C GLU C 309 -13.62 -15.57 31.57
N LYS C 310 -12.39 -15.90 31.99
CA LYS C 310 -11.36 -14.90 32.26
C LYS C 310 -10.57 -14.55 31.00
N GLY C 311 -10.17 -15.57 30.25
CA GLY C 311 -9.27 -15.36 29.12
C GLY C 311 -9.92 -14.82 27.86
N GLN C 312 -11.10 -15.30 27.54
CA GLN C 312 -11.69 -14.96 26.25
C GLN C 312 -12.13 -13.49 26.17
N PRO C 313 -12.94 -13.00 27.12
CA PRO C 313 -13.29 -11.58 26.95
C PRO C 313 -12.10 -10.63 27.14
N ALA C 314 -11.13 -10.98 27.97
CA ALA C 314 -9.94 -10.14 28.12
C ALA C 314 -9.16 -10.05 26.81
N TYR C 315 -9.03 -11.17 26.10
CA TYR C 315 -8.29 -11.21 24.85
C TYR C 315 -9.02 -10.38 23.80
N ILE C 316 -10.35 -10.50 23.75
CA ILE C 316 -11.12 -9.74 22.78
C ILE C 316 -10.98 -8.24 23.06
N GLU C 317 -10.98 -7.84 24.32
CA GLU C 317 -10.76 -6.43 24.64
C GLU C 317 -9.35 -5.98 24.24
N TRP C 318 -8.36 -6.86 24.42
CA TRP C 318 -7.01 -6.57 23.96
C TRP C 318 -6.99 -6.34 22.45
N LEU C 319 -7.68 -7.18 21.69
CA LEU C 319 -7.73 -7.00 20.24
C LEU C 319 -8.36 -5.67 19.86
N THR C 320 -9.52 -5.37 20.45
CA THR C 320 -10.38 -4.27 20.01
C THR C 320 -9.90 -2.93 20.50
N ASP C 321 -9.51 -2.87 21.77
CA ASP C 321 -9.35 -1.60 22.45
C ASP C 321 -7.90 -1.32 22.88
N GLU C 322 -7.03 -2.32 22.88
CA GLU C 322 -5.63 -2.11 23.22
C GLU C 322 -4.78 -2.10 21.96
N GLN C 323 -4.87 -3.16 21.17
CA GLN C 323 -4.18 -3.24 19.88
C GLN C 323 -4.91 -2.46 18.81
N GLY C 324 -6.21 -2.24 19.00
CA GLY C 324 -6.97 -1.42 18.08
C GLY C 324 -7.24 -2.03 16.73
N ILE C 325 -7.29 -3.35 16.66
CA ILE C 325 -7.66 -4.03 15.41
C ILE C 325 -9.12 -3.71 15.14
N ASP C 326 -9.46 -3.33 13.92
CA ASP C 326 -10.80 -2.81 13.75
C ASP C 326 -11.83 -3.92 13.86
N ARG C 327 -12.97 -3.52 14.38
CA ARG C 327 -14.08 -4.39 14.67
C ARG C 327 -14.50 -5.19 13.45
N ALA C 328 -14.44 -4.59 12.27
CA ALA C 328 -14.87 -5.32 11.07
C ALA C 328 -14.05 -6.60 10.88
N TRP C 329 -12.74 -6.52 11.09
CA TRP C 329 -11.85 -7.71 11.02
C TRP C 329 -12.30 -8.78 12.00
N ILE C 330 -12.54 -8.35 13.22
CA ILE C 330 -12.90 -9.25 14.30
C ILE C 330 -14.26 -9.89 14.04
N GLU C 331 -15.23 -9.08 13.65
CA GLU C 331 -16.55 -9.58 13.36
C GLU C 331 -16.54 -10.58 12.21
N MSE C 332 -15.69 -10.35 11.22
CA MSE C 332 -15.61 -11.26 10.07
C MSE C 332 -15.11 -12.63 10.54
O MSE C 332 -15.64 -13.66 10.17
CB MSE C 332 -14.66 -10.69 9.03
CG MSE C 332 -14.62 -11.44 7.72
SE MSE C 332 -13.43 -10.61 6.42
CE MSE C 332 -14.06 -8.77 6.52
H MSE C 332 -15.15 -9.68 11.18
HA MSE C 332 -16.50 -11.35 9.66
HB2 MSE C 332 -14.92 -9.77 8.84
HB3 MSE C 332 -13.75 -10.69 9.40
HG2 MSE C 332 -14.31 -12.34 7.88
HG3 MSE C 332 -15.51 -11.45 7.34
HE1 MSE C 332 -13.55 -8.23 5.91
HE2 MSE C 332 -14.99 -8.75 6.27
HE3 MSE C 332 -13.95 -8.44 7.41
N ALA C 333 -14.07 -12.62 11.36
CA ALA C 333 -13.55 -13.89 11.89
C ALA C 333 -14.56 -14.61 12.75
N LEU C 334 -15.28 -13.86 13.60
CA LEU C 334 -16.25 -14.48 14.46
C LEU C 334 -17.36 -15.08 13.61
N GLU C 335 -17.74 -14.41 12.52
CA GLU C 335 -18.78 -14.97 11.65
C GLU C 335 -18.29 -16.27 11.05
N ASP C 336 -17.05 -16.28 10.58
CA ASP C 336 -16.45 -17.51 10.02
C ASP C 336 -16.54 -18.64 11.04
N ALA C 337 -16.22 -18.33 12.30
CA ALA C 337 -16.09 -19.33 13.33
C ALA C 337 -17.43 -19.72 13.95
N GLY C 338 -18.52 -19.07 13.53
CA GLY C 338 -19.83 -19.32 14.10
C GLY C 338 -19.88 -18.87 15.54
N GLN C 339 -19.13 -17.82 15.86
CA GLN C 339 -19.04 -17.29 17.20
C GLN C 339 -19.34 -15.78 17.29
N SER C 340 -20.26 -15.28 16.46
CA SER C 340 -20.59 -13.85 16.46
C SER C 340 -21.02 -13.36 17.85
N ASP C 341 -21.63 -14.26 18.62
CA ASP C 341 -22.04 -13.96 20.00
C ASP C 341 -20.92 -13.39 20.88
N LEU C 342 -19.66 -13.68 20.57
CA LEU C 342 -18.57 -13.23 21.44
C LEU C 342 -18.33 -11.71 21.37
N LEU C 343 -18.97 -11.05 20.42
CA LEU C 343 -18.84 -9.59 20.29
C LEU C 343 -20.17 -8.98 19.85
N ALA D 28 -9.85 18.50 26.83
CA ALA D 28 -8.58 18.45 26.11
C ALA D 28 -8.22 17.00 25.80
N THR D 29 -7.14 16.81 25.03
CA THR D 29 -6.75 15.49 24.60
C THR D 29 -5.56 15.02 25.41
N THR D 30 -5.74 13.94 26.16
CA THR D 30 -4.64 13.30 26.88
C THR D 30 -4.20 12.11 26.06
N LEU D 31 -2.91 12.05 25.76
CA LEU D 31 -2.33 10.98 24.97
C LEU D 31 -1.31 10.24 25.78
N ASN D 32 -1.32 8.92 25.74
CA ASN D 32 -0.26 8.15 26.37
C ASN D 32 1.02 8.30 25.55
N LEU D 33 2.14 8.40 26.25
CA LEU D 33 3.47 8.38 25.64
C LEU D 33 4.26 7.24 26.28
N SER D 34 4.52 6.21 25.50
CA SER D 34 5.19 5.00 26.00
C SER D 34 6.67 5.00 25.62
N TYR D 35 7.50 4.48 26.53
CA TYR D 35 8.95 4.40 26.28
C TYR D 35 9.66 3.47 27.25
N ASN D 36 10.89 3.10 26.92
CA ASN D 36 11.67 2.22 27.78
C ASN D 36 12.42 2.88 28.93
N GLY D 37 12.64 2.12 29.98
CA GLY D 37 13.48 2.53 31.10
C GLY D 37 12.77 3.27 32.22
N PRO D 38 13.43 3.40 33.37
CA PRO D 38 12.79 4.02 34.54
C PRO D 38 12.59 5.52 34.40
N PRO D 39 11.62 6.07 35.15
CA PRO D 39 11.37 7.52 35.15
C PRO D 39 12.38 8.26 36.04
N ASP D 40 13.63 8.18 35.62
CA ASP D 40 14.76 8.76 36.33
C ASP D 40 15.53 9.54 35.29
N THR D 41 15.51 10.85 35.41
CA THR D 41 16.10 11.72 34.40
C THR D 41 17.59 11.47 34.26
N ASP D 42 18.26 11.27 35.38
CA ASP D 42 19.71 11.08 35.39
C ASP D 42 20.14 9.78 34.74
N LYS D 43 19.34 8.74 34.91
CA LYS D 43 19.72 7.41 34.46
C LYS D 43 19.03 6.98 33.16
N ASN D 44 18.12 7.79 32.65
CA ASN D 44 17.36 7.40 31.47
C ASN D 44 17.19 8.61 30.55
N ALA D 45 18.02 8.71 29.52
CA ALA D 45 17.94 9.78 28.54
C ALA D 45 16.61 9.79 27.81
N VAL D 46 15.91 8.66 27.73
CA VAL D 46 14.60 8.66 27.07
C VAL D 46 13.56 9.32 27.98
N HIS D 47 13.70 9.15 29.29
CA HIS D 47 12.83 9.86 30.23
C HIS D 47 13.09 11.35 30.19
N LEU D 48 14.36 11.74 30.08
CA LEU D 48 14.69 13.16 29.89
C LEU D 48 13.90 13.72 28.72
N PHE D 49 13.95 13.02 27.59
CA PHE D 49 13.24 13.44 26.40
C PHE D 49 11.73 13.46 26.62
N ALA D 50 11.18 12.37 27.13
CA ALA D 50 9.70 12.26 27.30
C ALA D 50 9.17 13.34 28.22
N SER D 51 9.90 13.62 29.31
N SER D 51 9.88 13.60 29.32
CA SER D 51 9.50 14.63 30.29
CA SER D 51 9.46 14.65 30.26
C SER D 51 9.60 16.06 29.76
C SER D 51 9.52 16.01 29.59
N ASN D 52 10.65 16.33 28.99
CA ASN D 52 10.77 17.60 28.32
C ASN D 52 9.67 17.74 27.27
N LEU D 53 9.37 16.67 26.53
CA LEU D 53 8.33 16.72 25.51
C LEU D 53 6.99 17.03 26.16
N LYS D 54 6.65 16.36 27.25
CA LYS D 54 5.39 16.62 27.94
C LYS D 54 5.26 18.08 28.34
N ARG D 55 6.30 18.60 28.98
CA ARG D 55 6.37 19.97 29.43
C ARG D 55 6.14 20.92 28.26
N LEU D 56 6.89 20.74 27.18
CA LEU D 56 6.86 21.68 26.06
C LEU D 56 5.59 21.54 25.20
N VAL D 57 5.11 20.31 25.03
CA VAL D 57 3.85 20.10 24.29
C VAL D 57 2.67 20.81 24.98
N GLU D 58 2.56 20.67 26.29
N GLU D 58 2.54 20.63 26.30
CA GLU D 58 1.44 21.25 27.00
CA GLU D 58 1.47 21.30 27.04
C GLU D 58 1.53 22.77 27.04
C GLU D 58 1.56 22.78 26.85
N GLU D 59 2.76 23.31 27.11
CA GLU D 59 2.98 24.75 27.07
C GLU D 59 2.62 25.29 25.69
N LYS D 60 3.15 24.68 24.65
CA LYS D 60 3.04 25.27 23.32
C LYS D 60 1.64 25.12 22.74
N THR D 61 0.91 24.10 23.18
CA THR D 61 -0.49 23.94 22.77
C THR D 61 -1.48 24.55 23.76
N ASP D 62 -0.98 25.30 24.75
CA ASP D 62 -1.84 25.91 25.76
C ASP D 62 -2.81 24.89 26.38
N GLY D 63 -2.30 23.70 26.65
CA GLY D 63 -3.07 22.68 27.32
C GLY D 63 -3.96 21.84 26.44
N ASP D 64 -4.04 22.15 25.15
CA ASP D 64 -4.92 21.39 24.26
C ASP D 64 -4.48 19.93 24.16
N ILE D 65 -3.18 19.69 24.17
CA ILE D 65 -2.61 18.35 24.14
C ILE D 65 -1.82 18.11 25.42
N GLN D 66 -2.20 17.07 26.14
CA GLN D 66 -1.56 16.70 27.39
C GLN D 66 -1.05 15.28 27.27
N LEU D 67 0.13 15.01 27.83
CA LEU D 67 0.72 13.66 27.73
C LEU D 67 0.68 12.96 29.08
N LYS D 68 0.47 11.65 29.04
CA LYS D 68 0.56 10.82 30.22
C LYS D 68 1.69 9.84 29.97
N LEU D 69 2.70 9.85 30.84
CA LEU D 69 3.91 9.08 30.59
C LEU D 69 3.79 7.65 31.13
N TYR D 70 4.25 6.72 30.30
CA TYR D 70 4.26 5.27 30.60
C TYR D 70 5.67 4.75 30.36
N PRO D 71 6.55 4.99 31.34
CA PRO D 71 7.95 4.54 31.26
C PRO D 71 8.06 3.02 31.47
N ASN D 72 9.28 2.51 31.53
CA ASN D 72 9.52 1.12 31.88
C ASN D 72 8.81 0.15 30.93
N SER D 73 8.52 0.57 29.70
CA SER D 73 7.83 -0.29 28.75
C SER D 73 6.53 -0.84 29.37
N MSE D 74 5.87 -0.05 30.22
CA MSE D 74 4.73 -0.54 31.01
C MSE D 74 3.58 -1.06 30.14
O MSE D 74 2.85 -1.96 30.55
CB MSE D 74 4.16 0.58 31.89
CG MSE D 74 4.87 0.78 33.19
SE MSE D 74 4.44 2.54 33.94
CE MSE D 74 2.79 2.06 34.85
H MSE D 74 6.06 0.77 30.37
HA MSE D 74 5.03 -1.27 31.60
HB2 MSE D 74 4.22 1.41 31.39
HB3 MSE D 74 3.23 0.38 32.09
HG2 MSE D 74 4.59 0.10 33.82
HG3 MSE D 74 5.82 0.73 33.05
HE1 MSE D 74 2.44 2.85 35.29
HE2 MSE D 74 2.16 1.74 34.20
HE3 MSE D 74 2.97 1.38 35.49
N LEU D 75 3.41 -0.46 28.96
CA LEU D 75 2.30 -0.83 28.11
C LEU D 75 2.67 -1.93 27.13
N GLY D 76 3.92 -2.40 27.21
CA GLY D 76 4.34 -3.57 26.46
C GLY D 76 5.75 -3.47 25.95
N GLU D 77 6.26 -4.58 25.48
CA GLU D 77 7.52 -4.56 24.76
C GLU D 77 7.33 -3.97 23.34
N GLU D 78 8.41 -3.91 22.58
CA GLU D 78 8.47 -3.09 21.38
C GLU D 78 7.39 -3.40 20.36
N GLN D 79 7.16 -4.68 20.07
CA GLN D 79 6.17 -5.02 19.05
C GLN D 79 4.77 -4.59 19.47
N GLU D 80 4.39 -4.91 20.70
CA GLU D 80 3.06 -4.57 21.19
C GLU D 80 2.81 -3.07 21.10
N ARG D 81 3.82 -2.26 21.40
CA ARG D 81 3.62 -0.81 21.45
C ARG D 81 3.51 -0.24 20.06
N MSE D 82 4.16 -0.86 19.10
CA MSE D 82 4.04 -0.38 17.73
C MSE D 82 2.63 -0.52 17.23
O MSE D 82 2.10 0.38 16.57
CB MSE D 82 4.96 -1.15 16.79
CG MSE D 82 6.35 -0.67 16.80
SE MSE D 82 6.61 1.20 16.33
CE MSE D 82 5.57 1.36 14.75
H MSE D 82 4.67 -1.56 19.19
HA MSE D 82 4.30 0.56 17.70
HB2 MSE D 82 4.96 -2.08 17.04
HB3 MSE D 82 4.63 -1.05 15.87
HG2 MSE D 82 6.71 -0.80 17.70
HG3 MSE D 82 6.87 -1.21 16.17
HE1 MSE D 82 5.63 2.26 14.43
HE2 MSE D 82 5.92 0.74 14.09
HE3 MSE D 82 4.66 1.13 14.95
N GLU D 83 1.98 -1.65 17.50
CA GLU D 83 0.61 -1.81 17.07
C GLU D 83 -0.31 -0.79 17.78
N GLN D 84 -0.03 -0.48 19.05
CA GLN D 84 -0.81 0.51 19.80
C GLN D 84 -0.78 1.87 19.11
N VAL D 85 0.42 2.33 18.75
CA VAL D 85 0.54 3.66 18.20
C VAL D 85 -0.01 3.71 16.77
N ILE D 86 0.12 2.62 16.02
CA ILE D 86 -0.43 2.63 14.68
C ILE D 86 -1.95 2.75 14.71
N ASN D 87 -2.61 2.13 15.68
CA ASN D 87 -4.08 2.03 15.65
C ASN D 87 -4.86 2.91 16.61
N THR D 88 -4.19 3.50 17.61
CA THR D 88 -4.89 4.28 18.62
C THR D 88 -4.20 5.63 18.84
N PRO D 89 -4.96 6.70 19.12
CA PRO D 89 -4.32 8.00 19.34
C PRO D 89 -3.42 7.92 20.55
N SER D 90 -2.13 8.14 20.31
CA SER D 90 -1.09 7.93 21.30
C SER D 90 0.24 8.26 20.64
N LEU D 91 1.29 8.30 21.46
CA LEU D 91 2.68 8.43 21.01
C LEU D 91 3.50 7.27 21.55
N ASN D 92 4.58 6.92 20.85
CA ASN D 92 5.44 5.84 21.25
C ASN D 92 6.85 6.19 20.89
N ILE D 93 7.80 5.85 21.75
CA ILE D 93 9.22 5.95 21.43
C ILE D 93 9.70 4.52 21.18
N ALA D 94 10.03 4.25 19.93
CA ALA D 94 10.33 2.90 19.46
C ALA D 94 11.80 2.72 19.16
N SER D 95 12.30 1.51 19.39
CA SER D 95 13.64 1.16 19.00
C SER D 95 13.62 0.48 17.63
N PHE D 96 14.80 0.13 17.13
CA PHE D 96 14.89 -0.70 15.94
C PHE D 96 14.09 -1.99 16.10
N ALA D 97 13.98 -2.53 17.31
CA ALA D 97 13.25 -3.78 17.49
C ALA D 97 11.78 -3.59 17.10
N GLY D 98 11.20 -2.46 17.47
CA GLY D 98 9.82 -2.20 17.11
C GLY D 98 9.61 -1.78 15.68
N LEU D 99 10.53 -1.00 15.11
CA LEU D 99 10.31 -0.38 13.79
C LEU D 99 10.80 -1.26 12.64
N SER D 100 11.86 -2.05 12.86
CA SER D 100 12.49 -2.73 11.75
C SER D 100 11.60 -3.78 11.02
N PRO D 101 10.64 -4.44 11.70
CA PRO D 101 9.80 -5.36 10.92
C PRO D 101 8.92 -4.68 9.90
N ILE D 102 8.59 -3.40 10.16
CA ILE D 102 7.71 -2.61 9.32
C ILE D 102 8.47 -1.79 8.27
N VAL D 103 9.57 -1.15 8.69
CA VAL D 103 10.38 -0.33 7.80
C VAL D 103 11.85 -0.80 7.89
N PRO D 104 12.16 -1.95 7.24
CA PRO D 104 13.54 -2.46 7.26
C PRO D 104 14.52 -1.48 6.63
N GLU D 105 14.02 -0.54 5.82
CA GLU D 105 14.87 0.45 5.23
C GLU D 105 15.67 1.23 6.27
N ILE D 106 15.23 1.24 7.55
CA ILE D 106 16.00 1.91 8.60
C ILE D 106 17.35 1.25 8.80
N TYR D 107 17.51 0.03 8.30
CA TYR D 107 18.78 -0.66 8.47
C TYR D 107 19.95 0.08 7.78
N VAL D 108 19.65 0.84 6.73
CA VAL D 108 20.71 1.58 6.04
C VAL D 108 21.37 2.62 6.96
N SER D 109 20.61 3.22 7.87
CA SER D 109 21.15 4.22 8.79
C SER D 109 22.13 3.64 9.82
N ALA D 110 22.20 2.30 9.93
CA ALA D 110 23.04 1.61 10.90
C ALA D 110 24.26 0.92 10.27
N ILE D 111 24.59 1.27 9.03
CA ILE D 111 25.84 0.80 8.43
C ILE D 111 26.94 1.11 9.42
N PRO D 112 27.76 0.10 9.78
CA PRO D 112 28.80 0.37 10.78
C PRO D 112 29.73 1.49 10.33
N PHE D 113 30.05 2.40 11.24
CA PHE D 113 30.98 3.50 10.98
C PHE D 113 30.50 4.48 9.91
N LEU D 114 29.18 4.55 9.72
CA LEU D 114 28.61 5.46 8.75
C LEU D 114 28.90 6.93 9.09
N PHE D 115 28.89 7.25 10.39
CA PHE D 115 29.08 8.61 10.86
C PHE D 115 30.37 8.84 11.60
N GLU D 116 31.10 9.85 11.14
CA GLU D 116 32.36 10.27 11.73
C GLU D 116 32.17 10.88 13.11
N ASP D 117 31.04 11.56 13.31
CA ASP D 117 30.82 12.33 14.52
C ASP D 117 29.32 12.61 14.65
N TYR D 118 28.94 13.23 15.78
CA TYR D 118 27.54 13.59 16.01
C TYR D 118 26.98 14.52 14.94
N GLU D 119 27.75 15.53 14.55
CA GLU D 119 27.22 16.48 13.58
C GLU D 119 26.87 15.82 12.25
N ALA D 120 27.65 14.83 11.85
CA ALA D 120 27.36 14.08 10.63
C ALA D 120 26.02 13.37 10.74
N ALA D 121 25.77 12.75 11.89
CA ALA D 121 24.52 12.07 12.12
C ALA D 121 23.35 13.05 12.14
N HIS D 122 23.53 14.17 12.81
CA HIS D 122 22.46 15.16 12.90
C HIS D 122 22.07 15.67 11.52
N GLN D 123 23.04 16.00 10.69
CA GLN D 123 22.70 16.49 9.35
C GLN D 123 21.94 15.41 8.56
N PHE D 124 22.38 14.16 8.71
CA PHE D 124 21.79 13.01 8.03
C PHE D 124 20.31 12.86 8.35
N PHE D 125 19.97 12.85 9.64
CA PHE D 125 18.57 12.68 10.03
C PHE D 125 17.75 13.96 9.86
N ASP D 126 18.38 15.12 10.10
CA ASP D 126 17.66 16.39 10.07
C ASP D 126 17.36 16.85 8.64
N GLU D 127 18.31 16.66 7.72
CA GLU D 127 18.24 17.24 6.39
C GLU D 127 18.24 16.22 5.28
N GLY D 128 18.65 15.00 5.57
CA GLY D 128 18.92 14.04 4.53
C GLY D 128 17.72 13.53 3.76
N ASP D 129 17.91 13.31 2.47
CA ASP D 129 16.88 12.80 1.59
C ASP D 129 16.45 11.38 1.95
N TYR D 130 17.41 10.54 2.31
CA TYR D 130 17.08 9.16 2.64
C TYR D 130 16.16 9.11 3.86
N TRP D 131 16.47 9.85 4.90
CA TRP D 131 15.62 9.78 6.09
C TRP D 131 14.21 10.36 5.79
N ASN D 132 14.14 11.39 4.96
CA ASN D 132 12.83 11.91 4.57
C ASN D 132 12.00 10.82 3.93
N LYS D 133 12.64 10.01 3.08
CA LYS D 133 11.96 8.90 2.44
C LYS D 133 11.54 7.82 3.45
N VAL D 134 12.38 7.56 4.43
CA VAL D 134 12.02 6.63 5.52
C VAL D 134 10.77 7.12 6.26
N GLU D 135 10.72 8.40 6.59
CA GLU D 135 9.56 8.98 7.26
C GLU D 135 8.30 8.78 6.40
N ASP D 136 8.40 9.11 5.13
CA ASP D 136 7.26 8.99 4.23
C ASP D 136 6.85 7.53 4.09
N THR D 137 7.80 6.62 4.07
CA THR D 137 7.49 5.21 3.92
C THR D 137 6.71 4.70 5.11
N LEU D 138 7.10 5.08 6.32
CA LEU D 138 6.35 4.66 7.50
C LEU D 138 4.90 5.14 7.40
N GLU D 139 4.71 6.40 7.01
CA GLU D 139 3.37 6.95 6.90
C GLU D 139 2.54 6.22 5.85
N GLU D 140 3.18 5.90 4.73
CA GLU D 140 2.46 5.26 3.64
C GLU D 140 2.02 3.86 4.04
N ARG D 141 2.85 3.16 4.81
CA ARG D 141 2.56 1.76 5.16
C ARG D 141 1.60 1.62 6.33
N THR D 142 1.61 2.59 7.24
CA THR D 142 0.89 2.45 8.51
C THR D 142 0.04 3.64 8.93
N GLY D 143 0.19 4.76 8.25
CA GLY D 143 -0.46 5.99 8.67
C GLY D 143 0.33 6.74 9.75
N ALA D 144 1.24 6.06 10.45
CA ALA D 144 1.93 6.66 11.58
C ALA D 144 3.00 7.63 11.11
N GLU D 145 3.25 8.64 11.94
CA GLU D 145 4.18 9.70 11.58
C GLU D 145 5.41 9.61 12.46
N LEU D 146 6.57 9.57 11.82
CA LEU D 146 7.83 9.56 12.53
C LEU D 146 8.23 11.03 12.78
N LEU D 147 8.06 11.49 14.01
CA LEU D 147 8.22 12.91 14.29
C LEU D 147 9.63 13.32 14.61
N GLY D 148 10.44 12.39 15.10
CA GLY D 148 11.81 12.76 15.44
C GLY D 148 12.68 11.58 15.77
N VAL D 149 13.99 11.82 15.66
CA VAL D 149 15.04 10.87 15.96
C VAL D 149 15.68 11.33 17.25
N ILE D 150 15.43 10.58 18.31
CA ILE D 150 15.87 10.93 19.63
C ILE D 150 17.27 10.38 19.90
N GLU D 151 18.22 11.28 20.15
CA GLU D 151 19.55 10.83 20.57
C GLU D 151 19.45 10.53 22.06
N GLU D 152 19.63 9.28 22.43
CA GLU D 152 19.48 8.86 23.83
C GLU D 152 20.70 8.10 24.34
N GLY D 153 21.81 8.28 23.65
CA GLY D 153 23.10 7.77 24.09
C GLY D 153 24.13 8.18 23.07
N GLY D 154 25.41 8.00 23.41
CA GLY D 154 26.47 8.18 22.44
C GLY D 154 26.51 7.02 21.45
N PHE D 155 27.61 6.91 20.72
CA PHE D 155 27.74 5.83 19.77
C PHE D 155 27.81 4.48 20.49
N LEU D 156 27.39 3.42 19.81
CA LEU D 156 27.28 2.10 20.42
C LEU D 156 28.63 1.43 20.65
N ASP D 157 28.69 0.73 21.78
CA ASP D 157 29.87 -0.01 22.21
C ASP D 157 29.51 -1.48 22.41
N PHE D 158 30.53 -2.32 22.56
CA PHE D 158 30.31 -3.73 22.81
C PHE D 158 30.64 -4.08 24.24
N THR D 159 29.83 -4.93 24.85
CA THR D 159 30.16 -5.52 26.15
C THR D 159 30.08 -7.03 26.06
N ASN D 160 30.83 -7.71 26.90
CA ASN D 160 30.67 -9.15 27.07
C ASN D 160 31.27 -9.61 28.40
N SER D 161 31.05 -10.89 28.71
CA SER D 161 31.50 -11.48 29.95
C SER D 161 32.59 -12.54 29.76
N LYS D 162 33.03 -12.78 28.52
CA LYS D 162 33.98 -13.84 28.22
C LYS D 162 35.43 -13.39 28.07
N ARG D 163 35.68 -12.38 27.23
CA ARG D 163 37.05 -11.92 27.02
C ARG D 163 37.08 -10.52 26.43
N PRO D 164 38.19 -9.80 26.61
CA PRO D 164 38.29 -8.48 26.01
C PRO D 164 38.19 -8.55 24.48
N ILE D 165 37.60 -7.53 23.88
CA ILE D 165 37.52 -7.42 22.43
C ILE D 165 38.32 -6.21 21.92
N SER D 166 39.45 -6.48 21.26
CA SER D 166 40.23 -5.41 20.65
C SER D 166 40.40 -5.63 19.15
N SER D 167 40.13 -6.86 18.69
CA SER D 167 40.29 -7.27 17.30
C SER D 167 38.94 -7.84 16.85
N PRO D 168 38.56 -7.68 15.58
CA PRO D 168 37.35 -8.36 15.10
C PRO D 168 37.33 -9.86 15.41
N GLU D 169 38.50 -10.49 15.40
CA GLU D 169 38.57 -11.94 15.59
C GLU D 169 38.24 -12.35 17.03
N ASP D 170 38.25 -11.40 17.97
CA ASP D 170 37.89 -11.69 19.36
C ASP D 170 36.39 -12.03 19.50
N PHE D 171 35.62 -11.73 18.47
CA PHE D 171 34.20 -12.08 18.48
C PHE D 171 33.96 -13.57 18.21
N GLU D 172 34.97 -14.23 17.65
CA GLU D 172 34.78 -15.61 17.22
C GLU D 172 34.42 -16.54 18.37
N GLY D 173 33.29 -17.20 18.21
CA GLY D 173 32.81 -18.13 19.21
C GLY D 173 31.94 -17.52 20.30
N LEU D 174 31.70 -16.21 20.24
CA LEU D 174 30.86 -15.54 21.24
C LEU D 174 29.43 -15.53 20.77
N ARG D 175 28.52 -15.50 21.74
CA ARG D 175 27.10 -15.46 21.46
C ARG D 175 26.50 -14.17 22.01
N PHE D 176 26.10 -13.28 21.11
CA PHE D 176 25.61 -11.98 21.54
C PHE D 176 24.09 -11.89 21.48
N ARG D 177 23.56 -11.12 22.41
CA ARG D 177 22.16 -10.67 22.34
C ARG D 177 22.05 -9.59 21.26
N ALA D 178 21.00 -9.67 20.45
CA ALA D 178 20.72 -8.71 19.40
C ALA D 178 19.42 -7.97 19.71
N MSE D 179 19.41 -6.68 19.45
CA MSE D 179 18.15 -5.92 19.43
C MSE D 179 17.26 -6.30 18.25
O MSE D 179 16.04 -6.33 18.37
CB MSE D 179 18.48 -4.42 19.39
CG MSE D 179 17.26 -3.52 19.26
SE MSE D 179 17.62 -1.62 19.46
CE MSE D 179 18.99 -1.43 18.14
H MSE D 179 20.11 -6.20 19.28
HA MSE D 179 17.67 -6.10 20.27
HB2 MSE D 179 18.94 -4.18 20.21
HB3 MSE D 179 19.06 -4.26 18.62
HG2 MSE D 179 16.88 -3.65 18.38
HG3 MSE D 179 16.62 -3.77 19.94
HE1 MSE D 179 19.28 -0.51 18.13
HE2 MSE D 179 19.73 -1.99 18.37
HE3 MSE D 179 18.64 -1.67 17.28
N ASP D 180 17.88 -6.57 17.11
CA ASP D 180 17.17 -6.74 15.84
C ASP D 180 18.11 -7.42 14.85
N PRO D 181 17.58 -7.84 13.68
CA PRO D 181 18.43 -8.59 12.75
C PRO D 181 19.68 -7.86 12.25
N SER D 182 19.70 -6.53 12.29
CA SER D 182 20.90 -5.84 11.82
C SER D 182 22.08 -6.09 12.76
N GLN D 183 21.80 -6.27 14.05
CA GLN D 183 22.88 -6.62 14.96
C GLN D 183 23.33 -8.05 14.75
N VAL D 184 22.39 -8.96 14.49
CA VAL D 184 22.74 -10.32 14.14
C VAL D 184 23.72 -10.31 12.95
N ALA D 185 23.42 -9.51 11.93
CA ALA D 185 24.28 -9.49 10.75
C ALA D 185 25.69 -8.99 11.06
N LEU D 186 25.77 -7.97 11.90
CA LEU D 186 27.05 -7.43 12.31
C LEU D 186 27.86 -8.44 13.12
N TYR D 187 27.24 -9.06 14.11
CA TYR D 187 27.90 -10.10 14.90
C TYR D 187 28.43 -11.20 13.98
N GLU D 188 27.61 -11.66 13.06
CA GLU D 188 28.01 -12.74 12.16
C GLU D 188 29.19 -12.30 11.28
N ALA D 189 29.22 -11.04 10.89
CA ALA D 189 30.33 -10.52 10.09
C ALA D 189 31.67 -10.69 10.81
N PHE D 190 31.62 -10.59 12.14
CA PHE D 190 32.82 -10.68 12.95
C PHE D 190 33.09 -12.11 13.45
N GLY D 191 32.14 -13.02 13.25
CA GLY D 191 32.32 -14.42 13.60
C GLY D 191 31.60 -14.88 14.84
N ALA D 192 30.80 -13.99 15.42
CA ALA D 192 29.98 -14.30 16.56
C ALA D 192 28.60 -14.73 16.06
N SER D 193 27.81 -15.27 16.96
CA SER D 193 26.39 -15.54 16.71
C SER D 193 25.57 -14.46 17.41
N GLY D 194 24.33 -14.28 16.98
CA GLY D 194 23.42 -13.33 17.61
C GLY D 194 22.03 -13.91 17.72
N THR D 195 21.33 -13.55 18.77
CA THR D 195 19.97 -13.98 18.99
C THR D 195 19.16 -12.81 19.49
N PRO D 196 17.98 -12.57 18.92
CA PRO D 196 17.19 -11.41 19.36
C PRO D 196 16.49 -11.63 20.68
N ILE D 197 16.73 -10.75 21.65
CA ILE D 197 16.13 -10.81 22.96
C ILE D 197 15.65 -9.42 23.32
N PRO D 198 14.41 -9.27 23.80
CA PRO D 198 13.94 -7.94 24.17
C PRO D 198 14.82 -7.22 25.17
N TRP D 199 14.78 -5.89 25.13
CA TRP D 199 15.55 -5.10 26.06
C TRP D 199 15.28 -5.51 27.51
N THR D 200 14.01 -5.65 27.86
CA THR D 200 13.67 -5.89 29.24
C THR D 200 14.09 -7.26 29.76
N ASP D 201 14.56 -8.13 28.86
CA ASP D 201 15.12 -9.42 29.27
C ASP D 201 16.63 -9.51 29.10
N THR D 202 17.27 -8.41 28.70
CA THR D 202 18.70 -8.46 28.33
C THR D 202 19.58 -8.66 29.57
N TYR D 203 19.30 -7.93 30.65
CA TYR D 203 20.07 -8.15 31.89
C TYR D 203 20.04 -9.64 32.30
N MSE D 204 18.85 -10.22 32.36
CA MSE D 204 18.75 -11.60 32.78
C MSE D 204 19.37 -12.58 31.78
O MSE D 204 19.92 -13.62 32.18
CB MSE D 204 17.28 -11.98 33.03
CG MSE D 204 16.73 -11.44 34.31
SE MSE D 204 17.58 -12.22 35.87
CE MSE D 204 17.29 -14.12 35.52
H MSE D 204 18.10 -9.85 32.18
HA MSE D 204 19.21 -11.71 33.63
HB2 MSE D 204 16.74 -11.62 32.30
HB3 MSE D 204 17.20 -12.94 33.06
HG2 MSE D 204 16.88 -10.48 34.34
HG3 MSE D 204 15.78 -11.63 34.36
HE1 MSE D 204 17.68 -14.63 36.24
HE2 MSE D 204 16.34 -14.29 35.47
HE3 MSE D 204 17.71 -14.35 34.70
N ALA D 205 19.29 -12.28 30.48
CA ALA D 205 19.90 -13.15 29.48
C ALA D 205 21.41 -13.19 29.67
N LEU D 206 21.98 -12.06 30.04
CA LEU D 206 23.40 -11.98 30.27
C LEU D 206 23.76 -12.59 31.62
N LYS D 207 22.97 -12.33 32.66
CA LYS D 207 23.24 -12.91 33.97
C LYS D 207 23.28 -14.44 33.93
N THR D 208 22.38 -15.03 33.15
CA THR D 208 22.20 -16.49 33.10
C THR D 208 23.00 -17.14 31.98
N ASN D 209 23.76 -16.32 31.27
N ASN D 209 23.75 -16.31 31.26
CA ASN D 209 24.59 -16.77 30.16
CA ASN D 209 24.57 -16.73 30.14
C ASN D 209 23.82 -17.32 28.96
C ASN D 209 23.80 -17.37 28.99
N VAL D 210 22.55 -16.95 28.83
CA VAL D 210 21.83 -17.22 27.60
C VAL D 210 22.58 -16.50 26.48
N ALA D 211 23.14 -15.32 26.78
CA ALA D 211 24.05 -14.62 25.86
C ALA D 211 25.32 -14.20 26.61
N ASP D 212 26.40 -14.02 25.86
CA ASP D 212 27.69 -13.56 26.39
C ASP D 212 27.85 -12.06 26.41
N GLY D 213 27.18 -11.38 25.50
CA GLY D 213 27.43 -9.98 25.26
C GLY D 213 26.27 -9.27 24.60
N GLN D 214 26.43 -7.97 24.44
CA GLN D 214 25.43 -7.16 23.76
C GLN D 214 26.10 -5.89 23.27
N MSE D 215 25.33 -5.03 22.64
CA MSE D 215 25.84 -3.74 22.18
C MSE D 215 24.84 -2.63 22.46
O MSE D 215 23.64 -2.78 22.28
CB MSE D 215 26.26 -3.78 20.70
CG MSE D 215 25.15 -4.00 19.71
SE MSE D 215 25.82 -4.36 17.89
CE MSE D 215 26.54 -2.59 17.53
H MSE D 215 24.51 -5.17 22.44
HA MSE D 215 26.65 -3.55 22.69
HB2 MSE D 215 26.67 -2.93 20.48
HB3 MSE D 215 26.91 -4.49 20.57
HG2 MSE D 215 24.62 -4.77 20.00
HG3 MSE D 215 24.58 -3.21 19.67
HE1 MSE D 215 26.93 -2.57 16.66
HE2 MSE D 215 25.83 -1.94 17.60
HE3 MSE D 215 27.22 -2.39 18.19
N ASN D 216 25.36 -1.50 22.89
CA ASN D 216 24.56 -0.36 23.28
C ASN D 216 25.50 0.77 23.68
N PRO D 217 25.01 2.00 23.74
CA PRO D 217 25.82 3.07 24.30
C PRO D 217 25.93 2.93 25.81
N PRO D 218 26.92 3.59 26.41
CA PRO D 218 27.07 3.60 27.87
C PRO D 218 25.77 3.87 28.63
N MSE D 219 24.92 4.73 28.11
CA MSE D 219 23.68 5.09 28.78
C MSE D 219 22.89 3.82 29.14
O MSE D 219 22.48 3.63 30.29
CB MSE D 219 22.85 5.99 27.87
CG MSE D 219 21.83 6.88 28.58
SE MSE D 219 20.24 6.00 29.29
CE MSE D 219 19.35 5.50 27.69
H MSE D 219 25.04 5.14 27.36
HA MSE D 219 23.89 5.58 29.59
HB2 MSE D 219 23.44 6.58 27.38
HB3 MSE D 219 22.34 5.44 27.24
HG2 MSE D 219 22.28 7.31 29.33
HG3 MSE D 219 21.52 7.56 27.96
HE1 MSE D 219 18.53 5.04 27.92
HE2 MSE D 219 19.16 6.28 27.18
HE3 MSE D 219 19.93 4.91 27.19
N TYR D 220 22.65 2.95 28.16
CA TYR D 220 21.91 1.71 28.39
C TYR D 220 22.66 0.70 29.21
N ILE D 221 23.99 0.65 29.06
CA ILE D 221 24.77 -0.27 29.84
C ILE D 221 24.62 0.06 31.36
N ILE D 222 24.60 1.35 31.68
CA ILE D 222 24.31 1.81 33.04
C ILE D 222 22.85 1.56 33.44
N MSE D 223 21.91 1.94 32.57
CA MSE D 223 20.50 1.94 32.91
C MSE D 223 20.00 0.55 33.22
O MSE D 223 19.17 0.36 34.11
CB MSE D 223 19.68 2.51 31.76
CG MSE D 223 18.22 2.77 32.11
SE MSE D 223 17.28 3.58 30.65
CE MSE D 223 16.69 1.92 29.79
H MSE D 223 22.09 2.21 31.77
HA MSE D 223 20.35 2.51 33.69
HB2 MSE D 223 20.07 3.35 31.48
HB3 MSE D 223 19.70 1.88 31.02
HG2 MSE D 223 17.79 1.94 32.33
HG3 MSE D 223 18.18 3.39 32.86
HE1 MSE D 223 16.18 2.13 29.00
HE2 MSE D 223 17.46 1.41 29.55
HE3 MSE D 223 16.15 1.43 30.40
N GLY D 224 20.50 -0.45 32.48
CA GLY D 224 20.09 -1.81 32.73
C GLY D 224 20.99 -2.54 33.71
N SER D 225 21.90 -1.82 34.35
CA SER D 225 22.86 -2.41 35.28
C SER D 225 23.66 -3.54 34.65
N LEU D 226 23.95 -3.42 33.36
CA LEU D 226 24.64 -4.49 32.67
C LEU D 226 26.07 -4.66 33.14
N TYR D 227 26.64 -3.64 33.77
CA TYR D 227 27.96 -3.76 34.37
C TYR D 227 28.02 -4.81 35.47
N GLU D 228 26.87 -5.19 36.02
CA GLU D 228 26.86 -6.22 37.05
C GLU D 228 27.05 -7.62 36.43
N VAL D 229 26.85 -7.72 35.12
CA VAL D 229 26.79 -9.03 34.46
C VAL D 229 27.65 -9.05 33.20
N GLN D 230 28.48 -8.02 33.04
CA GLN D 230 29.43 -7.88 31.92
C GLN D 230 30.72 -7.29 32.49
N LYS D 231 31.86 -7.78 32.01
CA LYS D 231 33.15 -7.36 32.54
C LYS D 231 33.94 -6.49 31.56
N TYR D 232 33.67 -6.64 30.27
CA TYR D 232 34.53 -6.09 29.23
C TYR D 232 33.76 -5.13 28.36
N LEU D 233 34.31 -3.93 28.20
CA LEU D 233 33.71 -2.86 27.41
C LEU D 233 34.68 -2.40 26.34
N THR D 234 34.23 -2.39 25.08
CA THR D 234 35.02 -1.85 23.97
C THR D 234 34.31 -0.64 23.37
N LEU D 235 35.01 0.50 23.35
CA LEU D 235 34.49 1.76 22.84
C LEU D 235 34.59 1.82 21.32
N ALA D 236 33.86 0.93 20.65
CA ALA D 236 33.91 0.83 19.20
C ALA D 236 33.26 2.01 18.53
N ASN D 237 32.31 2.65 19.22
CA ASN D 237 31.56 3.78 18.67
C ASN D 237 31.13 3.49 17.24
N VAL D 238 30.42 2.38 17.09
CA VAL D 238 30.25 1.77 15.77
C VAL D 238 28.98 2.22 15.04
N GLN D 239 27.99 2.65 15.81
CA GLN D 239 26.71 3.10 15.26
C GLN D 239 26.15 4.22 16.12
N TYR D 240 25.33 5.06 15.51
CA TYR D 240 24.68 6.16 16.20
C TYR D 240 23.52 5.62 17.03
N SER D 241 23.46 6.00 18.31
CA SER D 241 22.36 5.56 19.16
C SER D 241 21.14 6.48 19.01
N ASP D 242 20.03 5.87 18.64
CA ASP D 242 18.77 6.60 18.53
C ASP D 242 17.57 5.73 18.85
N GLN D 243 16.48 6.41 19.20
CA GLN D 243 15.14 5.83 19.15
C GLN D 243 14.25 6.82 18.40
N PHE D 244 13.01 6.42 18.13
CA PHE D 244 12.17 7.10 17.16
C PHE D 244 10.84 7.48 17.80
N LEU D 245 10.53 8.77 17.80
CA LEU D 245 9.24 9.25 18.30
C LEU D 245 8.19 9.09 17.19
N ILE D 246 7.21 8.23 17.44
CA ILE D 246 6.13 7.94 16.50
C ILE D 246 4.81 8.43 17.07
N ALA D 247 4.01 9.04 16.20
CA ALA D 247 2.65 9.50 16.57
C ALA D 247 1.63 8.79 15.72
N ASN D 248 0.51 8.45 16.33
CA ASN D 248 -0.63 7.95 15.59
C ASN D 248 -1.01 8.92 14.48
N GLY D 249 -1.21 8.42 13.27
CA GLY D 249 -1.44 9.27 12.13
C GLY D 249 -2.78 9.98 12.10
N GLU D 250 -3.86 9.26 12.40
CA GLU D 250 -5.18 9.86 12.40
C GLU D 250 -5.20 11.05 13.32
N TRP D 251 -4.62 10.89 14.50
CA TRP D 251 -4.51 12.04 15.41
C TRP D 251 -3.64 13.18 14.85
N TYR D 252 -2.43 12.88 14.43
CA TYR D 252 -1.47 13.94 14.09
C TYR D 252 -1.84 14.73 12.84
N ASP D 253 -2.23 14.03 11.79
CA ASP D 253 -2.38 14.66 10.50
C ASP D 253 -3.73 15.39 10.39
N ASP D 254 -4.53 15.38 11.47
CA ASP D 254 -5.70 16.25 11.56
C ASP D 254 -5.48 17.48 12.44
N LEU D 255 -4.27 17.68 12.92
CA LEU D 255 -4.02 18.87 13.77
C LEU D 255 -4.14 20.16 12.95
N SER D 256 -4.56 21.25 13.59
CA SER D 256 -4.53 22.57 13.01
C SER D 256 -3.11 23.00 12.75
N GLU D 257 -2.93 24.01 11.89
CA GLU D 257 -1.61 24.56 11.66
C GLU D 257 -0.98 24.93 13.01
N GLU D 258 -1.78 25.54 13.89
CA GLU D 258 -1.30 26.00 15.19
C GLU D 258 -0.78 24.85 16.06
N ASN D 259 -1.59 23.82 16.27
CA ASN D 259 -1.12 22.69 17.07
C ASN D 259 -0.02 21.90 16.39
N ARG D 260 -0.03 21.80 15.06
CA ARG D 260 1.02 21.10 14.30
C ARG D 260 2.36 21.78 14.53
N GLN D 261 2.38 23.09 14.37
CA GLN D 261 3.61 23.82 14.54
C GLN D 261 4.07 23.72 16.00
N ALA D 262 3.12 23.69 16.93
CA ALA D 262 3.44 23.57 18.35
C ALA D 262 4.11 22.25 18.66
N ILE D 263 3.54 21.15 18.18
CA ILE D 263 4.12 19.83 18.41
C ILE D 263 5.48 19.77 17.75
N GLU D 264 5.59 20.27 16.52
CA GLU D 264 6.88 20.21 15.83
C GLU D 264 7.94 20.97 16.60
N ALA D 265 7.58 22.13 17.13
CA ALA D 265 8.53 22.95 17.86
C ALA D 265 8.94 22.28 19.15
N ALA D 266 7.98 21.62 19.82
CA ALA D 266 8.28 20.92 21.06
C ALA D 266 9.22 19.75 20.80
N VAL D 267 8.95 18.99 19.74
CA VAL D 267 9.83 17.88 19.37
C VAL D 267 11.25 18.35 19.08
N GLN D 268 11.39 19.41 18.26
CA GLN D 268 12.72 19.92 17.92
C GLN D 268 13.48 20.39 19.17
N GLU D 269 12.78 21.12 20.02
CA GLU D 269 13.42 21.66 21.22
C GLU D 269 13.84 20.52 22.15
N ALA D 270 12.94 19.58 22.37
CA ALA D 270 13.26 18.45 23.25
C ALA D 270 14.37 17.58 22.65
N SER D 271 14.34 17.38 21.34
CA SER D 271 15.41 16.63 20.66
C SER D 271 16.76 17.31 20.90
N GLU D 272 16.82 18.62 20.73
CA GLU D 272 18.10 19.33 20.91
C GLU D 272 18.56 19.29 22.36
N LEU D 273 17.62 19.41 23.31
CA LEU D 273 18.00 19.28 24.71
C LEU D 273 18.64 17.91 24.98
N ASN D 274 18.12 16.87 24.35
CA ASN D 274 18.71 15.53 24.54
C ASN D 274 20.09 15.43 23.90
N ARG D 275 20.25 15.97 22.70
CA ARG D 275 21.55 15.91 22.03
C ARG D 275 22.61 16.57 22.91
N GLU D 276 22.29 17.75 23.43
CA GLU D 276 23.24 18.46 24.27
C GLU D 276 23.60 17.67 25.52
N ASP D 277 22.60 17.14 26.20
CA ASP D 277 22.87 16.47 27.47
C ASP D 277 23.60 15.16 27.26
N VAL D 278 23.16 14.38 26.28
CA VAL D 278 23.79 13.08 26.03
C VAL D 278 25.26 13.27 25.66
N GLU D 279 25.54 14.22 24.78
CA GLU D 279 26.89 14.36 24.26
C GLU D 279 27.84 14.81 25.35
N LYS D 280 27.37 15.68 26.24
CA LYS D 280 28.24 16.14 27.32
C LYS D 280 28.54 15.04 28.36
N ARG D 281 27.68 14.04 28.45
CA ARG D 281 27.79 13.06 29.52
C ARG D 281 28.45 11.76 29.11
N VAL D 282 28.75 11.56 27.85
CA VAL D 282 29.30 10.27 27.44
C VAL D 282 30.57 9.88 28.24
N ASP D 283 31.53 10.81 28.35
CA ASP D 283 32.80 10.50 29.01
C ASP D 283 32.61 10.15 30.49
N GLU D 284 31.73 10.88 31.17
CA GLU D 284 31.45 10.62 32.57
C GLU D 284 30.78 9.26 32.75
N ARG D 285 29.92 8.90 31.81
CA ARG D 285 29.24 7.62 31.84
C ARG D 285 30.22 6.45 31.65
N ILE D 286 31.17 6.62 30.73
CA ILE D 286 32.22 5.63 30.55
C ILE D 286 33.05 5.50 31.83
N GLN D 287 33.38 6.62 32.46
CA GLN D 287 34.17 6.56 33.70
C GLN D 287 33.40 5.83 34.80
N PHE D 288 32.09 6.07 34.87
CA PHE D 288 31.26 5.38 35.85
C PHE D 288 31.35 3.86 35.65
N LEU D 289 31.32 3.42 34.39
CA LEU D 289 31.43 2.01 34.09
C LEU D 289 32.78 1.45 34.49
N ALA D 290 33.86 2.18 34.20
CA ALA D 290 35.17 1.77 34.67
C ALA D 290 35.20 1.70 36.21
N ASP D 291 34.56 2.66 36.87
CA ASP D 291 34.58 2.70 38.33
C ASP D 291 33.81 1.51 38.93
N GLN D 292 32.86 0.96 38.18
CA GLN D 292 32.11 -0.23 38.63
C GLN D 292 32.85 -1.52 38.36
N GLY D 293 34.03 -1.42 37.73
CA GLY D 293 34.88 -2.58 37.55
C GLY D 293 35.02 -3.05 36.12
N MSE D 294 34.34 -2.39 35.17
CA MSE D 294 34.47 -2.81 33.79
C MSE D 294 35.87 -2.52 33.29
O MSE D 294 36.43 -1.47 33.61
CB MSE D 294 33.46 -2.13 32.88
CG MSE D 294 32.01 -2.42 33.24
SE MSE D 294 30.77 -2.32 31.75
CE MSE D 294 31.33 -3.94 30.76
H MSE D 294 33.82 -1.71 35.31
HA MSE D 294 34.31 -3.78 33.74
HB2 MSE D 294 33.59 -1.17 32.92
HB3 MSE D 294 33.60 -2.43 31.97
HG2 MSE D 294 31.96 -3.32 33.61
HG3 MSE D 294 31.72 -1.78 33.91
HE1 MSE D 294 30.79 -4.03 29.97
HE2 MSE D 294 32.24 -3.86 30.51
HE3 MSE D 294 31.19 -4.71 31.33
N GLU D 295 36.41 -3.43 32.50
CA GLU D 295 37.68 -3.21 31.80
C GLU D 295 37.38 -2.57 30.46
N VAL D 296 37.89 -1.36 30.27
CA VAL D 296 37.60 -0.57 29.08
C VAL D 296 38.74 -0.53 28.10
N ILE D 297 38.44 -0.89 26.86
CA ILE D 297 39.35 -0.76 25.73
C ILE D 297 38.89 0.37 24.85
N GLU D 298 39.79 1.32 24.59
CA GLU D 298 39.51 2.43 23.69
C GLU D 298 40.30 2.22 22.42
N PRO D 299 39.66 1.74 21.37
CA PRO D 299 40.40 1.36 20.16
C PRO D 299 41.09 2.53 19.51
N THR D 300 42.26 2.26 18.94
CA THR D 300 42.97 3.25 18.16
C THR D 300 42.37 3.30 16.77
N GLU D 301 42.81 4.28 16.02
CA GLU D 301 42.42 4.42 14.64
C GLU D 301 42.70 3.13 13.80
N ASP D 302 43.86 2.52 13.99
CA ASP D 302 44.26 1.28 13.30
C ASP D 302 43.35 0.13 13.74
N GLU D 303 42.99 0.08 15.01
CA GLU D 303 42.10 -0.98 15.50
C GLU D 303 40.68 -0.80 14.96
N LEU D 304 40.22 0.43 14.90
CA LEU D 304 38.91 0.71 14.32
C LEU D 304 38.89 0.32 12.85
N ALA D 305 40.02 0.49 12.16
CA ALA D 305 40.10 0.16 10.74
C ALA D 305 39.87 -1.33 10.51
N ALA D 306 40.37 -2.16 11.40
CA ALA D 306 40.14 -3.58 11.31
C ALA D 306 38.66 -3.92 11.52
N PHE D 307 38.00 -3.29 12.50
CA PHE D 307 36.58 -3.54 12.68
C PHE D 307 35.80 -3.08 11.45
N ARG D 308 36.19 -1.95 10.87
CA ARG D 308 35.50 -1.47 9.68
C ARG D 308 35.67 -2.44 8.50
N GLU D 309 36.88 -2.95 8.30
CA GLU D 309 37.13 -3.85 7.17
C GLU D 309 36.32 -5.15 7.28
N LYS D 310 36.15 -5.64 8.50
CA LYS D 310 35.43 -6.90 8.69
C LYS D 310 33.92 -6.69 8.74
N GLY D 311 33.47 -5.53 9.22
CA GLY D 311 32.05 -5.33 9.44
C GLY D 311 31.30 -4.58 8.34
N GLN D 312 31.92 -3.57 7.75
CA GLN D 312 31.22 -2.74 6.80
C GLN D 312 30.83 -3.42 5.48
N PRO D 313 31.78 -4.09 4.80
CA PRO D 313 31.37 -4.67 3.52
C PRO D 313 30.30 -5.75 3.65
N ALA D 314 30.44 -6.60 4.66
CA ALA D 314 29.49 -7.65 4.90
C ALA D 314 28.11 -7.07 5.20
N TYR D 315 28.06 -5.99 5.94
CA TYR D 315 26.78 -5.39 6.31
C TYR D 315 26.09 -4.82 5.08
N ILE D 316 26.84 -4.13 4.24
CA ILE D 316 26.26 -3.55 3.03
C ILE D 316 25.75 -4.64 2.09
N GLU D 317 26.49 -5.73 1.98
CA GLU D 317 26.03 -6.87 1.19
C GLU D 317 24.71 -7.46 1.74
N TRP D 318 24.61 -7.55 3.07
CA TRP D 318 23.41 -8.05 3.72
C TRP D 318 22.21 -7.14 3.41
N LEU D 319 22.42 -5.83 3.41
CA LEU D 319 21.35 -4.90 3.03
C LEU D 319 20.79 -5.16 1.64
N THR D 320 21.68 -5.36 0.67
CA THR D 320 21.28 -5.46 -0.72
C THR D 320 20.80 -6.86 -1.08
N ASP D 321 21.41 -7.87 -0.49
CA ASP D 321 21.08 -9.25 -0.83
C ASP D 321 19.89 -9.68 0.02
N GLU D 322 20.14 -9.99 1.28
CA GLU D 322 19.11 -10.55 2.15
C GLU D 322 17.95 -9.59 2.42
N GLN D 323 18.23 -8.30 2.62
CA GLN D 323 17.18 -7.36 3.02
C GLN D 323 16.48 -6.66 1.84
N GLY D 324 16.95 -6.89 0.62
CA GLY D 324 16.30 -6.41 -0.58
C GLY D 324 16.27 -4.90 -0.71
N ILE D 325 17.16 -4.21 -0.03
CA ILE D 325 17.21 -2.76 -0.09
C ILE D 325 18.05 -2.39 -1.29
N ASP D 326 17.50 -1.60 -2.19
CA ASP D 326 18.22 -1.43 -3.46
C ASP D 326 19.35 -0.39 -3.40
N ARG D 327 20.23 -0.49 -4.40
CA ARG D 327 21.39 0.36 -4.57
C ARG D 327 21.02 1.84 -4.39
N ALA D 328 19.88 2.23 -4.96
CA ALA D 328 19.42 3.62 -4.90
C ALA D 328 19.25 4.14 -3.48
N TRP D 329 18.58 3.36 -2.63
CA TRP D 329 18.38 3.73 -1.22
C TRP D 329 19.75 3.90 -0.53
N ILE D 330 20.63 2.94 -0.77
CA ILE D 330 21.91 2.92 -0.07
C ILE D 330 22.81 4.07 -0.51
N GLU D 331 22.89 4.33 -1.81
CA GLU D 331 23.71 5.43 -2.29
C GLU D 331 23.18 6.79 -1.81
N MSE D 332 21.87 6.94 -1.75
CA MSE D 332 21.26 8.16 -1.20
C MSE D 332 21.72 8.37 0.24
O MSE D 332 22.11 9.47 0.63
CB MSE D 332 19.75 8.07 -1.28
CG MSE D 332 19.03 9.32 -0.81
SE MSE D 332 17.10 9.13 -1.05
CE MSE D 332 17.01 8.98 -3.01
H MSE D 332 21.29 6.35 -2.03
HA MSE D 332 21.55 8.93 -1.74
HB2 MSE D 332 19.49 7.90 -2.20
HB3 MSE D 332 19.46 7.33 -0.71
HG2 MSE D 332 19.20 9.46 0.13
HG3 MSE D 332 19.33 10.07 -1.34
HE1 MSE D 332 16.09 8.88 -3.26
HE2 MSE D 332 17.38 9.78 -3.39
HE3 MSE D 332 17.52 8.22 -3.29
N ALA D 333 21.70 7.32 1.04
CA ALA D 333 22.16 7.43 2.42
C ALA D 333 23.66 7.74 2.51
N LEU D 334 24.47 7.12 1.66
CA LEU D 334 25.92 7.35 1.73
C LEU D 334 26.20 8.81 1.36
N GLU D 335 25.45 9.34 0.40
CA GLU D 335 25.62 10.73 0.00
C GLU D 335 25.22 11.65 1.14
N ASP D 336 24.10 11.37 1.79
CA ASP D 336 23.64 12.17 2.93
C ASP D 336 24.64 12.14 4.09
N ALA D 337 25.39 11.05 4.18
CA ALA D 337 26.40 10.89 5.23
C ALA D 337 27.76 11.41 4.81
N GLY D 338 27.90 11.81 3.55
CA GLY D 338 29.17 12.31 3.04
C GLY D 338 30.21 11.21 2.93
N GLN D 339 29.83 10.09 2.35
CA GLN D 339 30.72 8.94 2.24
C GLN D 339 30.93 8.51 0.79
CL CL E . -28.48 -6.07 -23.34
N DAL F . -20.96 -2.37 -18.99
CA DAL F . -20.82 -1.41 -20.11
CB DAL F . -19.67 -1.90 -21.00
C DAL F . -20.51 -0.02 -19.54
O DAL F . -20.15 0.13 -18.35
N DAL G . -20.66 1.00 -20.39
CA DAL G . -20.35 2.39 -19.98
CB DAL G . -21.63 3.18 -19.75
C DAL G . -19.52 3.07 -21.05
O DAL G . -18.85 4.09 -20.75
OXT DAL G . -19.56 2.60 -22.21
S SO4 H . -6.68 8.98 -33.75
O1 SO4 H . -6.00 8.05 -32.84
O2 SO4 H . -5.74 9.42 -34.79
O3 SO4 H . -7.82 8.33 -34.39
O4 SO4 H . -7.12 10.15 -32.98
CL CL I . 1.64 30.69 -22.61
N DAL J . -0.61 22.67 -18.29
CA DAL J . -1.93 22.69 -18.95
CB DAL J . -3.01 23.16 -17.96
C DAL J . -2.21 21.27 -19.44
O DAL J . -1.58 20.32 -18.97
N DAL K . -3.17 21.19 -20.36
CA DAL K . -3.58 19.87 -20.89
CB DAL K . -3.03 19.70 -22.29
C DAL K . -5.11 19.83 -20.97
O DAL K . -5.62 18.67 -21.05
OXT DAL K . -5.78 20.87 -20.95
CL CL L . 0.65 -32.30 19.85
N DAL M . 2.21 -23.58 16.77
CA DAL M . 3.05 -23.39 17.97
CB DAL M . 2.28 -22.54 18.99
C DAL M . 4.33 -22.66 17.53
O DAL M . 4.40 -22.13 16.42
N DAL N . 5.33 -22.65 18.44
CA DAL N . 6.60 -21.93 18.20
CB DAL N . 7.75 -22.87 17.90
C DAL N . 7.01 -21.10 19.45
O DAL N . 7.76 -20.11 19.24
OXT DAL N . 6.53 -21.41 20.55
CL CL O . 26.02 7.30 26.42
N DAL P . 19.56 3.23 20.90
CA DAL P . 19.88 1.92 21.51
CB DAL P . 20.81 1.12 20.59
C DAL P . 18.56 1.18 21.75
O DAL P . 17.50 1.55 21.23
N DAL Q . 18.67 0.17 22.60
CA DAL Q . 17.50 -0.68 22.95
CB DAL Q . 17.00 -0.36 24.35
C DAL Q . 17.89 -2.16 22.93
O DAL Q . 19.10 -2.46 23.02
OXT DAL Q . 16.96 -3.00 22.82
#